data_7N56
#
_entry.id   7N56
#
_cell.length_a   100.370
_cell.length_b   97.390
_cell.length_c   100.540
_cell.angle_alpha   90.000
_cell.angle_beta   118.597
_cell.angle_gamma   90.000
#
_symmetry.space_group_name_H-M   'P 1 21 1'
#
loop_
_entity.id
_entity.type
_entity.pdbx_description
1 polymer "Deoxyuridine 5'-triphosphate nucleotidohydrolase"
2 non-polymer 'SULFATE ION'
3 water water
#
_entity_poly.entity_id   1
_entity_poly.type   'polypeptide(L)'
_entity_poly.pdbx_seq_one_letter_code
;GPGSMTIIEVKIKKLENFLGNLPEYATEHSAGMDLVAANEQSITIKVGSIQLIPTGIAIALPESFEAQIRPRSGLAVKHG
ITVANSPGTIDADYRGEIKVLLINLGNKDFIIEKGMRIAQMIIAKYERVLWAETSILTETMRGRGGFGSTGL
;
_entity_poly.pdbx_strand_id   A,B,C,D,E,F,G,H,I,J,K,L
#
loop_
_chem_comp.id
_chem_comp.type
_chem_comp.name
_chem_comp.formula
SO4 non-polymer 'SULFATE ION' 'O4 S -2'
#
# COMPACT_ATOMS: atom_id res chain seq x y z
N THR A 6 9.85 37.50 -16.21
CA THR A 6 8.97 36.63 -17.00
C THR A 6 7.70 37.37 -17.43
N ILE A 7 7.46 37.35 -18.74
CA ILE A 7 6.37 38.10 -19.37
C ILE A 7 5.39 37.09 -19.96
N ILE A 8 4.11 37.42 -19.91
CA ILE A 8 3.06 36.56 -20.45
C ILE A 8 2.35 37.31 -21.56
N GLU A 9 2.24 36.67 -22.72
CA GLU A 9 1.57 37.29 -23.86
C GLU A 9 0.07 37.05 -23.74
N VAL A 10 -0.72 38.12 -23.89
CA VAL A 10 -2.17 38.08 -23.74
C VAL A 10 -2.79 38.74 -24.96
N LYS A 11 -3.71 38.03 -25.61
CA LYS A 11 -4.40 38.57 -26.77
C LYS A 11 -5.43 39.61 -26.33
N ILE A 12 -5.51 40.71 -27.07
CA ILE A 12 -6.41 41.80 -26.71
C ILE A 12 -7.04 42.31 -28.00
N LYS A 13 -8.33 42.67 -27.92
CA LYS A 13 -9.08 43.17 -29.06
C LYS A 13 -9.64 44.55 -28.74
N LYS A 14 -9.41 45.50 -29.64
CA LYS A 14 -10.05 46.80 -29.53
C LYS A 14 -11.46 46.68 -30.07
N LEU A 15 -12.43 47.08 -29.26
CA LEU A 15 -13.79 47.17 -29.77
C LEU A 15 -13.96 48.54 -30.40
N GLU A 16 -15.14 48.76 -31.03
CA GLU A 16 -15.35 49.96 -31.82
C GLU A 16 -15.14 51.25 -31.03
N ASN A 17 -15.44 51.24 -29.73
CA ASN A 17 -15.38 52.43 -28.89
C ASN A 17 -14.00 52.72 -28.28
N PHE A 18 -12.96 51.96 -28.61
CA PHE A 18 -11.67 52.18 -27.96
C PHE A 18 -10.93 53.35 -28.60
N LEU A 19 -10.17 54.06 -27.77
CA LEU A 19 -9.34 55.18 -28.19
C LEU A 19 -7.98 55.12 -27.52
N GLY A 20 -6.97 55.68 -28.19
CA GLY A 20 -5.64 55.84 -27.61
C GLY A 20 -4.85 54.53 -27.65
N ASN A 21 -3.87 54.43 -26.76
CA ASN A 21 -3.09 53.20 -26.76
C ASN A 21 -3.77 52.19 -25.84
N LEU A 22 -3.47 50.91 -26.08
CA LEU A 22 -3.90 49.81 -25.21
C LEU A 22 -3.42 50.03 -23.78
N PRO A 23 -4.06 49.39 -22.80
CA PRO A 23 -3.66 49.59 -21.40
C PRO A 23 -2.15 49.44 -21.23
N GLU A 24 -1.54 50.40 -20.54
CA GLU A 24 -0.09 50.45 -20.40
C GLU A 24 0.32 50.38 -18.94
N TYR A 25 1.47 49.76 -18.69
CA TYR A 25 2.14 49.89 -17.40
C TYR A 25 2.85 51.24 -17.36
N ALA A 26 2.68 51.96 -16.25
CA ALA A 26 3.33 53.26 -16.13
C ALA A 26 4.85 53.14 -16.22
N THR A 27 5.44 52.16 -15.53
CA THR A 27 6.89 51.93 -15.57
C THR A 27 7.18 50.44 -15.63
N GLU A 28 8.47 50.12 -15.73
CA GLU A 28 8.90 48.73 -15.73
C GLU A 28 8.68 48.05 -14.39
N HIS A 29 8.37 48.80 -13.34
CA HIS A 29 8.17 48.20 -12.03
C HIS A 29 6.72 48.15 -11.63
N SER A 30 5.80 48.60 -12.50
CA SER A 30 4.39 48.68 -12.13
C SER A 30 3.77 47.30 -12.05
N ALA A 31 2.88 47.12 -11.07
CA ALA A 31 2.15 45.87 -10.95
C ALA A 31 0.95 45.82 -11.89
N GLY A 32 0.37 46.97 -12.20
CA GLY A 32 -0.90 47.02 -12.90
C GLY A 32 -0.88 48.00 -14.07
N MET A 33 -1.81 47.78 -14.99
CA MET A 33 -2.07 48.72 -16.07
C MET A 33 -3.29 49.59 -15.75
N ASP A 34 -3.24 50.85 -16.15
CA ASP A 34 -4.36 51.76 -15.97
C ASP A 34 -5.45 51.48 -17.01
N LEU A 35 -6.68 51.27 -16.53
CA LEU A 35 -7.82 51.18 -17.44
C LEU A 35 -8.40 52.58 -17.62
N VAL A 36 -8.80 52.90 -18.84
CA VAL A 36 -9.21 54.24 -19.22
C VAL A 36 -10.68 54.21 -19.61
N ALA A 37 -11.44 55.22 -19.17
CA ALA A 37 -12.86 55.29 -19.53
C ALA A 37 -13.02 55.48 -21.02
N ALA A 38 -13.95 54.71 -21.61
CA ALA A 38 -14.24 54.82 -23.04
C ALA A 38 -15.72 55.12 -23.29
N ASN A 39 -16.39 55.78 -22.34
CA ASN A 39 -17.77 56.20 -22.58
C ASN A 39 -17.84 57.34 -23.59
N GLU A 40 -18.71 57.17 -24.58
CA GLU A 40 -18.84 58.20 -25.61
C GLU A 40 -19.37 59.51 -25.03
N GLN A 41 -20.32 59.44 -24.10
CA GLN A 41 -20.85 60.64 -23.47
C GLN A 41 -20.46 60.67 -22.00
N SER A 42 -20.25 61.87 -21.47
CA SER A 42 -19.94 62.04 -20.05
C SER A 42 -21.00 61.37 -19.19
N ILE A 43 -20.53 60.65 -18.17
CA ILE A 43 -21.38 59.93 -17.23
C ILE A 43 -21.24 60.58 -15.86
N THR A 44 -22.35 60.99 -15.29
CA THR A 44 -22.37 61.52 -13.94
C THR A 44 -22.69 60.39 -12.96
N ILE A 45 -21.83 60.23 -11.96
CA ILE A 45 -22.10 59.30 -10.86
C ILE A 45 -22.46 60.16 -9.65
N LYS A 46 -23.76 60.25 -9.36
CA LYS A 46 -24.19 60.99 -8.19
C LYS A 46 -23.82 60.24 -6.92
N VAL A 47 -23.84 60.96 -5.80
CA VAL A 47 -23.54 60.36 -4.51
C VAL A 47 -24.41 59.11 -4.30
N GLY A 48 -23.74 58.00 -3.99
CA GLY A 48 -24.41 56.74 -3.75
C GLY A 48 -24.72 55.93 -4.98
N SER A 49 -24.53 56.47 -6.18
CA SER A 49 -24.89 55.75 -7.39
C SER A 49 -23.79 54.80 -7.84
N ILE A 50 -24.21 53.80 -8.62
CA ILE A 50 -23.33 52.80 -9.19
C ILE A 50 -23.46 52.91 -10.70
N GLN A 51 -22.33 52.98 -11.40
CA GLN A 51 -22.34 53.13 -12.86
C GLN A 51 -21.30 52.23 -13.51
N LEU A 52 -21.71 51.58 -14.60
CA LEU A 52 -20.82 50.72 -15.38
CA LEU A 52 -20.81 50.72 -15.37
C LEU A 52 -20.12 51.56 -16.44
N ILE A 53 -18.79 51.55 -16.43
CA ILE A 53 -18.02 52.35 -17.37
C ILE A 53 -17.33 51.40 -18.37
N PRO A 54 -17.59 51.52 -19.67
CA PRO A 54 -16.90 50.65 -20.63
C PRO A 54 -15.47 51.08 -20.88
N THR A 55 -14.61 50.10 -21.22
CA THR A 55 -13.22 50.38 -21.56
C THR A 55 -12.91 50.16 -23.04
N GLY A 56 -13.79 49.53 -23.80
CA GLY A 56 -13.52 49.32 -25.20
C GLY A 56 -12.51 48.25 -25.53
N ILE A 57 -12.17 47.36 -24.59
CA ILE A 57 -11.25 46.27 -24.86
C ILE A 57 -11.86 44.96 -24.38
N ALA A 58 -11.44 43.88 -25.03
CA ALA A 58 -11.72 42.52 -24.59
C ALA A 58 -10.41 41.75 -24.67
N ILE A 59 -10.18 40.83 -23.72
CA ILE A 59 -8.93 40.10 -23.65
C ILE A 59 -9.20 38.60 -23.55
N ALA A 60 -8.18 37.80 -23.90
CA ALA A 60 -8.25 36.34 -23.82
C ALA A 60 -7.06 35.86 -22.99
N LEU A 61 -7.27 35.68 -21.70
CA LEU A 61 -6.17 35.29 -20.82
C LEU A 61 -5.81 33.83 -21.03
N PRO A 62 -4.53 33.46 -20.91
CA PRO A 62 -4.17 32.05 -20.91
C PRO A 62 -4.61 31.41 -19.60
N GLU A 63 -4.72 30.09 -19.62
CA GLU A 63 -5.09 29.36 -18.42
C GLU A 63 -4.13 29.66 -17.29
N SER A 64 -4.65 29.63 -16.06
CA SER A 64 -3.96 29.87 -14.79
CA SER A 64 -3.96 29.86 -14.79
C SER A 64 -3.64 31.33 -14.54
N PHE A 65 -4.01 32.22 -15.46
CA PHE A 65 -3.82 33.65 -15.27
C PHE A 65 -5.17 34.36 -15.16
N GLU A 66 -5.23 35.33 -14.27
CA GLU A 66 -6.41 36.16 -14.08
C GLU A 66 -5.99 37.62 -14.13
N ALA A 67 -6.93 38.48 -14.53
CA ALA A 67 -6.77 39.92 -14.43
C ALA A 67 -7.67 40.43 -13.33
N GLN A 68 -7.09 41.17 -12.40
CA GLN A 68 -7.84 41.76 -11.30
C GLN A 68 -8.10 43.22 -11.59
N ILE A 69 -9.35 43.63 -11.51
CA ILE A 69 -9.75 45.02 -11.69
C ILE A 69 -9.85 45.62 -10.30
N ARG A 70 -8.94 46.56 -9.99
CA ARG A 70 -8.80 47.13 -8.67
C ARG A 70 -8.97 48.65 -8.71
N PRO A 71 -9.30 49.28 -7.58
CA PRO A 71 -9.48 50.73 -7.58
C PRO A 71 -8.17 51.47 -7.80
N ARG A 72 -8.28 52.57 -8.53
CA ARG A 72 -7.24 53.59 -8.57
CA ARG A 72 -7.22 53.56 -8.55
C ARG A 72 -7.29 54.39 -7.27
N SER A 73 -6.15 54.55 -6.61
CA SER A 73 -6.12 55.18 -5.30
C SER A 73 -6.62 56.63 -5.36
N GLY A 74 -6.16 57.40 -6.34
CA GLY A 74 -6.49 58.80 -6.39
C GLY A 74 -7.99 59.08 -6.42
N LEU A 75 -8.73 58.33 -7.24
CA LEU A 75 -10.18 58.59 -7.34
C LEU A 75 -10.89 58.35 -6.01
N ALA A 76 -10.43 57.35 -5.25
CA ALA A 76 -11.06 57.03 -3.97
C ALA A 76 -10.70 58.07 -2.91
N VAL A 77 -9.42 58.42 -2.83
CA VAL A 77 -8.96 59.38 -1.81
C VAL A 77 -9.64 60.74 -2.02
N LYS A 78 -9.72 61.19 -3.27
CA LYS A 78 -10.17 62.53 -3.59
C LYS A 78 -11.68 62.63 -3.78
N HIS A 79 -12.32 61.57 -4.24
CA HIS A 79 -13.73 61.65 -4.60
C HIS A 79 -14.59 60.53 -4.02
N GLY A 80 -14.00 59.60 -3.27
CA GLY A 80 -14.83 58.50 -2.80
C GLY A 80 -15.34 57.59 -3.89
N ILE A 81 -14.78 57.72 -5.08
CA ILE A 81 -15.11 56.88 -6.22
C ILE A 81 -14.26 55.62 -6.13
N THR A 82 -14.89 54.46 -6.18
CA THR A 82 -14.14 53.22 -6.11
C THR A 82 -14.86 52.18 -6.95
N VAL A 83 -14.28 50.98 -7.01
CA VAL A 83 -14.82 49.87 -7.79
C VAL A 83 -15.75 49.07 -6.89
N ALA A 84 -17.03 48.97 -7.30
CA ALA A 84 -18.05 48.46 -6.40
C ALA A 84 -17.98 46.95 -6.21
N ASN A 85 -17.42 46.24 -7.18
CA ASN A 85 -17.26 44.80 -7.12
C ASN A 85 -15.80 44.40 -7.00
N SER A 86 -15.01 45.22 -6.28
CA SER A 86 -13.56 45.05 -6.24
C SER A 86 -13.20 43.87 -5.33
N PRO A 87 -12.19 43.06 -5.71
CA PRO A 87 -11.54 43.16 -7.01
C PRO A 87 -12.33 42.38 -8.06
N GLY A 88 -12.52 42.97 -9.24
CA GLY A 88 -13.16 42.23 -10.32
C GLY A 88 -12.22 41.15 -10.84
N THR A 89 -12.79 40.01 -11.20
CA THR A 89 -12.04 38.84 -11.65
C THR A 89 -12.30 38.59 -13.14
N ILE A 90 -11.28 38.79 -13.98
CA ILE A 90 -11.35 38.40 -15.38
C ILE A 90 -10.50 37.14 -15.54
N ASP A 91 -11.08 36.10 -16.13
CA ASP A 91 -10.31 34.89 -16.39
C ASP A 91 -10.47 34.50 -17.84
N ALA A 92 -9.96 33.31 -18.20
CA ALA A 92 -9.93 32.86 -19.59
C ALA A 92 -11.32 32.69 -20.19
N ASP A 93 -12.35 32.51 -19.36
CA ASP A 93 -13.70 32.41 -19.89
C ASP A 93 -14.29 33.77 -20.27
N TYR A 94 -13.83 34.87 -19.67
CA TYR A 94 -14.44 36.18 -19.93
C TYR A 94 -13.79 36.80 -21.16
N ARG A 95 -14.49 36.74 -22.29
CA ARG A 95 -13.98 37.34 -23.52
C ARG A 95 -14.81 38.53 -23.98
N GLY A 96 -15.73 39.02 -23.15
CA GLY A 96 -16.50 40.20 -23.47
C GLY A 96 -15.77 41.49 -23.10
N GLU A 97 -16.44 42.61 -23.35
CA GLU A 97 -15.85 43.91 -23.06
C GLU A 97 -15.59 44.05 -21.57
N ILE A 98 -14.41 44.54 -21.22
CA ILE A 98 -14.12 44.86 -19.84
C ILE A 98 -14.84 46.17 -19.48
N LYS A 99 -15.64 46.12 -18.43
CA LYS A 99 -16.38 47.28 -17.95
C LYS A 99 -16.09 47.41 -16.46
N VAL A 100 -15.91 48.65 -16.02
CA VAL A 100 -15.53 48.93 -14.64
C VAL A 100 -16.77 49.40 -13.90
N LEU A 101 -17.13 48.71 -12.81
CA LEU A 101 -18.30 49.06 -12.03
C LEU A 101 -17.87 50.04 -10.93
N LEU A 102 -18.21 51.31 -11.10
CA LEU A 102 -17.83 52.34 -10.15
C LEU A 102 -19.02 52.71 -9.27
N ILE A 103 -18.73 53.02 -8.01
CA ILE A 103 -19.70 53.56 -7.06
C ILE A 103 -19.11 54.83 -6.48
N ASN A 104 -19.96 55.83 -6.26
CA ASN A 104 -19.58 57.08 -5.63
C ASN A 104 -19.98 56.99 -4.16
N LEU A 105 -19.00 56.74 -3.30
CA LEU A 105 -19.20 56.78 -1.86
C LEU A 105 -18.67 58.08 -1.25
N GLY A 106 -18.39 59.08 -2.08
CA GLY A 106 -17.96 60.38 -1.59
C GLY A 106 -19.16 61.22 -1.25
N ASN A 107 -18.94 62.54 -1.18
CA ASN A 107 -20.00 63.46 -0.82
C ASN A 107 -20.34 64.45 -1.92
N LYS A 108 -19.75 64.34 -3.10
CA LYS A 108 -20.09 65.20 -4.23
C LYS A 108 -20.26 64.35 -5.49
N ASP A 109 -21.21 64.74 -6.34
CA ASP A 109 -21.35 64.14 -7.65
C ASP A 109 -20.03 64.24 -8.43
N PHE A 110 -19.75 63.22 -9.25
CA PHE A 110 -18.50 63.17 -10.00
C PHE A 110 -18.78 62.73 -11.43
N ILE A 111 -18.13 63.38 -12.39
CA ILE A 111 -18.33 63.09 -13.81
C ILE A 111 -17.20 62.21 -14.34
N ILE A 112 -17.56 61.09 -14.97
CA ILE A 112 -16.60 60.27 -15.69
C ILE A 112 -16.51 60.72 -17.13
N GLU A 113 -15.33 61.19 -17.55
CA GLU A 113 -15.09 61.59 -18.93
C GLU A 113 -14.21 60.54 -19.61
N LYS A 114 -14.45 60.29 -20.89
CA LYS A 114 -13.56 59.40 -21.64
C LYS A 114 -12.13 59.94 -21.61
N GLY A 115 -11.18 59.01 -21.44
CA GLY A 115 -9.79 59.34 -21.28
C GLY A 115 -9.33 59.33 -19.84
N MET A 116 -10.26 59.43 -18.89
CA MET A 116 -9.92 59.39 -17.48
CA MET A 116 -9.94 59.38 -17.48
C MET A 116 -9.51 57.97 -17.07
N ARG A 117 -8.54 57.89 -16.16
CA ARG A 117 -8.07 56.61 -15.62
C ARG A 117 -9.03 56.21 -14.51
N ILE A 118 -9.64 55.03 -14.61
CA ILE A 118 -10.75 54.66 -13.74
C ILE A 118 -10.51 53.40 -12.94
N ALA A 119 -9.47 52.63 -13.22
CA ALA A 119 -9.21 51.38 -12.50
C ALA A 119 -7.82 50.89 -12.90
N GLN A 120 -7.31 49.93 -12.12
CA GLN A 120 -6.03 49.27 -12.41
C GLN A 120 -6.28 47.80 -12.70
N MET A 121 -5.52 47.25 -13.63
CA MET A 121 -5.62 45.84 -13.98
C MET A 121 -4.29 45.17 -13.67
N ILE A 122 -4.30 44.22 -12.73
CA ILE A 122 -3.11 43.49 -12.30
C ILE A 122 -3.31 42.05 -12.71
N ILE A 123 -2.36 41.47 -13.45
CA ILE A 123 -2.46 40.10 -13.90
C ILE A 123 -1.64 39.26 -12.93
N ALA A 124 -2.22 38.16 -12.46
CA ALA A 124 -1.54 37.29 -11.52
C ALA A 124 -1.95 35.85 -11.79
N LYS A 125 -1.19 34.94 -11.22
CA LYS A 125 -1.55 33.54 -11.30
C LYS A 125 -2.53 33.20 -10.18
N TYR A 126 -3.38 32.24 -10.46
CA TYR A 126 -4.22 31.62 -9.46
C TYR A 126 -3.95 30.13 -9.48
N GLU A 127 -4.31 29.46 -8.39
CA GLU A 127 -4.18 28.01 -8.30
C GLU A 127 -5.55 27.35 -8.40
N ARG A 128 -5.58 26.17 -9.02
CA ARG A 128 -6.81 25.39 -9.11
C ARG A 128 -6.91 24.41 -7.95
N VAL A 129 -8.01 24.48 -7.20
CA VAL A 129 -8.22 23.65 -6.03
C VAL A 129 -8.80 22.31 -6.44
N LEU A 130 -8.28 21.26 -5.84
CA LEU A 130 -8.91 19.95 -5.77
C LEU A 130 -9.33 19.72 -4.33
N TRP A 131 -10.63 19.56 -4.10
CA TRP A 131 -11.10 19.37 -2.73
C TRP A 131 -10.74 17.98 -2.23
N ALA A 132 -10.35 17.89 -0.96
CA ALA A 132 -10.25 16.61 -0.28
C ALA A 132 -11.22 16.70 0.88
N GLU A 133 -12.36 16.05 0.74
CA GLU A 133 -13.42 16.17 1.74
C GLU A 133 -13.06 15.34 2.95
N THR A 134 -13.28 15.90 4.13
CA THR A 134 -12.95 15.20 5.35
C THR A 134 -13.89 15.65 6.46
N SER A 135 -14.00 14.80 7.47
CA SER A 135 -14.69 15.11 8.71
C SER A 135 -13.76 15.70 9.77
N ILE A 136 -12.45 15.68 9.53
CA ILE A 136 -11.45 16.07 10.51
C ILE A 136 -10.46 17.01 9.81
N LEU A 137 -10.47 18.28 10.18
CA LEU A 137 -9.58 19.24 9.53
C LEU A 137 -8.17 19.23 10.14
N THR B 6 -17.97 15.92 -21.73
CA THR B 6 -17.86 16.01 -20.27
C THR B 6 -16.47 15.60 -19.76
N ILE B 7 -15.81 16.52 -19.05
CA ILE B 7 -14.43 16.36 -18.62
C ILE B 7 -14.40 16.24 -17.11
N ILE B 8 -13.58 15.31 -16.61
CA ILE B 8 -13.40 15.11 -15.19
C ILE B 8 -11.92 15.25 -14.85
N GLU B 9 -11.61 16.05 -13.83
CA GLU B 9 -10.25 16.22 -13.36
C GLU B 9 -9.93 15.03 -12.45
N VAL B 10 -8.79 14.38 -12.66
CA VAL B 10 -8.40 13.22 -11.87
C VAL B 10 -6.95 13.42 -11.43
N LYS B 11 -6.72 13.38 -10.11
CA LYS B 11 -5.35 13.54 -9.62
C LYS B 11 -4.50 12.32 -9.97
N ILE B 12 -3.28 12.58 -10.44
CA ILE B 12 -2.35 11.51 -10.81
C ILE B 12 -0.97 11.86 -10.26
N LYS B 13 -0.23 10.84 -9.81
CA LYS B 13 1.13 11.03 -9.30
C LYS B 13 2.07 10.15 -10.11
N LYS B 14 3.17 10.75 -10.58
CA LYS B 14 4.25 9.99 -11.18
C LYS B 14 5.08 9.41 -10.05
N LEU B 15 5.28 8.11 -10.06
CA LEU B 15 6.10 7.47 -9.04
C LEU B 15 7.57 7.48 -9.43
N GLU B 16 8.41 7.02 -8.50
CA GLU B 16 9.86 7.09 -8.68
C GLU B 16 10.29 6.36 -9.95
N ASN B 17 9.59 5.28 -10.31
CA ASN B 17 9.91 4.47 -11.48
C ASN B 17 9.30 5.01 -12.76
N PHE B 18 8.67 6.18 -12.72
CA PHE B 18 7.98 6.70 -13.89
C PHE B 18 8.92 7.34 -14.88
N LEU B 19 8.64 7.11 -16.16
CA LEU B 19 9.34 7.72 -17.27
C LEU B 19 8.30 8.06 -18.33
N GLY B 20 8.60 9.05 -19.15
CA GLY B 20 7.72 9.34 -20.26
C GLY B 20 6.51 10.18 -19.87
N ASN B 21 5.44 9.99 -20.62
CA ASN B 21 4.23 10.80 -20.53
C ASN B 21 3.15 10.17 -19.66
N LEU B 22 2.26 11.04 -19.16
CA LEU B 22 1.05 10.56 -18.53
C LEU B 22 0.22 9.81 -19.57
N PRO B 23 -0.64 8.89 -19.14
CA PRO B 23 -1.50 8.19 -20.12
C PRO B 23 -2.25 9.18 -20.99
N GLU B 24 -2.22 8.93 -22.30
CA GLU B 24 -2.75 9.85 -23.30
C GLU B 24 -3.91 9.24 -24.08
N TYR B 25 -4.89 10.07 -24.40
CA TYR B 25 -5.91 9.70 -25.38
C TYR B 25 -5.35 9.87 -26.77
N ALA B 26 -5.51 8.85 -27.61
CA ALA B 26 -4.98 8.93 -28.97
C ALA B 26 -5.57 10.12 -29.72
N THR B 27 -6.88 10.35 -29.60
CA THR B 27 -7.54 11.48 -30.25
C THR B 27 -8.56 12.11 -29.32
N GLU B 28 -9.15 13.22 -29.76
CA GLU B 28 -10.23 13.84 -29.01
C GLU B 28 -11.47 12.97 -28.97
N HIS B 29 -11.53 11.91 -29.77
CA HIS B 29 -12.70 11.05 -29.78
C HIS B 29 -12.46 9.71 -29.11
N SER B 30 -11.27 9.48 -28.53
CA SER B 30 -10.97 8.18 -27.96
C SER B 30 -11.71 7.96 -26.66
N ALA B 31 -12.14 6.72 -26.43
CA ALA B 31 -12.75 6.39 -25.15
C ALA B 31 -11.70 6.13 -24.07
N GLY B 32 -10.53 5.64 -24.44
CA GLY B 32 -9.56 5.18 -23.46
C GLY B 32 -8.20 5.79 -23.70
N MET B 33 -7.41 5.81 -22.62
CA MET B 33 -6.01 6.22 -22.68
C MET B 33 -5.11 5.00 -22.78
N ASP B 34 -4.01 5.13 -23.51
CA ASP B 34 -3.03 4.05 -23.64
C ASP B 34 -2.16 3.98 -22.38
N LEU B 35 -2.16 2.84 -21.72
CA LEU B 35 -1.22 2.61 -20.63
C LEU B 35 0.08 2.04 -21.19
N VAL B 36 1.20 2.53 -20.65
CA VAL B 36 2.53 2.22 -21.19
C VAL B 36 3.34 1.48 -20.12
N ALA B 37 4.08 0.45 -20.56
CA ALA B 37 4.95 -0.30 -19.66
C ALA B 37 6.06 0.58 -19.11
N ALA B 38 6.30 0.50 -17.80
CA ALA B 38 7.36 1.28 -17.18
C ALA B 38 8.35 0.40 -16.43
N ASN B 39 8.46 -0.87 -16.82
CA ASN B 39 9.48 -1.76 -16.24
C ASN B 39 10.86 -1.34 -16.69
N GLU B 40 11.76 -1.15 -15.72
CA GLU B 40 13.12 -0.72 -16.03
C GLU B 40 13.86 -1.81 -16.81
N GLN B 41 13.62 -3.09 -16.49
CA GLN B 41 14.24 -4.19 -17.20
C GLN B 41 13.20 -4.94 -18.01
N SER B 42 13.58 -5.36 -19.21
CA SER B 42 12.70 -6.13 -20.08
C SER B 42 12.14 -7.36 -19.35
N ILE B 43 10.87 -7.63 -19.59
CA ILE B 43 10.16 -8.72 -18.92
C ILE B 43 9.71 -9.71 -19.99
N THR B 44 10.11 -10.97 -19.83
CA THR B 44 9.64 -12.01 -20.74
C THR B 44 8.37 -12.67 -20.19
N ILE B 45 7.32 -12.70 -21.00
CA ILE B 45 6.11 -13.44 -20.68
C ILE B 45 6.14 -14.67 -21.57
N LYS B 46 6.53 -15.79 -21.00
CA LYS B 46 6.53 -17.05 -21.72
C LYS B 46 5.09 -17.51 -21.96
N VAL B 47 4.95 -18.45 -22.90
CA VAL B 47 3.64 -19.02 -23.22
C VAL B 47 2.96 -19.54 -21.95
N GLY B 48 1.74 -19.09 -21.72
CA GLY B 48 0.99 -19.50 -20.54
C GLY B 48 1.31 -18.76 -19.27
N SER B 49 2.29 -17.86 -19.28
CA SER B 49 2.69 -17.19 -18.05
CA SER B 49 2.71 -17.18 -18.07
C SER B 49 1.86 -15.95 -17.81
N ILE B 50 1.81 -15.53 -16.55
CA ILE B 50 1.12 -14.32 -16.13
C ILE B 50 2.16 -13.40 -15.50
N GLN B 51 2.17 -12.13 -15.90
CA GLN B 51 3.17 -11.19 -15.39
C GLN B 51 2.55 -9.84 -15.12
N LEU B 52 2.93 -9.24 -14.00
CA LEU B 52 2.47 -7.93 -13.58
C LEU B 52 3.43 -6.89 -14.15
N ILE B 53 2.92 -5.92 -14.89
CA ILE B 53 3.74 -4.90 -15.53
C ILE B 53 3.45 -3.56 -14.84
N PRO B 54 4.44 -2.90 -14.25
CA PRO B 54 4.20 -1.60 -13.62
C PRO B 54 4.06 -0.46 -14.63
N THR B 55 3.28 0.55 -14.25
CA THR B 55 3.10 1.73 -15.09
C THR B 55 3.69 3.00 -14.51
N GLY B 56 4.10 3.01 -13.25
CA GLY B 56 4.72 4.19 -12.67
C GLY B 56 3.77 5.33 -12.35
N ILE B 57 2.45 5.10 -12.33
CA ILE B 57 1.49 6.14 -11.98
C ILE B 57 0.55 5.61 -10.92
N ALA B 58 0.06 6.53 -10.11
CA ALA B 58 -1.03 6.25 -9.18
C ALA B 58 -2.05 7.36 -9.33
N ILE B 59 -3.34 7.00 -9.26
CA ILE B 59 -4.41 7.95 -9.50
C ILE B 59 -5.38 7.93 -8.34
N ALA B 60 -6.13 9.03 -8.20
CA ALA B 60 -7.15 9.21 -7.16
C ALA B 60 -8.47 9.53 -7.87
N LEU B 61 -9.27 8.52 -8.13
CA LEU B 61 -10.50 8.75 -8.85
C LEU B 61 -11.52 9.45 -7.94
N PRO B 62 -12.28 10.39 -8.48
CA PRO B 62 -13.37 10.98 -7.71
C PRO B 62 -14.51 10.00 -7.55
N GLU B 63 -15.33 10.27 -6.53
CA GLU B 63 -16.46 9.40 -6.21
C GLU B 63 -17.38 9.20 -7.40
N SER B 64 -17.85 7.96 -7.58
CA SER B 64 -18.78 7.49 -8.60
CA SER B 64 -18.78 7.49 -8.60
C SER B 64 -18.10 7.27 -9.94
N PHE B 65 -16.78 7.48 -10.05
CA PHE B 65 -16.04 7.23 -11.27
C PHE B 65 -15.08 6.07 -11.08
N GLU B 66 -14.93 5.26 -12.11
CA GLU B 66 -13.98 4.17 -12.09
C GLU B 66 -13.13 4.24 -13.34
N ALA B 67 -11.93 3.72 -13.24
CA ALA B 67 -11.07 3.50 -14.41
C ALA B 67 -11.05 2.00 -14.70
N GLN B 68 -11.36 1.64 -15.93
CA GLN B 68 -11.35 0.26 -16.37
C GLN B 68 -10.07 -0.04 -17.14
N ILE B 69 -9.35 -1.08 -16.72
CA ILE B 69 -8.16 -1.53 -17.43
C ILE B 69 -8.58 -2.65 -18.38
N ARG B 70 -8.48 -2.38 -19.67
CA ARG B 70 -8.97 -3.27 -20.71
C ARG B 70 -7.80 -3.65 -21.60
N PRO B 71 -7.91 -4.77 -22.32
CA PRO B 71 -6.82 -5.19 -23.20
C PRO B 71 -6.66 -4.24 -24.38
N ARG B 72 -5.40 -4.05 -24.79
CA ARG B 72 -5.09 -3.43 -26.07
C ARG B 72 -5.29 -4.47 -27.16
N SER B 73 -6.05 -4.10 -28.19
CA SER B 73 -6.50 -5.09 -29.16
C SER B 73 -5.34 -5.71 -29.95
N GLY B 74 -4.38 -4.87 -30.40
CA GLY B 74 -3.29 -5.38 -31.21
C GLY B 74 -2.47 -6.47 -30.53
N LEU B 75 -2.20 -6.32 -29.24
CA LEU B 75 -1.40 -7.32 -28.55
C LEU B 75 -2.11 -8.67 -28.51
N ALA B 76 -3.43 -8.65 -28.32
CA ALA B 76 -4.18 -9.90 -28.29
C ALA B 76 -4.25 -10.51 -29.68
N VAL B 77 -4.54 -9.69 -30.70
CA VAL B 77 -4.67 -10.22 -32.05
C VAL B 77 -3.34 -10.81 -32.52
N LYS B 78 -2.23 -10.10 -32.28
CA LYS B 78 -0.95 -10.48 -32.85
C LYS B 78 -0.17 -11.46 -31.98
N HIS B 79 -0.34 -11.43 -30.67
CA HIS B 79 0.49 -12.24 -29.80
C HIS B 79 -0.28 -13.07 -28.79
N GLY B 80 -1.61 -12.98 -28.77
CA GLY B 80 -2.35 -13.71 -27.75
C GLY B 80 -2.11 -13.22 -26.34
N ILE B 81 -1.58 -12.00 -26.23
CA ILE B 81 -1.34 -11.34 -24.95
CA ILE B 81 -1.36 -11.38 -24.93
C ILE B 81 -2.56 -10.52 -24.60
N THR B 82 -3.07 -10.68 -23.37
CA THR B 82 -4.24 -9.93 -22.94
C THR B 82 -4.17 -9.70 -21.43
N VAL B 83 -5.18 -9.01 -20.91
CA VAL B 83 -5.24 -8.65 -19.50
C VAL B 83 -5.93 -9.79 -18.74
N ALA B 84 -5.23 -10.40 -17.79
CA ALA B 84 -5.71 -11.65 -17.20
C ALA B 84 -6.87 -11.42 -16.24
N ASN B 85 -6.96 -10.23 -15.65
CA ASN B 85 -8.03 -9.88 -14.74
C ASN B 85 -8.97 -8.84 -15.37
N SER B 86 -9.17 -8.93 -16.67
CA SER B 86 -9.90 -7.88 -17.38
C SER B 86 -11.40 -8.00 -17.13
N PRO B 87 -12.12 -6.87 -17.00
CA PRO B 87 -11.48 -5.55 -16.95
C PRO B 87 -11.09 -5.26 -15.51
N GLY B 88 -9.88 -4.74 -15.30
CA GLY B 88 -9.49 -4.35 -13.97
C GLY B 88 -10.26 -3.11 -13.54
N THR B 89 -10.62 -3.06 -12.26
CA THR B 89 -11.44 -2.00 -11.69
C THR B 89 -10.59 -1.13 -10.78
N ILE B 90 -10.36 0.11 -11.18
CA ILE B 90 -9.69 1.09 -10.34
C ILE B 90 -10.75 2.09 -9.89
N ASP B 91 -10.94 2.20 -8.58
CA ASP B 91 -11.87 3.17 -8.01
C ASP B 91 -11.12 4.04 -7.00
N ALA B 92 -11.88 4.86 -6.27
CA ALA B 92 -11.31 5.82 -5.35
C ALA B 92 -10.54 5.15 -4.21
N ASP B 93 -10.80 3.87 -3.93
CA ASP B 93 -10.02 3.21 -2.88
C ASP B 93 -8.65 2.81 -3.36
N TYR B 94 -8.46 2.58 -4.66
CA TYR B 94 -7.20 2.07 -5.20
C TYR B 94 -6.27 3.27 -5.46
N ARG B 95 -5.37 3.54 -4.53
CA ARG B 95 -4.47 4.67 -4.67
C ARG B 95 -3.02 4.23 -4.82
N GLY B 96 -2.76 2.95 -5.04
CA GLY B 96 -1.41 2.47 -5.29
C GLY B 96 -1.03 2.55 -6.76
N GLU B 97 0.19 2.09 -7.05
CA GLU B 97 0.66 2.08 -8.42
C GLU B 97 -0.24 1.21 -9.29
N ILE B 98 -0.61 1.73 -10.46
CA ILE B 98 -1.34 0.91 -11.40
C ILE B 98 -0.38 -0.09 -12.04
N LYS B 99 -0.75 -1.35 -11.99
CA LYS B 99 0.02 -2.42 -12.60
C LYS B 99 -0.91 -3.24 -13.47
N VAL B 100 -0.44 -3.64 -14.64
CA VAL B 100 -1.25 -4.36 -15.62
C VAL B 100 -0.89 -5.84 -15.54
N LEU B 101 -1.88 -6.69 -15.27
CA LEU B 101 -1.67 -8.13 -15.17
C LEU B 101 -1.87 -8.74 -16.56
N LEU B 102 -0.77 -9.12 -17.21
CA LEU B 102 -0.82 -9.68 -18.55
C LEU B 102 -0.64 -11.19 -18.50
N ILE B 103 -1.31 -11.89 -19.42
CA ILE B 103 -1.13 -13.32 -19.63
C ILE B 103 -0.86 -13.55 -21.11
N ASN B 104 0.06 -14.47 -21.40
CA ASN B 104 0.39 -14.86 -22.76
C ASN B 104 -0.42 -16.13 -23.09
N LEU B 105 -1.49 -15.95 -23.86
CA LEU B 105 -2.27 -17.07 -24.37
C LEU B 105 -1.94 -17.39 -25.82
N GLY B 106 -0.85 -16.81 -26.36
CA GLY B 106 -0.40 -17.11 -27.71
C GLY B 106 0.48 -18.33 -27.73
N ASN B 107 1.25 -18.48 -28.82
CA ASN B 107 2.09 -19.66 -28.98
C ASN B 107 3.59 -19.35 -29.00
N LYS B 108 3.99 -18.11 -28.75
CA LYS B 108 5.39 -17.74 -28.71
C LYS B 108 5.64 -16.85 -27.50
N ASP B 109 6.80 -17.00 -26.87
CA ASP B 109 7.23 -16.09 -25.82
C ASP B 109 7.23 -14.65 -26.35
N PHE B 110 6.96 -13.69 -25.46
CA PHE B 110 6.87 -12.28 -25.82
C PHE B 110 7.55 -11.42 -24.78
N ILE B 111 8.31 -10.42 -25.23
CA ILE B 111 9.04 -9.53 -24.32
C ILE B 111 8.31 -8.20 -24.18
N ILE B 112 8.04 -7.81 -22.93
CA ILE B 112 7.50 -6.49 -22.63
C ILE B 112 8.68 -5.54 -22.43
N GLU B 113 8.79 -4.53 -23.29
CA GLU B 113 9.82 -3.50 -23.17
C GLU B 113 9.18 -2.21 -22.67
N LYS B 114 9.90 -1.46 -21.84
CA LYS B 114 9.39 -0.16 -21.40
C LYS B 114 9.10 0.70 -22.62
N GLY B 115 7.96 1.41 -22.57
CA GLY B 115 7.50 2.20 -23.69
C GLY B 115 6.45 1.50 -24.53
N MET B 116 6.31 0.18 -24.41
CA MET B 116 5.24 -0.52 -25.12
C MET B 116 3.87 -0.18 -24.51
N ARG B 117 2.89 -0.02 -25.39
CA ARG B 117 1.50 0.18 -25.00
C ARG B 117 0.95 -1.19 -24.60
N ILE B 118 0.45 -1.33 -23.38
CA ILE B 118 0.14 -2.64 -22.82
C ILE B 118 -1.31 -2.81 -22.43
N ALA B 119 -2.11 -1.74 -22.39
CA ALA B 119 -3.51 -1.84 -21.99
C ALA B 119 -4.18 -0.49 -22.23
N GLN B 120 -5.51 -0.47 -22.12
CA GLN B 120 -6.30 0.74 -22.28
CA GLN B 120 -6.32 0.73 -22.28
C GLN B 120 -7.04 1.07 -20.97
N MET B 121 -7.15 2.35 -20.68
CA MET B 121 -7.80 2.82 -19.45
C MET B 121 -8.98 3.71 -19.85
N ILE B 122 -10.19 3.24 -19.53
CA ILE B 122 -11.43 3.93 -19.87
C ILE B 122 -12.10 4.30 -18.56
N ILE B 123 -12.42 5.58 -18.39
CA ILE B 123 -13.07 6.05 -17.18
C ILE B 123 -14.57 6.17 -17.47
N ALA B 124 -15.38 5.63 -16.57
CA ALA B 124 -16.84 5.70 -16.70
C ALA B 124 -17.44 5.80 -15.30
N LYS B 125 -18.71 6.17 -15.26
CA LYS B 125 -19.45 6.22 -14.00
C LYS B 125 -19.99 4.85 -13.65
N TYR B 126 -20.11 4.60 -12.36
CA TYR B 126 -20.84 3.45 -11.84
C TYR B 126 -21.90 3.97 -10.87
N GLU B 127 -22.82 3.08 -10.52
CA GLU B 127 -23.93 3.39 -9.63
C GLU B 127 -23.80 2.58 -8.35
N ARG B 128 -24.16 3.17 -7.22
CA ARG B 128 -24.16 2.46 -5.95
C ARG B 128 -25.52 1.79 -5.70
N VAL B 129 -25.49 0.50 -5.43
CA VAL B 129 -26.71 -0.30 -5.25
C VAL B 129 -27.17 -0.21 -3.81
N LEU B 130 -28.47 -0.02 -3.62
CA LEU B 130 -29.13 -0.30 -2.36
C LEU B 130 -30.01 -1.53 -2.59
N TRP B 131 -29.71 -2.61 -1.86
CA TRP B 131 -30.49 -3.83 -2.03
C TRP B 131 -31.86 -3.67 -1.40
N ALA B 132 -32.87 -4.18 -2.08
CA ALA B 132 -34.21 -4.31 -1.51
C ALA B 132 -34.54 -5.80 -1.55
N GLU B 133 -34.51 -6.46 -0.40
CA GLU B 133 -34.68 -7.89 -0.38
C GLU B 133 -36.15 -8.24 -0.57
N THR B 134 -36.41 -9.26 -1.39
CA THR B 134 -37.75 -9.75 -1.62
C THR B 134 -37.70 -11.25 -1.83
N SER B 135 -38.87 -11.88 -1.74
CA SER B 135 -39.01 -13.29 -2.08
C SER B 135 -39.69 -13.49 -3.43
N ILE B 136 -40.12 -12.41 -4.09
CA ILE B 136 -40.84 -12.44 -5.35
C ILE B 136 -40.20 -11.43 -6.29
N LEU B 137 -39.58 -11.90 -7.37
CA LEU B 137 -38.93 -11.00 -8.31
C LEU B 137 -39.85 -10.55 -9.45
N GLY C 3 1.68 17.16 -19.39
CA GLY C 3 0.38 16.89 -19.99
C GLY C 3 -0.78 16.91 -19.00
N SER C 4 -0.65 17.74 -17.97
CA SER C 4 -1.64 17.80 -16.91
C SER C 4 -1.85 19.26 -16.52
N MET C 5 -2.89 19.49 -15.75
CA MET C 5 -3.06 20.76 -15.08
C MET C 5 -2.53 20.66 -13.65
N THR C 6 -2.21 21.81 -13.09
CA THR C 6 -1.63 21.88 -11.76
C THR C 6 -2.73 22.19 -10.76
N ILE C 7 -2.81 21.39 -9.71
CA ILE C 7 -3.80 21.61 -8.67
C ILE C 7 -3.10 21.71 -7.32
N ILE C 8 -3.80 22.32 -6.37
CA ILE C 8 -3.43 22.29 -4.97
C ILE C 8 -4.59 21.59 -4.26
N GLU C 9 -4.27 20.57 -3.47
CA GLU C 9 -5.29 19.84 -2.75
C GLU C 9 -5.58 20.55 -1.43
N VAL C 10 -6.85 20.76 -1.12
CA VAL C 10 -7.27 21.48 0.08
C VAL C 10 -8.32 20.65 0.82
N LYS C 11 -8.08 20.41 2.11
CA LYS C 11 -9.07 19.72 2.93
C LYS C 11 -10.27 20.64 3.20
N ILE C 12 -11.46 20.06 3.08
CA ILE C 12 -12.69 20.82 3.29
C ILE C 12 -13.65 19.95 4.09
N LYS C 13 -14.38 20.57 5.01
CA LYS C 13 -15.36 19.91 5.85
C LYS C 13 -16.72 20.53 5.61
N LYS C 14 -17.73 19.69 5.37
CA LYS C 14 -19.10 20.16 5.31
C LYS C 14 -19.69 20.28 6.71
N LEU C 15 -20.23 21.46 7.03
CA LEU C 15 -20.96 21.66 8.26
C LEU C 15 -22.43 21.28 8.04
N GLU C 16 -23.21 21.25 9.13
CA GLU C 16 -24.58 20.73 9.04
C GLU C 16 -25.44 21.49 8.05
N ASN C 17 -25.19 22.78 7.86
CA ASN C 17 -26.01 23.58 6.97
C ASN C 17 -25.60 23.52 5.50
N PHE C 18 -24.60 22.72 5.15
CA PHE C 18 -24.15 22.72 3.76
C PHE C 18 -25.13 21.93 2.90
N LEU C 19 -25.31 22.37 1.66
CA LEU C 19 -26.15 21.65 0.71
C LEU C 19 -25.48 21.60 -0.65
N GLY C 20 -25.77 20.54 -1.41
CA GLY C 20 -25.31 20.45 -2.79
C GLY C 20 -23.86 19.99 -2.87
N ASN C 21 -23.19 20.36 -3.95
CA ASN C 21 -21.81 19.95 -4.15
C ASN C 21 -20.87 20.98 -3.55
N LEU C 22 -19.65 20.53 -3.24
CA LEU C 22 -18.59 21.42 -2.77
C LEU C 22 -18.41 22.54 -3.79
N PRO C 23 -17.91 23.71 -3.38
CA PRO C 23 -17.83 24.85 -4.31
C PRO C 23 -17.15 24.45 -5.61
N GLU C 24 -17.76 24.87 -6.72
CA GLU C 24 -17.40 24.41 -8.05
C GLU C 24 -16.83 25.54 -8.89
N TYR C 25 -15.84 25.18 -9.73
CA TYR C 25 -15.42 26.04 -10.83
C TYR C 25 -16.41 25.89 -11.97
N ALA C 26 -16.88 27.02 -12.53
CA ALA C 26 -17.82 26.94 -13.64
C ALA C 26 -17.24 26.16 -14.81
N THR C 27 -15.98 26.40 -15.15
CA THR C 27 -15.33 25.67 -16.23
C THR C 27 -13.90 25.32 -15.83
N GLU C 28 -13.22 24.59 -16.71
CA GLU C 28 -11.82 24.27 -16.51
C GLU C 28 -10.93 25.50 -16.61
N HIS C 29 -11.46 26.61 -17.09
CA HIS C 29 -10.68 27.82 -17.26
C HIS C 29 -10.99 28.88 -16.21
N SER C 30 -11.85 28.58 -15.24
CA SER C 30 -12.28 29.55 -14.25
C SER C 30 -11.19 29.80 -13.21
N ALA C 31 -11.07 31.05 -12.77
CA ALA C 31 -10.16 31.38 -11.68
C ALA C 31 -10.76 31.11 -10.30
N GLY C 32 -12.08 31.19 -10.15
CA GLY C 32 -12.69 31.11 -8.84
C GLY C 32 -13.84 30.12 -8.80
N MET C 33 -14.13 29.65 -7.59
CA MET C 33 -15.29 28.81 -7.34
C MET C 33 -16.47 29.65 -6.83
N ASP C 34 -17.67 29.25 -7.21
CA ASP C 34 -18.89 29.94 -6.79
C ASP C 34 -19.24 29.51 -5.37
N LEU C 35 -19.27 30.44 -4.43
CA LEU C 35 -19.76 30.15 -3.09
C LEU C 35 -21.27 30.36 -3.04
N VAL C 36 -21.95 29.46 -2.35
CA VAL C 36 -23.41 29.43 -2.34
C VAL C 36 -23.91 29.75 -0.93
N ALA C 37 -24.97 30.55 -0.85
CA ALA C 37 -25.53 30.89 0.45
C ALA C 37 -26.04 29.63 1.16
N ALA C 38 -25.69 29.47 2.43
CA ALA C 38 -26.12 28.31 3.18
C ALA C 38 -26.90 28.71 4.44
N ASN C 39 -27.52 29.88 4.40
CA ASN C 39 -28.43 30.28 5.47
C ASN C 39 -29.67 29.41 5.41
N GLU C 40 -30.06 28.84 6.55
CA GLU C 40 -31.21 27.95 6.53
C GLU C 40 -32.50 28.69 6.20
N GLN C 41 -32.66 29.91 6.69
CA GLN C 41 -33.82 30.71 6.33
C GLN C 41 -33.39 31.97 5.58
N SER C 42 -34.31 32.50 4.77
CA SER C 42 -34.08 33.74 4.02
C SER C 42 -33.56 34.84 4.93
N ILE C 43 -32.65 35.65 4.39
CA ILE C 43 -32.11 36.81 5.09
C ILE C 43 -32.33 38.04 4.22
N THR C 44 -32.96 39.05 4.80
CA THR C 44 -33.17 40.32 4.11
C THR C 44 -31.98 41.22 4.40
N ILE C 45 -31.36 41.75 3.36
CA ILE C 45 -30.34 42.80 3.53
C ILE C 45 -30.97 44.11 3.07
N LYS C 46 -31.34 44.95 4.04
CA LYS C 46 -31.88 46.26 3.71
C LYS C 46 -30.79 47.14 3.09
N VAL C 47 -31.23 48.14 2.32
CA VAL C 47 -30.31 49.10 1.74
C VAL C 47 -29.46 49.72 2.84
N GLY C 48 -28.14 49.75 2.64
CA GLY C 48 -27.22 50.29 3.61
C GLY C 48 -26.79 49.32 4.69
N SER C 49 -27.44 48.17 4.80
CA SER C 49 -27.14 47.21 5.87
C SER C 49 -26.03 46.25 5.44
N ILE C 50 -25.40 45.65 6.44
CA ILE C 50 -24.33 44.67 6.26
C ILE C 50 -24.79 43.37 6.92
N GLN C 51 -24.65 42.25 6.24
CA GLN C 51 -25.13 40.97 6.76
CA GLN C 51 -25.13 40.99 6.75
C GLN C 51 -24.13 39.87 6.43
N LEU C 52 -23.86 39.04 7.42
CA LEU C 52 -22.96 37.90 7.31
C LEU C 52 -23.75 36.68 6.85
N ILE C 53 -23.33 36.07 5.76
CA ILE C 53 -24.06 34.93 5.19
C ILE C 53 -23.19 33.68 5.33
N PRO C 54 -23.66 32.64 5.99
CA PRO C 54 -22.83 31.43 6.13
C PRO C 54 -22.79 30.61 4.84
N THR C 55 -21.68 29.88 4.65
CA THR C 55 -21.54 29.01 3.49
C THR C 55 -21.57 27.53 3.84
N GLY C 56 -21.51 27.16 5.12
CA GLY C 56 -21.58 25.76 5.49
C GLY C 56 -20.33 24.95 5.23
N ILE C 57 -19.19 25.60 5.00
CA ILE C 57 -17.93 24.90 4.79
C ILE C 57 -16.85 25.51 5.68
N ALA C 58 -15.88 24.68 6.02
CA ALA C 58 -14.64 25.08 6.67
C ALA C 58 -13.52 24.39 5.91
N ILE C 59 -12.39 25.07 5.75
CA ILE C 59 -11.28 24.55 4.95
C ILE C 59 -9.98 24.66 5.73
N ALA C 60 -8.99 23.86 5.32
CA ALA C 60 -7.67 23.85 5.91
C ALA C 60 -6.66 24.06 4.78
N LEU C 61 -6.31 25.32 4.53
CA LEU C 61 -5.42 25.63 3.44
C LEU C 61 -3.99 25.19 3.78
N PRO C 62 -3.22 24.71 2.82
CA PRO C 62 -1.80 24.47 3.08
C PRO C 62 -1.05 25.78 3.19
N GLU C 63 0.11 25.71 3.84
CA GLU C 63 0.92 26.91 4.04
C GLU C 63 1.25 27.60 2.72
N SER C 64 1.26 28.93 2.75
CA SER C 64 1.60 29.83 1.65
C SER C 64 0.50 29.91 0.59
N PHE C 65 -0.65 29.30 0.83
CA PHE C 65 -1.83 29.48 0.00
C PHE C 65 -2.93 30.18 0.79
N GLU C 66 -3.64 31.08 0.11
CA GLU C 66 -4.76 31.79 0.69
C GLU C 66 -5.97 31.63 -0.22
N ALA C 67 -7.15 31.73 0.36
CA ALA C 67 -8.38 31.82 -0.41
C ALA C 67 -8.91 33.24 -0.31
N GLN C 68 -9.16 33.86 -1.45
CA GLN C 68 -9.73 35.21 -1.49
C GLN C 68 -11.22 35.14 -1.73
N ILE C 69 -11.98 35.80 -0.86
CA ILE C 69 -13.42 35.91 -1.02
C ILE C 69 -13.70 37.22 -1.75
N ARG C 70 -14.19 37.12 -2.98
CA ARG C 70 -14.37 38.27 -3.86
C ARG C 70 -15.83 38.42 -4.28
N PRO C 71 -16.23 39.61 -4.70
CA PRO C 71 -17.62 39.82 -5.12
C PRO C 71 -17.95 39.04 -6.39
N ARG C 72 -19.19 38.56 -6.42
CA ARG C 72 -19.75 38.03 -7.65
C ARG C 72 -20.28 39.19 -8.48
N SER C 73 -19.80 39.32 -9.70
CA SER C 73 -20.00 40.56 -10.45
C SER C 73 -21.47 40.82 -10.74
N GLY C 74 -22.22 39.81 -11.18
CA GLY C 74 -23.61 40.03 -11.55
C GLY C 74 -24.45 40.56 -10.41
N LEU C 75 -24.18 40.10 -9.18
CA LEU C 75 -24.90 40.54 -8.01
C LEU C 75 -24.66 42.01 -7.73
N ALA C 76 -23.42 42.47 -7.93
CA ALA C 76 -23.11 43.88 -7.74
C ALA C 76 -23.75 44.72 -8.83
N VAL C 77 -23.66 44.28 -10.10
CA VAL C 77 -24.19 45.05 -11.22
C VAL C 77 -25.70 45.19 -11.12
N LYS C 78 -26.40 44.11 -10.80
CA LYS C 78 -27.86 44.11 -10.83
C LYS C 78 -28.49 44.61 -9.55
N HIS C 79 -27.86 44.42 -8.39
CA HIS C 79 -28.51 44.73 -7.13
C HIS C 79 -27.68 45.57 -6.18
N GLY C 80 -26.46 45.96 -6.56
CA GLY C 80 -25.63 46.74 -5.67
C GLY C 80 -25.19 46.00 -4.44
N ILE C 81 -25.29 44.68 -4.45
CA ILE C 81 -24.84 43.83 -3.36
C ILE C 81 -23.37 43.50 -3.60
N THR C 82 -22.53 43.75 -2.60
CA THR C 82 -21.13 43.37 -2.77
C THR C 82 -20.58 42.91 -1.43
N VAL C 83 -19.32 42.51 -1.44
CA VAL C 83 -18.65 41.98 -0.26
C VAL C 83 -18.00 43.15 0.47
N ALA C 84 -18.40 43.37 1.73
CA ALA C 84 -18.04 44.59 2.45
C ALA C 84 -16.58 44.59 2.93
N ASN C 85 -15.99 43.42 3.14
CA ASN C 85 -14.61 43.30 3.58
C ASN C 85 -13.75 42.72 2.47
N SER C 86 -14.07 43.05 1.23
CA SER C 86 -13.43 42.46 0.06
C SER C 86 -12.03 43.04 -0.15
N PRO C 87 -11.05 42.20 -0.53
CA PRO C 87 -11.22 40.75 -0.66
C PRO C 87 -11.05 40.08 0.68
N GLY C 88 -11.92 39.13 1.02
CA GLY C 88 -11.78 38.41 2.27
C GLY C 88 -10.58 37.48 2.20
N THR C 89 -9.84 37.39 3.30
CA THR C 89 -8.61 36.60 3.35
C THR C 89 -8.80 35.39 4.25
N ILE C 90 -8.77 34.20 3.67
CA ILE C 90 -8.76 32.94 4.40
CA ILE C 90 -8.76 32.95 4.42
C ILE C 90 -7.37 32.33 4.28
N ASP C 91 -6.71 32.09 5.41
CA ASP C 91 -5.40 31.44 5.34
C ASP C 91 -5.40 30.16 6.19
N ALA C 92 -4.23 29.55 6.34
CA ALA C 92 -4.12 28.24 6.96
C ALA C 92 -4.54 28.26 8.44
N ASP C 93 -4.54 29.41 9.10
CA ASP C 93 -4.97 29.49 10.48
C ASP C 93 -6.49 29.46 10.64
N TYR C 94 -7.23 29.90 9.62
CA TYR C 94 -8.68 29.99 9.76
C TYR C 94 -9.32 28.66 9.43
N ARG C 95 -9.78 27.95 10.45
CA ARG C 95 -10.46 26.69 10.25
C ARG C 95 -11.94 26.74 10.67
N GLY C 96 -12.50 27.94 10.85
CA GLY C 96 -13.91 28.07 11.13
C GLY C 96 -14.77 28.10 9.86
N GLU C 97 -16.06 28.25 10.06
CA GLU C 97 -16.98 28.34 8.93
C GLU C 97 -16.68 29.60 8.12
N ILE C 98 -16.61 29.43 6.80
CA ILE C 98 -16.47 30.58 5.91
C ILE C 98 -17.81 31.30 5.83
N LYS C 99 -17.81 32.59 6.11
CA LYS C 99 -19.02 33.40 6.02
C LYS C 99 -18.73 34.61 5.16
N VAL C 100 -19.68 34.99 4.32
CA VAL C 100 -19.52 36.08 3.37
C VAL C 100 -20.19 37.31 3.96
N LEU C 101 -19.43 38.38 4.11
CA LEU C 101 -19.96 39.63 4.65
C LEU C 101 -20.48 40.48 3.50
N LEU C 102 -21.80 40.54 3.34
CA LEU C 102 -22.41 41.29 2.24
C LEU C 102 -22.93 42.64 2.73
N ILE C 103 -22.88 43.63 1.83
CA ILE C 103 -23.51 44.92 2.06
C ILE C 103 -24.38 45.26 0.87
N ASN C 104 -25.56 45.83 1.13
CA ASN C 104 -26.50 46.26 0.10
C ASN C 104 -26.29 47.75 -0.16
N LEU C 105 -25.57 48.07 -1.24
CA LEU C 105 -25.39 49.45 -1.67
C LEU C 105 -26.26 49.80 -2.86
N GLY C 106 -27.27 48.98 -3.17
CA GLY C 106 -28.20 49.22 -4.25
C GLY C 106 -29.36 50.07 -3.81
N ASN C 107 -30.48 49.96 -4.54
CA ASN C 107 -31.66 50.78 -4.34
CA ASN C 107 -31.63 50.80 -4.28
C ASN C 107 -32.84 50.05 -3.71
N LYS C 108 -32.74 48.75 -3.51
CA LYS C 108 -33.88 47.99 -2.98
C LYS C 108 -33.41 47.01 -1.93
N ASP C 109 -34.22 46.83 -0.89
CA ASP C 109 -33.94 45.73 0.03
C ASP C 109 -33.91 44.44 -0.78
N PHE C 110 -33.03 43.52 -0.37
CA PHE C 110 -32.75 42.32 -1.13
C PHE C 110 -32.74 41.10 -0.23
N ILE C 111 -33.35 40.01 -0.68
CA ILE C 111 -33.46 38.79 0.09
C ILE C 111 -32.38 37.81 -0.37
N ILE C 112 -31.54 37.36 0.55
CA ILE C 112 -30.58 36.30 0.25
C ILE C 112 -31.25 34.97 0.58
N GLU C 113 -31.42 34.14 -0.45
CA GLU C 113 -32.01 32.83 -0.32
C GLU C 113 -30.95 31.76 -0.35
N LYS C 114 -31.18 30.69 0.40
CA LYS C 114 -30.31 29.53 0.36
C LYS C 114 -30.19 29.05 -1.08
N GLY C 115 -28.97 28.72 -1.51
CA GLY C 115 -28.73 28.30 -2.87
C GLY C 115 -28.21 29.41 -3.78
N MET C 116 -28.39 30.67 -3.39
CA MET C 116 -27.92 31.77 -4.23
C MET C 116 -26.39 31.83 -4.23
N ARG C 117 -25.83 32.10 -5.40
CA ARG C 117 -24.38 32.37 -5.51
C ARG C 117 -24.12 33.78 -4.97
N ILE C 118 -23.25 33.90 -3.97
CA ILE C 118 -23.08 35.16 -3.25
C ILE C 118 -21.66 35.68 -3.27
N ALA C 119 -20.69 34.92 -3.75
CA ALA C 119 -19.30 35.35 -3.73
C ALA C 119 -18.48 34.37 -4.56
N GLN C 120 -17.27 34.79 -4.92
CA GLN C 120 -16.32 33.94 -5.60
C GLN C 120 -15.14 33.65 -4.67
N MET C 121 -14.56 32.46 -4.80
CA MET C 121 -13.41 32.07 -3.99
C MET C 121 -12.24 31.72 -4.92
N ILE C 122 -11.17 32.51 -4.85
CA ILE C 122 -10.00 32.34 -5.70
C ILE C 122 -8.84 31.99 -4.78
N ILE C 123 -8.15 30.90 -5.08
CA ILE C 123 -7.00 30.47 -4.29
C ILE C 123 -5.74 30.92 -5.02
N ALA C 124 -4.83 31.54 -4.26
CA ALA C 124 -3.56 32.00 -4.81
C ALA C 124 -2.48 31.89 -3.75
N LYS C 125 -1.24 31.96 -4.21
CA LYS C 125 -0.11 31.96 -3.30
C LYS C 125 0.15 33.37 -2.78
N TYR C 126 0.67 33.43 -1.55
CA TYR C 126 1.22 34.67 -1.02
C TYR C 126 2.67 34.43 -0.62
N GLU C 127 3.40 35.51 -0.39
CA GLU C 127 4.78 35.43 0.06
C GLU C 127 4.89 35.95 1.48
N ARG C 128 5.84 35.39 2.22
CA ARG C 128 6.13 35.83 3.58
C ARG C 128 7.23 36.87 3.55
N VAL C 129 6.95 38.05 4.11
CA VAL C 129 7.91 39.14 4.11
C VAL C 129 8.90 38.97 5.26
N LEU C 130 10.19 39.18 4.97
CA LEU C 130 11.19 39.46 5.99
C LEU C 130 11.58 40.92 5.84
N TRP C 131 11.32 41.73 6.87
CA TRP C 131 11.65 43.13 6.79
C TRP C 131 13.16 43.31 6.83
N ALA C 132 13.66 44.25 6.02
CA ALA C 132 15.03 44.73 6.12
C ALA C 132 14.93 46.23 6.38
N GLU C 133 15.18 46.63 7.62
CA GLU C 133 14.95 48.03 7.98
C GLU C 133 16.13 48.88 7.54
N THR C 134 15.83 50.03 6.97
CA THR C 134 16.85 50.92 6.45
C THR C 134 16.39 52.35 6.67
N SER C 135 17.30 53.29 6.42
CA SER C 135 17.01 54.70 6.49
C SER C 135 16.83 55.34 5.14
N ILE C 136 17.32 54.70 4.07
CA ILE C 136 17.25 55.21 2.70
C ILE C 136 16.61 54.14 1.83
N LEU C 137 15.48 54.48 1.20
CA LEU C 137 14.78 53.54 0.34
C LEU C 137 15.30 53.58 -1.10
N THR D 6 -25.06 9.09 -6.32
CA THR D 6 -26.25 8.56 -6.97
C THR D 6 -26.47 7.09 -6.61
N ILE D 7 -27.65 6.78 -6.06
CA ILE D 7 -27.96 5.45 -5.55
C ILE D 7 -29.16 4.89 -6.32
N ILE D 8 -29.10 3.59 -6.62
CA ILE D 8 -30.16 2.88 -7.30
C ILE D 8 -30.58 1.69 -6.46
N GLU D 9 -31.88 1.55 -6.23
CA GLU D 9 -32.42 0.42 -5.47
C GLU D 9 -32.61 -0.78 -6.40
N VAL D 10 -32.16 -1.95 -5.98
CA VAL D 10 -32.24 -3.15 -6.80
C VAL D 10 -32.86 -4.26 -5.96
N LYS D 11 -33.86 -4.92 -6.52
CA LYS D 11 -34.51 -6.04 -5.84
C LYS D 11 -33.61 -7.27 -5.92
N ILE D 12 -33.54 -8.03 -4.83
CA ILE D 12 -32.68 -9.19 -4.78
C ILE D 12 -33.36 -10.27 -3.95
N LYS D 13 -33.19 -11.53 -4.38
CA LYS D 13 -33.79 -12.68 -3.72
C LYS D 13 -32.69 -13.65 -3.29
N LYS D 14 -32.72 -14.08 -2.02
CA LYS D 14 -31.83 -15.12 -1.57
C LYS D 14 -32.35 -16.49 -1.97
N LEU D 15 -31.53 -17.26 -2.65
CA LEU D 15 -31.88 -18.64 -2.95
C LEU D 15 -31.44 -19.52 -1.77
N GLU D 16 -31.82 -20.81 -1.84
CA GLU D 16 -31.62 -21.70 -0.69
C GLU D 16 -30.16 -21.83 -0.29
N ASN D 17 -29.23 -21.73 -1.25
CA ASN D 17 -27.82 -21.91 -0.98
C ASN D 17 -27.12 -20.63 -0.52
N PHE D 18 -27.83 -19.52 -0.32
CA PHE D 18 -27.16 -18.28 0.03
C PHE D 18 -26.82 -18.21 1.52
N LEU D 19 -25.70 -17.58 1.84
CA LEU D 19 -25.30 -17.38 3.23
C LEU D 19 -24.76 -15.98 3.46
N GLY D 20 -24.90 -15.52 4.70
CA GLY D 20 -24.28 -14.26 5.10
C GLY D 20 -25.06 -13.03 4.67
N ASN D 21 -24.35 -11.92 4.50
CA ASN D 21 -25.01 -10.70 4.11
C ASN D 21 -25.10 -10.62 2.58
N LEU D 22 -26.06 -9.83 2.11
CA LEU D 22 -26.15 -9.55 0.69
C LEU D 22 -24.83 -8.93 0.21
N PRO D 23 -24.51 -9.05 -1.07
CA PRO D 23 -23.20 -8.58 -1.56
C PRO D 23 -22.88 -7.17 -1.09
N GLU D 24 -21.67 -7.00 -0.58
CA GLU D 24 -21.28 -5.78 0.12
C GLU D 24 -20.19 -5.04 -0.64
N TYR D 25 -20.27 -3.71 -0.62
CA TYR D 25 -19.15 -2.89 -1.05
C TYR D 25 -18.12 -2.86 0.07
N ALA D 26 -16.84 -3.06 -0.27
CA ALA D 26 -15.78 -3.04 0.75
C ALA D 26 -15.76 -1.71 1.51
N THR D 27 -15.92 -0.58 0.80
CA THR D 27 -15.97 0.74 1.43
C THR D 27 -17.05 1.58 0.77
N GLU D 28 -17.27 2.77 1.32
CA GLU D 28 -18.19 3.72 0.70
C GLU D 28 -17.69 4.26 -0.63
N HIS D 29 -16.43 4.02 -1.00
CA HIS D 29 -15.90 4.50 -2.26
C HIS D 29 -15.75 3.40 -3.28
N SER D 30 -16.17 2.18 -2.97
CA SER D 30 -15.96 1.06 -3.87
C SER D 30 -16.92 1.13 -5.06
N ALA D 31 -16.41 0.72 -6.22
CA ALA D 31 -17.27 0.62 -7.40
C ALA D 31 -18.04 -0.69 -7.43
N GLY D 32 -17.52 -1.76 -6.84
CA GLY D 32 -18.10 -3.08 -7.00
C GLY D 32 -18.32 -3.75 -5.67
N MET D 33 -19.30 -4.67 -5.65
CA MET D 33 -19.58 -5.50 -4.50
C MET D 33 -18.88 -6.84 -4.65
N ASP D 34 -18.46 -7.39 -3.51
CA ASP D 34 -17.78 -8.69 -3.50
C ASP D 34 -18.81 -9.80 -3.63
N LEU D 35 -18.70 -10.60 -4.67
CA LEU D 35 -19.53 -11.79 -4.79
C LEU D 35 -18.84 -12.96 -4.10
N VAL D 36 -19.63 -13.74 -3.38
CA VAL D 36 -19.12 -14.78 -2.50
C VAL D 36 -19.56 -16.15 -3.02
N ALA D 37 -18.63 -17.11 -2.99
CA ALA D 37 -18.95 -18.46 -3.45
C ALA D 37 -20.03 -19.07 -2.55
N ALA D 38 -21.04 -19.68 -3.19
CA ALA D 38 -22.14 -20.32 -2.48
C ALA D 38 -22.29 -21.77 -2.92
N ASN D 39 -21.22 -22.39 -3.36
CA ASN D 39 -21.28 -23.83 -3.62
C ASN D 39 -21.41 -24.54 -2.29
N GLU D 40 -22.39 -25.44 -2.19
CA GLU D 40 -22.60 -26.12 -0.93
C GLU D 40 -21.38 -26.94 -0.53
N GLN D 41 -20.76 -27.61 -1.49
CA GLN D 41 -19.53 -28.35 -1.25
C GLN D 41 -18.39 -27.75 -2.04
N SER D 42 -17.18 -28.09 -1.61
CA SER D 42 -15.96 -27.61 -2.25
C SER D 42 -15.87 -28.04 -3.70
N ILE D 43 -15.30 -27.16 -4.52
CA ILE D 43 -15.12 -27.39 -5.95
C ILE D 43 -13.63 -27.21 -6.29
N THR D 44 -13.04 -28.23 -6.88
CA THR D 44 -11.66 -28.14 -7.34
C THR D 44 -11.65 -27.67 -8.79
N ILE D 45 -10.89 -26.61 -9.06
CA ILE D 45 -10.66 -26.16 -10.43
C ILE D 45 -9.23 -26.55 -10.77
N LYS D 46 -9.08 -27.60 -11.56
CA LYS D 46 -7.75 -28.00 -12.01
C LYS D 46 -7.20 -26.97 -12.98
N VAL D 47 -5.87 -26.95 -13.08
CA VAL D 47 -5.20 -26.05 -14.02
C VAL D 47 -5.78 -26.29 -15.41
N GLY D 48 -6.19 -25.21 -16.08
CA GLY D 48 -6.79 -25.28 -17.40
C GLY D 48 -8.28 -25.57 -17.42
N SER D 49 -8.88 -25.87 -16.28
CA SER D 49 -10.31 -26.19 -16.21
C SER D 49 -11.15 -24.94 -15.98
N ILE D 50 -12.42 -25.04 -16.38
CA ILE D 50 -13.43 -24.01 -16.21
C ILE D 50 -14.52 -24.57 -15.31
N GLN D 51 -14.96 -23.79 -14.32
CA GLN D 51 -16.00 -24.25 -13.41
CA GLN D 51 -16.01 -24.24 -13.43
C GLN D 51 -16.96 -23.10 -13.10
N LEU D 52 -18.24 -23.41 -13.14
CA LEU D 52 -19.31 -22.48 -12.84
C LEU D 52 -19.58 -22.51 -11.34
N ILE D 53 -19.59 -21.35 -10.69
CA ILE D 53 -19.71 -21.27 -9.25
C ILE D 53 -20.99 -20.50 -8.91
N PRO D 54 -21.92 -21.09 -8.17
CA PRO D 54 -23.14 -20.36 -7.79
C PRO D 54 -22.89 -19.35 -6.67
N THR D 55 -23.67 -18.26 -6.71
CA THR D 55 -23.61 -17.22 -5.69
C THR D 55 -24.84 -17.17 -4.79
N GLY D 56 -25.90 -17.91 -5.13
CA GLY D 56 -27.06 -17.96 -4.27
C GLY D 56 -27.96 -16.74 -4.29
N ILE D 57 -27.82 -15.86 -5.30
CA ILE D 57 -28.68 -14.69 -5.39
C ILE D 57 -29.28 -14.60 -6.79
N ALA D 58 -30.45 -13.98 -6.87
CA ALA D 58 -31.06 -13.60 -8.12
C ALA D 58 -31.50 -12.15 -7.96
N ILE D 59 -31.38 -11.34 -9.01
CA ILE D 59 -31.69 -9.93 -8.91
C ILE D 59 -32.63 -9.50 -10.04
N ALA D 60 -33.30 -8.37 -9.81
CA ALA D 60 -34.21 -7.76 -10.78
C ALA D 60 -33.73 -6.32 -11.00
N LEU D 61 -32.87 -6.13 -11.98
CA LEU D 61 -32.34 -4.80 -12.23
C LEU D 61 -33.40 -3.90 -12.84
N PRO D 62 -33.42 -2.62 -12.49
CA PRO D 62 -34.33 -1.69 -13.18
C PRO D 62 -33.86 -1.42 -14.60
N GLU D 63 -34.78 -0.93 -15.40
CA GLU D 63 -34.50 -0.66 -16.81
C GLU D 63 -33.28 0.26 -16.96
N SER D 64 -32.47 -0.01 -17.98
CA SER D 64 -31.28 0.76 -18.36
C SER D 64 -30.07 0.51 -17.45
N PHE D 65 -30.18 -0.35 -16.45
CA PHE D 65 -29.06 -0.68 -15.59
C PHE D 65 -28.63 -2.12 -15.82
N GLU D 66 -27.32 -2.36 -15.76
CA GLU D 66 -26.72 -3.67 -15.87
C GLU D 66 -25.81 -3.91 -14.69
N ALA D 67 -25.60 -5.18 -14.36
CA ALA D 67 -24.59 -5.60 -13.40
C ALA D 67 -23.47 -6.28 -14.17
N GLN D 68 -22.26 -5.82 -13.97
CA GLN D 68 -21.09 -6.42 -14.61
C GLN D 68 -20.38 -7.34 -13.64
N ILE D 69 -20.18 -8.58 -14.05
CA ILE D 69 -19.43 -9.57 -13.27
C ILE D 69 -17.98 -9.53 -13.76
N ARG D 70 -17.08 -9.08 -12.91
CA ARG D 70 -15.70 -8.83 -13.26
C ARG D 70 -14.76 -9.62 -12.35
N PRO D 71 -13.53 -9.86 -12.78
CA PRO D 71 -12.60 -10.63 -11.93
C PRO D 71 -12.21 -9.86 -10.67
N ARG D 72 -12.01 -10.60 -9.60
CA ARG D 72 -11.39 -10.06 -8.41
C ARG D 72 -9.87 -10.10 -8.56
N SER D 73 -9.22 -8.94 -8.40
CA SER D 73 -7.84 -8.80 -8.84
C SER D 73 -6.91 -9.76 -8.08
N GLY D 74 -7.07 -9.87 -6.76
CA GLY D 74 -6.15 -10.69 -5.97
C GLY D 74 -6.17 -12.15 -6.36
N LEU D 75 -7.32 -12.66 -6.77
CA LEU D 75 -7.43 -14.06 -7.17
CA LEU D 75 -7.43 -14.06 -7.17
C LEU D 75 -6.63 -14.34 -8.43
N ALA D 76 -6.66 -13.41 -9.39
CA ALA D 76 -5.89 -13.60 -10.62
C ALA D 76 -4.40 -13.44 -10.36
N VAL D 77 -4.02 -12.42 -9.58
CA VAL D 77 -2.62 -12.14 -9.32
C VAL D 77 -1.97 -13.29 -8.56
N LYS D 78 -2.65 -13.81 -7.54
CA LYS D 78 -2.05 -14.80 -6.66
C LYS D 78 -2.23 -16.22 -7.16
N HIS D 79 -3.30 -16.52 -7.89
CA HIS D 79 -3.58 -17.89 -8.26
C HIS D 79 -3.89 -18.10 -9.73
N GLY D 80 -3.84 -17.05 -10.56
CA GLY D 80 -4.19 -17.23 -11.95
C GLY D 80 -5.64 -17.60 -12.18
N ILE D 81 -6.48 -17.42 -11.19
CA ILE D 81 -7.91 -17.70 -11.31
C ILE D 81 -8.59 -16.43 -11.80
N THR D 82 -9.40 -16.54 -12.85
CA THR D 82 -10.11 -15.35 -13.35
C THR D 82 -11.47 -15.77 -13.91
N VAL D 83 -12.23 -14.79 -14.36
CA VAL D 83 -13.57 -15.02 -14.88
C VAL D 83 -13.49 -15.25 -16.39
N ALA D 84 -13.94 -16.43 -16.83
CA ALA D 84 -13.70 -16.87 -18.21
C ALA D 84 -14.58 -16.18 -19.23
N ASN D 85 -15.75 -15.67 -18.83
CA ASN D 85 -16.65 -14.94 -19.71
C ASN D 85 -16.73 -13.47 -19.33
N SER D 86 -15.63 -12.90 -18.87
CA SER D 86 -15.57 -11.56 -18.32
C SER D 86 -15.62 -10.51 -19.43
N PRO D 87 -16.35 -9.42 -19.23
CA PRO D 87 -17.21 -9.21 -18.06
C PRO D 87 -18.57 -9.87 -18.26
N GLY D 88 -19.08 -10.53 -17.22
CA GLY D 88 -20.44 -11.08 -17.31
C GLY D 88 -21.47 -9.96 -17.29
N THR D 89 -22.53 -10.12 -18.08
CA THR D 89 -23.56 -9.11 -18.25
C THR D 89 -24.86 -9.61 -17.64
N ILE D 90 -25.32 -8.97 -16.58
CA ILE D 90 -26.63 -9.25 -16.00
C ILE D 90 -27.51 -8.05 -16.31
N ASP D 91 -28.66 -8.29 -16.95
CA ASP D 91 -29.57 -7.17 -17.22
C ASP D 91 -30.96 -7.49 -16.69
N ALA D 92 -31.95 -6.62 -16.99
CA ALA D 92 -33.28 -6.74 -16.40
C ALA D 92 -34.02 -8.01 -16.83
N ASP D 93 -33.64 -8.64 -17.93
CA ASP D 93 -34.31 -9.87 -18.31
C ASP D 93 -33.86 -11.03 -17.44
N TYR D 94 -32.64 -10.97 -16.91
CA TYR D 94 -32.07 -12.13 -16.23
C TYR D 94 -32.53 -12.17 -14.78
N ARG D 95 -33.42 -13.09 -14.47
CA ARG D 95 -33.92 -13.27 -13.10
C ARG D 95 -33.48 -14.60 -12.52
N GLY D 96 -32.58 -15.33 -13.17
CA GLY D 96 -32.07 -16.58 -12.64
C GLY D 96 -30.91 -16.36 -11.66
N GLU D 97 -30.40 -17.47 -11.14
CA GLU D 97 -29.28 -17.39 -10.22
C GLU D 97 -28.04 -16.88 -10.91
N ILE D 98 -27.37 -15.92 -10.29
CA ILE D 98 -26.09 -15.43 -10.77
C ILE D 98 -25.01 -16.45 -10.43
N LYS D 99 -24.27 -16.89 -11.45
CA LYS D 99 -23.19 -17.84 -11.27
C LYS D 99 -21.94 -17.29 -11.93
N VAL D 100 -20.79 -17.53 -11.30
CA VAL D 100 -19.51 -17.00 -11.76
C VAL D 100 -18.75 -18.10 -12.47
N LEU D 101 -18.39 -17.86 -13.72
CA LEU D 101 -17.66 -18.84 -14.51
C LEU D 101 -16.17 -18.58 -14.32
N LEU D 102 -15.51 -19.42 -13.54
CA LEU D 102 -14.09 -19.27 -13.24
C LEU D 102 -13.27 -20.21 -14.11
N ILE D 103 -12.06 -19.76 -14.46
CA ILE D 103 -11.08 -20.59 -15.14
C ILE D 103 -9.76 -20.51 -14.38
N ASN D 104 -9.06 -21.64 -14.26
CA ASN D 104 -7.76 -21.69 -13.58
C ASN D 104 -6.64 -21.63 -14.62
N LEU D 105 -6.05 -20.45 -14.79
CA LEU D 105 -4.89 -20.26 -15.66
C LEU D 105 -3.59 -20.12 -14.88
N GLY D 106 -3.58 -20.50 -13.60
CA GLY D 106 -2.40 -20.48 -12.77
C GLY D 106 -1.60 -21.77 -12.90
N ASN D 107 -0.81 -22.06 -11.88
CA ASN D 107 0.10 -23.20 -11.90
CA ASN D 107 0.08 -23.20 -11.92
C ASN D 107 -0.26 -24.28 -10.90
N LYS D 108 -1.32 -24.11 -10.10
CA LYS D 108 -1.71 -25.11 -9.11
C LYS D 108 -3.20 -25.35 -9.16
N ASP D 109 -3.62 -26.61 -9.00
CA ASP D 109 -5.05 -26.84 -8.81
C ASP D 109 -5.51 -26.04 -7.59
N PHE D 110 -6.73 -25.54 -7.63
CA PHE D 110 -7.23 -24.62 -6.61
C PHE D 110 -8.62 -25.02 -6.16
N ILE D 111 -8.88 -24.95 -4.85
CA ILE D 111 -10.16 -25.36 -4.27
C ILE D 111 -11.00 -24.09 -4.08
N ILE D 112 -12.19 -24.05 -4.67
CA ILE D 112 -13.13 -22.99 -4.39
C ILE D 112 -13.99 -23.46 -3.22
N GLU D 113 -13.89 -22.76 -2.10
CA GLU D 113 -14.67 -23.05 -0.92
C GLU D 113 -15.76 -22.00 -0.71
N LYS D 114 -16.86 -22.45 -0.11
CA LYS D 114 -17.94 -21.56 0.27
C LYS D 114 -17.42 -20.42 1.13
N GLY D 115 -17.87 -19.21 0.85
CA GLY D 115 -17.40 -18.04 1.56
C GLY D 115 -16.31 -17.27 0.86
N MET D 116 -15.59 -17.90 -0.07
CA MET D 116 -14.51 -17.20 -0.76
C MET D 116 -15.07 -16.13 -1.69
N ARG D 117 -14.41 -14.97 -1.69
CA ARG D 117 -14.71 -13.92 -2.65
C ARG D 117 -14.18 -14.33 -4.01
N ILE D 118 -15.06 -14.37 -5.01
CA ILE D 118 -14.71 -14.98 -6.30
C ILE D 118 -14.90 -14.03 -7.48
N ALA D 119 -15.53 -12.86 -7.29
CA ALA D 119 -15.78 -11.94 -8.39
C ALA D 119 -16.31 -10.63 -7.81
N GLN D 120 -16.34 -9.61 -8.67
CA GLN D 120 -16.84 -8.29 -8.32
C GLN D 120 -18.06 -7.98 -9.17
N MET D 121 -19.02 -7.28 -8.59
CA MET D 121 -20.26 -6.92 -9.29
C MET D 121 -20.38 -5.40 -9.29
N ILE D 122 -20.33 -4.80 -10.47
CA ILE D 122 -20.38 -3.35 -10.65
C ILE D 122 -21.64 -3.02 -11.44
N ILE D 123 -22.45 -2.12 -10.90
CA ILE D 123 -23.69 -1.70 -11.57
C ILE D 123 -23.41 -0.40 -12.32
N ALA D 124 -23.83 -0.36 -13.58
CA ALA D 124 -23.65 0.83 -14.40
C ALA D 124 -24.83 0.96 -15.37
N LYS D 125 -24.99 2.15 -15.91
CA LYS D 125 -26.03 2.36 -16.91
C LYS D 125 -25.52 1.94 -18.28
N TYR D 126 -26.44 1.48 -19.13
CA TYR D 126 -26.12 1.26 -20.53
C TYR D 126 -27.11 2.04 -21.39
N GLU D 127 -26.78 2.17 -22.66
CA GLU D 127 -27.64 2.88 -23.60
CA GLU D 127 -27.64 2.88 -23.60
C GLU D 127 -28.17 1.89 -24.64
N ARG D 128 -29.41 2.14 -25.07
CA ARG D 128 -30.06 1.36 -26.11
C ARG D 128 -29.78 1.98 -27.47
N VAL D 129 -29.25 1.19 -28.37
CA VAL D 129 -28.90 1.68 -29.70
C VAL D 129 -30.10 1.60 -30.61
N LEU D 130 -30.32 2.65 -31.37
CA LEU D 130 -31.15 2.62 -32.57
C LEU D 130 -30.23 2.75 -33.76
N TRP D 131 -30.23 1.75 -34.63
CA TRP D 131 -29.37 1.81 -35.80
C TRP D 131 -29.91 2.81 -36.79
N ALA D 132 -28.99 3.56 -37.41
CA ALA D 132 -29.27 4.42 -38.54
C ALA D 132 -28.37 3.91 -39.65
N GLU D 133 -28.96 3.20 -40.60
CA GLU D 133 -28.15 2.55 -41.62
C GLU D 133 -27.75 3.56 -42.68
N THR D 134 -26.51 3.46 -43.13
CA THR D 134 -26.01 4.35 -44.17
C THR D 134 -25.13 3.52 -45.10
N SER D 135 -24.67 4.17 -46.17
CA SER D 135 -23.69 3.58 -47.06
C SER D 135 -22.35 4.29 -47.00
N ILE D 136 -22.22 5.34 -46.18
CA ILE D 136 -20.99 6.12 -46.06
C ILE D 136 -20.85 6.61 -44.61
N LEU D 137 -19.89 6.06 -43.86
CA LEU D 137 -19.63 6.54 -42.51
C LEU D 137 -18.76 7.79 -42.54
N THR E 6 2.25 -22.49 47.78
CA THR E 6 2.09 -21.53 48.87
C THR E 6 0.74 -20.81 48.80
N ILE E 7 0.00 -20.85 49.91
CA ILE E 7 -1.34 -20.27 49.98
C ILE E 7 -1.30 -19.12 50.96
N ILE E 8 -2.06 -18.07 50.67
CA ILE E 8 -2.16 -16.89 51.53
C ILE E 8 -3.61 -16.68 51.91
N GLU E 9 -3.88 -16.50 53.20
CA GLU E 9 -5.23 -16.27 53.69
C GLU E 9 -5.59 -14.78 53.56
N VAL E 10 -6.74 -14.50 52.96
CA VAL E 10 -7.17 -13.13 52.67
C VAL E 10 -8.58 -12.96 53.23
N LYS E 11 -8.75 -11.95 54.09
CA LYS E 11 -10.07 -11.70 54.65
C LYS E 11 -10.99 -11.10 53.58
N ILE E 12 -12.26 -11.52 53.59
CA ILE E 12 -13.21 -11.11 52.57
C ILE E 12 -14.57 -10.92 53.22
N LYS E 13 -15.30 -9.90 52.78
CA LYS E 13 -16.61 -9.59 53.33
C LYS E 13 -17.64 -9.60 52.20
N LYS E 14 -18.73 -10.33 52.41
CA LYS E 14 -19.87 -10.25 51.50
C LYS E 14 -20.67 -9.01 51.85
N LEU E 15 -20.94 -8.17 50.85
CA LEU E 15 -21.82 -7.03 51.01
C LEU E 15 -23.27 -7.45 50.74
N GLU E 16 -24.20 -6.53 50.96
CA GLU E 16 -25.62 -6.88 50.88
C GLU E 16 -26.00 -7.45 49.52
N ASN E 17 -25.37 -6.98 48.44
CA ASN E 17 -25.76 -7.40 47.10
C ASN E 17 -25.08 -8.70 46.64
N PHE E 18 -24.31 -9.36 47.49
CA PHE E 18 -23.60 -10.56 47.07
C PHE E 18 -24.50 -11.79 47.12
N LEU E 19 -24.26 -12.71 46.17
CA LEU E 19 -24.94 -14.00 46.10
C LEU E 19 -23.94 -15.10 45.76
N GLY E 20 -24.26 -16.32 46.19
CA GLY E 20 -23.50 -17.49 45.81
C GLY E 20 -22.21 -17.67 46.60
N ASN E 21 -21.27 -18.39 45.99
CA ASN E 21 -20.03 -18.69 46.68
C ASN E 21 -19.03 -17.57 46.46
N LEU E 22 -18.08 -17.46 47.40
CA LEU E 22 -16.97 -16.53 47.26
C LEU E 22 -16.20 -16.86 45.98
N PRO E 23 -15.47 -15.87 45.43
CA PRO E 23 -14.76 -16.10 44.16
C PRO E 23 -13.97 -17.39 44.17
N GLU E 24 -14.14 -18.18 43.12
CA GLU E 24 -13.63 -19.52 43.07
C GLU E 24 -12.57 -19.64 41.98
N TYR E 25 -11.56 -20.45 42.27
CA TYR E 25 -10.64 -20.96 41.26
C TYR E 25 -11.28 -22.13 40.52
N ALA E 26 -11.18 -22.12 39.19
CA ALA E 26 -11.75 -23.21 38.41
C ALA E 26 -11.16 -24.56 38.80
N THR E 27 -9.84 -24.64 39.00
CA THR E 27 -9.21 -25.89 39.42
C THR E 27 -8.14 -25.60 40.46
N GLU E 28 -7.55 -26.67 40.99
CA GLU E 28 -6.45 -26.50 41.91
C GLU E 28 -5.21 -25.91 41.25
N HIS E 29 -5.17 -25.80 39.92
CA HIS E 29 -4.03 -25.26 39.21
C HIS E 29 -4.27 -23.89 38.62
N SER E 30 -5.43 -23.28 38.87
CA SER E 30 -5.73 -21.99 38.26
C SER E 30 -4.94 -20.88 38.94
N ALA E 31 -4.53 -19.90 38.14
CA ALA E 31 -3.90 -18.72 38.69
C ALA E 31 -4.91 -17.69 39.20
N GLY E 32 -6.13 -17.69 38.65
CA GLY E 32 -7.08 -16.65 38.96
C GLY E 32 -8.45 -17.20 39.39
N MET E 33 -9.16 -16.39 40.15
CA MET E 33 -10.54 -16.67 40.54
C MET E 33 -11.49 -15.91 39.63
N ASP E 34 -12.63 -16.52 39.35
CA ASP E 34 -13.66 -15.90 38.53
C ASP E 34 -14.46 -14.89 39.36
N LEU E 35 -14.48 -13.63 38.93
CA LEU E 35 -15.35 -12.62 39.53
C LEU E 35 -16.68 -12.63 38.81
N VAL E 36 -17.76 -12.50 39.58
CA VAL E 36 -19.11 -12.69 39.11
C VAL E 36 -19.90 -11.39 39.27
N ALA E 37 -20.67 -11.02 38.26
CA ALA E 37 -21.49 -9.80 38.34
C ALA E 37 -22.55 -9.90 39.44
N ALA E 38 -22.69 -8.83 40.20
CA ALA E 38 -23.67 -8.76 41.28
C ALA E 38 -24.60 -7.57 41.11
N ASN E 39 -24.80 -7.11 39.87
CA ASN E 39 -25.77 -6.04 39.62
C ASN E 39 -27.18 -6.56 39.79
N GLU E 40 -27.98 -5.84 40.60
CA GLU E 40 -29.35 -6.27 40.86
C GLU E 40 -30.21 -6.22 39.61
N GLN E 41 -30.05 -5.19 38.79
CA GLN E 41 -30.79 -5.07 37.54
C GLN E 41 -29.82 -5.25 36.37
N SER E 42 -30.33 -5.86 35.29
CA SER E 42 -29.50 -6.12 34.12
C SER E 42 -28.93 -4.82 33.55
N ILE E 43 -27.66 -4.87 33.17
CA ILE E 43 -26.95 -3.71 32.65
C ILE E 43 -26.63 -3.94 31.19
N THR E 44 -27.05 -3.01 30.34
CA THR E 44 -26.71 -3.07 28.92
C THR E 44 -25.45 -2.25 28.67
N ILE E 45 -24.45 -2.88 28.07
CA ILE E 45 -23.25 -2.19 27.61
C ILE E 45 -23.35 -2.12 26.10
N LYS E 46 -23.74 -0.94 25.61
CA LYS E 46 -23.78 -0.69 24.18
C LYS E 46 -22.37 -0.61 23.61
N VAL E 47 -22.29 -0.74 22.28
CA VAL E 47 -21.01 -0.67 21.58
C VAL E 47 -20.30 0.62 21.95
N GLY E 48 -19.05 0.49 22.39
CA GLY E 48 -18.24 1.63 22.76
C GLY E 48 -18.47 2.15 24.16
N SER E 49 -19.46 1.64 24.88
CA SER E 49 -19.75 2.15 26.22
C SER E 49 -18.89 1.47 27.28
N ILE E 50 -18.75 2.16 28.39
CA ILE E 50 -18.00 1.69 29.54
C ILE E 50 -18.97 1.63 30.71
N GLN E 51 -18.98 0.49 31.43
CA GLN E 51 -19.89 0.34 32.57
C GLN E 51 -19.17 -0.31 33.75
N LEU E 52 -19.43 0.20 34.94
CA LEU E 52 -18.88 -0.33 36.17
C LEU E 52 -19.84 -1.41 36.69
N ILE E 53 -19.32 -2.61 36.91
CA ILE E 53 -20.15 -3.74 37.36
C ILE E 53 -19.75 -4.09 38.79
N PRO E 54 -20.67 -4.06 39.76
CA PRO E 54 -20.32 -4.44 41.12
C PRO E 54 -20.25 -5.95 41.26
N THR E 55 -19.40 -6.40 42.19
CA THR E 55 -19.27 -7.82 42.53
C THR E 55 -19.80 -8.16 43.92
N GLY E 56 -20.10 -7.17 44.76
CA GLY E 56 -20.65 -7.48 46.07
C GLY E 56 -19.63 -8.03 47.06
N ILE E 57 -18.34 -7.87 46.79
CA ILE E 57 -17.33 -8.32 47.75
C ILE E 57 -16.34 -7.21 48.02
N ALA E 58 -15.74 -7.25 49.21
CA ALA E 58 -14.60 -6.43 49.57
C ALA E 58 -13.56 -7.31 50.26
N ILE E 59 -12.29 -7.03 50.00
CA ILE E 59 -11.19 -7.83 50.53
C ILE E 59 -10.19 -6.93 51.24
N ALA E 60 -9.41 -7.52 52.15
CA ALA E 60 -8.35 -6.83 52.88
C ALA E 60 -7.08 -7.63 52.68
N LEU E 61 -6.32 -7.27 51.66
CA LEU E 61 -5.12 -8.00 51.30
C LEU E 61 -4.00 -7.79 52.33
N PRO E 62 -3.17 -8.81 52.55
CA PRO E 62 -1.99 -8.61 53.40
C PRO E 62 -0.98 -7.72 52.70
N GLU E 63 -0.10 -7.13 53.49
CA GLU E 63 0.93 -6.26 52.96
C GLU E 63 1.76 -6.99 51.92
N SER E 64 2.09 -6.27 50.84
CA SER E 64 2.95 -6.68 49.72
C SER E 64 2.28 -7.67 48.78
N PHE E 65 1.01 -8.01 48.98
CA PHE E 65 0.21 -8.76 48.02
C PHE E 65 -0.81 -7.83 47.36
N GLU E 66 -1.03 -8.04 46.07
CA GLU E 66 -2.01 -7.31 45.28
C GLU E 66 -2.92 -8.30 44.60
N ALA E 67 -4.15 -7.87 44.32
CA ALA E 67 -5.05 -8.62 43.47
C ALA E 67 -5.16 -7.87 42.15
N GLN E 68 -4.91 -8.59 41.06
CA GLN E 68 -5.01 -8.04 39.71
C GLN E 68 -6.35 -8.43 39.10
N ILE E 69 -7.09 -7.44 38.61
CA ILE E 69 -8.36 -7.69 37.92
C ILE E 69 -8.04 -7.72 36.43
N ARG E 70 -8.18 -8.89 35.81
CA ARG E 70 -7.81 -9.11 34.43
C ARG E 70 -9.03 -9.54 33.62
N PRO E 71 -8.99 -9.37 32.31
CA PRO E 71 -10.13 -9.79 31.48
C PRO E 71 -10.30 -11.30 31.47
N ARG E 72 -11.56 -11.72 31.47
CA ARG E 72 -11.90 -13.09 31.16
C ARG E 72 -11.85 -13.30 29.66
N SER E 73 -11.07 -14.29 29.21
CA SER E 73 -10.71 -14.38 27.81
C SER E 73 -11.92 -14.61 26.91
N GLY E 74 -12.80 -15.55 27.29
CA GLY E 74 -13.94 -15.89 26.45
C GLY E 74 -14.86 -14.71 26.17
N LEU E 75 -15.10 -13.88 27.19
CA LEU E 75 -15.94 -12.70 26.99
CA LEU E 75 -15.93 -12.69 27.00
C LEU E 75 -15.34 -11.75 25.96
N ALA E 76 -14.02 -11.60 25.97
CA ALA E 76 -13.39 -10.73 24.98
C ALA E 76 -13.43 -11.36 23.60
N VAL E 77 -13.10 -12.66 23.52
CA VAL E 77 -13.07 -13.36 22.24
C VAL E 77 -14.46 -13.40 21.61
N LYS E 78 -15.48 -13.71 22.41
CA LYS E 78 -16.80 -13.91 21.83
C LYS E 78 -17.58 -12.61 21.67
N HIS E 79 -17.36 -11.62 22.53
CA HIS E 79 -18.19 -10.43 22.53
C HIS E 79 -17.44 -9.10 22.49
N GLY E 80 -16.11 -9.11 22.44
CA GLY E 80 -15.39 -7.85 22.50
C GLY E 80 -15.50 -7.11 23.81
N ILE E 81 -16.01 -7.76 24.85
CA ILE E 81 -16.15 -7.17 26.18
C ILE E 81 -14.84 -7.39 26.94
N THR E 82 -14.22 -6.32 27.42
CA THR E 82 -12.99 -6.45 28.18
C THR E 82 -12.97 -5.46 29.33
N VAL E 83 -11.89 -5.50 30.12
CA VAL E 83 -11.73 -4.64 31.29
C VAL E 83 -11.04 -3.36 30.83
N ALA E 84 -11.73 -2.21 31.02
CA ALA E 84 -11.28 -0.97 30.40
C ALA E 84 -10.04 -0.39 31.07
N ASN E 85 -9.84 -0.69 32.36
CA ASN E 85 -8.69 -0.23 33.11
C ASN E 85 -7.73 -1.37 33.45
N SER E 86 -7.62 -2.34 32.55
CA SER E 86 -6.87 -3.56 32.84
C SER E 86 -5.37 -3.32 32.81
N PRO E 87 -4.61 -3.94 33.73
CA PRO E 87 -5.16 -4.73 34.83
C PRO E 87 -5.51 -3.84 36.01
N GLY E 88 -6.67 -4.07 36.63
CA GLY E 88 -6.99 -3.33 37.84
C GLY E 88 -6.13 -3.78 39.00
N THR E 89 -5.74 -2.81 39.84
CA THR E 89 -4.85 -3.05 40.98
C THR E 89 -5.65 -2.90 42.26
N ILE E 90 -5.85 -4.00 42.98
CA ILE E 90 -6.38 -3.96 44.34
C ILE E 90 -5.22 -4.24 45.28
N ASP E 91 -4.96 -3.32 46.21
CA ASP E 91 -3.92 -3.51 47.21
C ASP E 91 -4.52 -3.40 48.62
N ALA E 92 -3.64 -3.39 49.62
CA ALA E 92 -4.07 -3.43 51.01
C ALA E 92 -4.85 -2.18 51.41
N ASP E 93 -4.72 -1.07 50.67
CA ASP E 93 -5.49 0.11 51.03
C ASP E 93 -6.95 0.01 50.63
N TYR E 94 -7.25 -0.67 49.52
CA TYR E 94 -8.62 -0.69 49.01
C TYR E 94 -9.40 -1.81 49.68
N ARG E 95 -10.20 -1.45 50.67
CA ARG E 95 -11.10 -2.38 51.33
C ARG E 95 -12.55 -2.08 51.03
N GLY E 96 -12.82 -1.40 49.91
CA GLY E 96 -14.16 -1.16 49.45
C GLY E 96 -14.62 -2.24 48.49
N GLU E 97 -15.85 -2.08 48.00
CA GLU E 97 -16.38 -3.07 47.06
C GLU E 97 -15.55 -3.12 45.80
N ILE E 98 -15.23 -4.33 45.38
CA ILE E 98 -14.57 -4.54 44.10
C ILE E 98 -15.58 -4.40 42.99
N LYS E 99 -15.29 -3.53 42.01
CA LYS E 99 -16.15 -3.26 40.87
C LYS E 99 -15.33 -3.39 39.60
N VAL E 100 -15.91 -4.01 38.58
CA VAL E 100 -15.21 -4.27 37.33
C VAL E 100 -15.62 -3.25 36.26
N LEU E 101 -14.64 -2.53 35.70
CA LEU E 101 -14.93 -1.54 34.67
C LEU E 101 -14.84 -2.24 33.32
N LEU E 102 -15.98 -2.49 32.71
CA LEU E 102 -16.04 -3.18 31.44
C LEU E 102 -16.25 -2.18 30.33
N ILE E 103 -15.67 -2.48 29.17
CA ILE E 103 -15.91 -1.73 27.95
C ILE E 103 -16.32 -2.72 26.88
N ASN E 104 -17.29 -2.33 26.06
CA ASN E 104 -17.76 -3.12 24.92
C ASN E 104 -17.02 -2.59 23.70
N LEU E 105 -15.98 -3.31 23.28
CA LEU E 105 -15.26 -3.01 22.05
C LEU E 105 -15.65 -3.94 20.91
N GLY E 106 -16.73 -4.69 21.09
CA GLY E 106 -17.25 -5.56 20.06
C GLY E 106 -18.17 -4.80 19.14
N ASN E 107 -19.02 -5.55 18.43
CA ASN E 107 -19.90 -4.95 17.43
C ASN E 107 -21.39 -5.12 17.72
N LYS E 108 -21.76 -5.72 18.85
CA LYS E 108 -23.15 -5.82 19.27
C LYS E 108 -23.28 -5.39 20.72
N ASP E 109 -24.41 -4.77 21.04
CA ASP E 109 -24.73 -4.48 22.43
C ASP E 109 -24.74 -5.77 23.24
N PHE E 110 -24.32 -5.70 24.51
CA PHE E 110 -24.21 -6.87 25.37
C PHE E 110 -24.80 -6.56 26.74
N ILE E 111 -25.59 -7.51 27.26
CA ILE E 111 -26.27 -7.36 28.54
C ILE E 111 -25.49 -8.13 29.61
N ILE E 112 -25.13 -7.44 30.67
CA ILE E 112 -24.51 -8.08 31.84
C ILE E 112 -25.61 -8.46 32.81
N GLU E 113 -25.76 -9.76 33.05
CA GLU E 113 -26.73 -10.30 33.99
C GLU E 113 -26.03 -10.72 35.28
N LYS E 114 -26.74 -10.59 36.38
CA LYS E 114 -26.24 -11.07 37.65
C LYS E 114 -25.87 -12.55 37.54
N GLY E 115 -24.72 -12.93 38.08
CA GLY E 115 -24.25 -14.29 37.98
C GLY E 115 -23.26 -14.56 36.85
N MET E 116 -23.14 -13.65 35.89
CA MET E 116 -22.22 -13.85 34.79
CA MET E 116 -22.22 -13.85 34.79
C MET E 116 -20.79 -13.66 35.26
N ARG E 117 -19.89 -14.49 34.74
CA ARG E 117 -18.46 -14.33 35.03
C ARG E 117 -17.94 -13.20 34.16
N ILE E 118 -17.35 -12.19 34.80
CA ILE E 118 -17.05 -10.94 34.11
C ILE E 118 -15.58 -10.58 34.13
N ALA E 119 -14.75 -11.24 34.95
CA ALA E 119 -13.33 -10.91 35.06
C ALA E 119 -12.63 -11.99 35.91
N GLN E 120 -11.30 -11.91 35.91
CA GLN E 120 -10.44 -12.83 36.66
CA GLN E 120 -10.44 -12.83 36.66
C GLN E 120 -9.64 -12.05 37.68
N MET E 121 -9.47 -12.63 38.87
CA MET E 121 -8.69 -12.00 39.94
C MET E 121 -7.49 -12.87 40.27
N ILE E 122 -6.29 -12.34 40.03
CA ILE E 122 -5.04 -13.08 40.26
C ILE E 122 -4.29 -12.32 41.36
N ILE E 123 -3.90 -13.04 42.42
CA ILE E 123 -3.17 -12.45 43.54
C ILE E 123 -1.69 -12.74 43.36
N ALA E 124 -0.85 -11.72 43.51
CA ALA E 124 0.59 -11.90 43.38
C ALA E 124 1.29 -10.92 44.31
N LYS E 125 2.57 -11.16 44.53
CA LYS E 125 3.40 -10.25 45.31
C LYS E 125 3.90 -9.10 44.45
N TYR E 126 4.11 -7.96 45.09
CA TYR E 126 4.80 -6.84 44.49
C TYR E 126 5.91 -6.38 45.43
N GLU E 127 6.82 -5.55 44.91
CA GLU E 127 7.92 -5.02 45.69
C GLU E 127 7.74 -3.54 45.94
N ARG E 128 8.29 -3.05 47.04
CA ARG E 128 8.31 -1.62 47.33
C ARG E 128 9.61 -1.01 46.81
N VAL E 129 9.48 0.02 45.99
CA VAL E 129 10.64 0.67 45.40
C VAL E 129 11.17 1.74 46.36
N LEU E 130 12.48 1.77 46.50
CA LEU E 130 13.20 2.89 47.09
C LEU E 130 13.97 3.56 45.96
N TRP E 131 13.66 4.83 45.69
CA TRP E 131 14.37 5.53 44.62
C TRP E 131 15.78 5.91 45.05
N ALA E 132 16.72 5.76 44.13
CA ALA E 132 18.08 6.27 44.26
C ALA E 132 18.34 7.15 43.03
N GLU E 133 18.35 8.46 43.24
CA GLU E 133 18.44 9.39 42.13
C GLU E 133 19.88 9.44 41.62
N THR E 134 20.05 9.39 40.31
CA THR E 134 21.38 9.40 39.72
C THR E 134 21.38 10.28 38.48
N SER E 135 22.57 10.61 38.02
CA SER E 135 22.76 11.42 36.83
C SER E 135 23.11 10.59 35.60
N ILE E 136 23.75 9.43 35.79
CA ILE E 136 24.08 8.51 34.73
C ILE E 136 23.41 7.17 35.03
N LEU E 137 22.76 6.59 34.04
CA LEU E 137 22.14 5.26 34.22
C LEU E 137 23.09 4.11 33.82
N THR F 6 30.53 -47.19 5.73
CA THR F 6 30.40 -46.15 6.73
C THR F 6 29.02 -45.50 6.67
N ILE F 7 28.29 -45.53 7.80
CA ILE F 7 26.92 -45.05 7.88
C ILE F 7 26.87 -43.89 8.87
N ILE F 8 26.06 -42.88 8.55
CA ILE F 8 25.87 -41.73 9.42
C ILE F 8 24.38 -41.63 9.76
N GLU F 9 24.07 -41.51 11.04
CA GLU F 9 22.69 -41.38 11.46
C GLU F 9 22.28 -39.92 11.35
N VAL F 10 21.15 -39.66 10.71
CA VAL F 10 20.70 -38.30 10.45
C VAL F 10 19.25 -38.17 10.93
N LYS F 11 19.02 -37.22 11.83
CA LYS F 11 17.67 -37.00 12.36
C LYS F 11 16.77 -36.39 11.28
N ILE F 12 15.52 -36.83 11.24
CA ILE F 12 14.59 -36.38 10.21
C ILE F 12 13.20 -36.26 10.82
N LYS F 13 12.45 -35.22 10.43
CA LYS F 13 11.11 -34.95 10.92
C LYS F 13 10.15 -34.91 9.74
N LYS F 14 9.04 -35.65 9.86
CA LYS F 14 7.96 -35.59 8.88
C LYS F 14 7.08 -34.38 9.15
N LEU F 15 6.83 -33.59 8.12
CA LEU F 15 5.86 -32.51 8.21
C LEU F 15 4.48 -33.04 7.82
N GLU F 16 3.47 -32.18 8.01
CA GLU F 16 2.08 -32.60 7.83
C GLU F 16 1.80 -33.13 6.44
N ASN F 17 2.47 -32.60 5.41
CA ASN F 17 2.18 -33.00 4.04
C ASN F 17 2.94 -34.27 3.61
N PHE F 18 3.69 -34.89 4.51
CA PHE F 18 4.49 -36.05 4.11
C PHE F 18 3.64 -37.31 4.03
N LEU F 19 3.96 -38.16 3.06
CA LEU F 19 3.30 -39.45 2.85
C LEU F 19 4.35 -40.51 2.54
N GLY F 20 4.02 -41.76 2.87
CA GLY F 20 4.87 -42.87 2.48
C GLY F 20 6.08 -43.05 3.40
N ASN F 21 7.13 -43.64 2.84
CA ASN F 21 8.34 -43.94 3.59
C ASN F 21 9.30 -42.75 3.51
N LEU F 22 10.18 -42.66 4.50
CA LEU F 22 11.25 -41.66 4.46
C LEU F 22 12.10 -41.89 3.21
N PRO F 23 12.80 -40.84 2.74
CA PRO F 23 13.54 -40.96 1.47
C PRO F 23 14.38 -42.22 1.44
N GLU F 24 14.27 -42.98 0.35
CA GLU F 24 14.83 -44.32 0.27
C GLU F 24 15.93 -44.42 -0.78
N TYR F 25 16.95 -45.19 -0.46
CA TYR F 25 17.92 -45.63 -1.46
C TYR F 25 17.30 -46.75 -2.28
N ALA F 26 17.42 -46.67 -3.60
CA ALA F 26 16.86 -47.74 -4.42
C ALA F 26 17.45 -49.10 -4.03
N THR F 27 18.77 -49.16 -3.81
CA THR F 27 19.41 -50.40 -3.36
C THR F 27 20.45 -50.09 -2.29
N GLU F 28 21.04 -51.15 -1.73
CA GLU F 28 22.12 -50.99 -0.75
C GLU F 28 23.39 -50.41 -1.37
N HIS F 29 23.46 -50.30 -2.69
CA HIS F 29 24.63 -49.76 -3.37
C HIS F 29 24.40 -48.39 -3.96
N SER F 30 23.24 -47.78 -3.73
CA SER F 30 22.92 -46.49 -4.30
C SER F 30 23.64 -45.37 -3.56
N ALA F 31 24.07 -44.36 -4.30
CA ALA F 31 24.66 -43.19 -3.66
C ALA F 31 23.60 -42.21 -3.17
N GLY F 32 22.42 -42.18 -3.77
CA GLY F 32 21.44 -41.16 -3.45
C GLY F 32 20.09 -41.74 -3.08
N MET F 33 19.34 -40.98 -2.29
CA MET F 33 17.95 -41.30 -1.95
C MET F 33 17.01 -40.52 -2.85
N ASP F 34 15.89 -41.15 -3.19
CA ASP F 34 14.87 -40.54 -4.04
C ASP F 34 14.00 -39.60 -3.23
N LEU F 35 13.99 -38.32 -3.60
CA LEU F 35 13.08 -37.37 -2.99
C LEU F 35 11.75 -37.39 -3.73
N VAL F 36 10.67 -37.32 -2.98
CA VAL F 36 9.32 -37.50 -3.51
C VAL F 36 8.54 -36.19 -3.34
N ALA F 37 7.79 -35.82 -4.36
CA ALA F 37 6.95 -34.61 -4.30
C ALA F 37 5.85 -34.77 -3.25
N ALA F 38 5.66 -33.74 -2.44
CA ALA F 38 4.62 -33.74 -1.40
C ALA F 38 3.69 -32.53 -1.53
N ASN F 39 3.53 -32.00 -2.73
CA ASN F 39 2.56 -30.91 -2.94
C ASN F 39 1.15 -31.46 -2.81
N GLU F 40 0.33 -30.78 -1.99
CA GLU F 40 -1.03 -31.24 -1.79
C GLU F 40 -1.85 -31.15 -3.07
N GLN F 41 -1.65 -30.09 -3.85
CA GLN F 41 -2.33 -29.91 -5.12
C GLN F 41 -1.35 -30.03 -6.28
N SER F 42 -1.83 -30.59 -7.39
CA SER F 42 -1.02 -30.75 -8.59
C SER F 42 -0.49 -29.40 -9.06
N ILE F 43 0.80 -29.41 -9.43
CA ILE F 43 1.52 -28.22 -9.87
C ILE F 43 1.89 -28.42 -11.33
N THR F 44 1.50 -27.47 -12.17
CA THR F 44 1.92 -27.47 -13.56
C THR F 44 3.17 -26.61 -13.71
N ILE F 45 4.21 -27.20 -14.30
CA ILE F 45 5.42 -26.45 -14.68
C ILE F 45 5.38 -26.32 -16.20
N LYS F 46 4.98 -25.16 -16.68
CA LYS F 46 4.95 -24.87 -18.10
C LYS F 46 6.37 -24.76 -18.64
N VAL F 47 6.49 -24.87 -19.97
CA VAL F 47 7.80 -24.77 -20.61
C VAL F 47 8.53 -23.51 -20.17
N GLY F 48 9.76 -23.67 -19.70
CA GLY F 48 10.59 -22.56 -19.25
C GLY F 48 10.31 -22.08 -17.85
N SER F 49 9.33 -22.63 -17.15
CA SER F 49 8.99 -22.18 -15.80
C SER F 49 9.84 -22.88 -14.74
N ILE F 50 9.96 -22.20 -13.62
CA ILE F 50 10.68 -22.67 -12.45
C ILE F 50 9.67 -22.79 -11.32
N GLN F 51 9.62 -23.95 -10.66
CA GLN F 51 8.67 -24.18 -9.57
C GLN F 51 9.37 -24.88 -8.43
N LEU F 52 9.13 -24.38 -7.22
CA LEU F 52 9.58 -25.02 -6.00
C LEU F 52 8.61 -26.13 -5.62
N ILE F 53 9.11 -27.33 -5.34
CA ILE F 53 8.25 -28.45 -4.97
C ILE F 53 8.59 -28.90 -3.54
N PRO F 54 7.64 -28.90 -2.61
CA PRO F 54 7.95 -29.36 -1.25
C PRO F 54 8.06 -30.87 -1.16
N THR F 55 8.88 -31.34 -0.19
CA THR F 55 9.04 -32.77 0.09
C THR F 55 8.46 -33.19 1.44
N GLY F 56 8.07 -32.24 2.28
CA GLY F 56 7.45 -32.63 3.52
C GLY F 56 8.40 -33.16 4.57
N ILE F 57 9.70 -32.93 4.41
CA ILE F 57 10.66 -33.37 5.42
C ILE F 57 11.57 -32.22 5.79
N ALA F 58 12.10 -32.30 7.02
CA ALA F 58 13.19 -31.46 7.48
C ALA F 58 14.23 -32.36 8.16
N ILE F 59 15.51 -32.06 7.94
CA ILE F 59 16.60 -32.89 8.45
C ILE F 59 17.59 -32.04 9.22
N ALA F 60 18.39 -32.70 10.06
CA ALA F 60 19.44 -32.04 10.83
C ALA F 60 20.76 -32.73 10.53
N LEU F 61 21.48 -32.25 9.52
CA LEU F 61 22.72 -32.91 9.17
C LEU F 61 23.75 -32.63 10.25
N PRO F 62 24.61 -33.61 10.56
CA PRO F 62 25.73 -33.33 11.45
C PRO F 62 26.78 -32.47 10.77
N GLU F 63 27.58 -31.80 11.59
CA GLU F 63 28.64 -30.93 11.09
C GLU F 63 29.61 -31.71 10.20
N SER F 64 30.02 -31.07 9.10
CA SER F 64 30.95 -31.52 8.07
C SER F 64 30.27 -32.40 7.02
N PHE F 65 28.98 -32.68 7.18
CA PHE F 65 28.20 -33.41 6.20
C PHE F 65 27.25 -32.45 5.50
N GLU F 66 27.05 -32.67 4.20
CA GLU F 66 26.11 -31.90 3.41
C GLU F 66 25.20 -32.86 2.67
N ALA F 67 24.00 -32.41 2.38
CA ALA F 67 23.11 -33.15 1.48
C ALA F 67 23.05 -32.41 0.16
N GLN F 68 23.35 -33.11 -0.93
CA GLN F 68 23.29 -32.54 -2.27
C GLN F 68 21.98 -32.95 -2.92
N ILE F 69 21.23 -31.96 -3.40
CA ILE F 69 20.01 -32.20 -4.15
C ILE F 69 20.37 -32.20 -5.63
N ARG F 70 20.29 -33.36 -6.26
CA ARG F 70 20.72 -33.53 -7.65
C ARG F 70 19.56 -33.96 -8.52
N PRO F 71 19.66 -33.75 -9.84
CA PRO F 71 18.56 -34.14 -10.72
C PRO F 71 18.38 -35.64 -10.78
N ARG F 72 17.12 -36.06 -10.81
CA ARG F 72 16.78 -37.43 -11.15
C ARG F 72 16.91 -37.58 -12.65
N SER F 73 17.73 -38.54 -13.08
CA SER F 73 18.18 -38.59 -14.47
C SER F 73 17.03 -38.84 -15.44
N GLY F 74 16.17 -39.83 -15.14
CA GLY F 74 15.09 -40.15 -16.07
C GLY F 74 14.15 -38.99 -16.32
N LEU F 75 13.95 -38.15 -15.31
CA LEU F 75 13.06 -37.01 -15.45
C LEU F 75 13.63 -35.99 -16.43
N ALA F 76 14.95 -35.79 -16.40
CA ALA F 76 15.60 -34.89 -17.34
C ALA F 76 15.62 -35.48 -18.74
N VAL F 77 15.97 -36.76 -18.86
CA VAL F 77 16.08 -37.41 -20.16
C VAL F 77 14.73 -37.42 -20.88
N LYS F 78 13.66 -37.77 -20.16
CA LYS F 78 12.35 -37.97 -20.74
C LYS F 78 11.53 -36.69 -20.85
N HIS F 79 11.74 -35.73 -19.96
CA HIS F 79 10.85 -34.57 -19.95
C HIS F 79 11.59 -33.24 -19.93
N GLY F 80 12.92 -33.23 -19.92
CA GLY F 80 13.63 -31.99 -19.82
C GLY F 80 13.40 -31.27 -18.52
N ILE F 81 12.92 -31.98 -17.51
CA ILE F 81 12.73 -31.42 -16.17
C ILE F 81 14.01 -31.65 -15.38
N THR F 82 14.56 -30.58 -14.79
CA THR F 82 15.77 -30.75 -14.00
C THR F 82 15.76 -29.77 -12.82
N VAL F 83 16.83 -29.82 -12.03
CA VAL F 83 16.94 -28.99 -10.83
C VAL F 83 17.62 -27.68 -11.20
N ALA F 84 16.92 -26.56 -10.98
CA ALA F 84 17.38 -25.28 -11.51
C ALA F 84 18.57 -24.73 -10.75
N ASN F 85 18.74 -25.09 -9.47
CA ASN F 85 19.85 -24.64 -8.66
C ASN F 85 20.79 -25.79 -8.32
N SER F 86 20.96 -26.73 -9.24
CA SER F 86 21.68 -27.97 -8.99
C SER F 86 23.19 -27.71 -8.98
N PRO F 87 23.93 -28.35 -8.07
CA PRO F 87 23.32 -29.18 -7.03
C PRO F 87 22.90 -28.31 -5.85
N GLY F 88 21.70 -28.55 -5.31
CA GLY F 88 21.30 -27.83 -4.12
C GLY F 88 22.12 -28.29 -2.93
N THR F 89 22.44 -27.34 -2.05
CA THR F 89 23.30 -27.59 -0.89
C THR F 89 22.49 -27.46 0.39
N ILE F 90 22.33 -28.55 1.13
CA ILE F 90 21.76 -28.52 2.48
C ILE F 90 22.89 -28.75 3.48
N ASP F 91 23.03 -27.85 4.45
CA ASP F 91 24.06 -28.01 5.46
C ASP F 91 23.43 -28.14 6.85
N ALA F 92 24.31 -28.20 7.87
CA ALA F 92 23.89 -28.44 9.24
C ALA F 92 23.04 -27.30 9.81
N ASP F 93 23.10 -26.11 9.22
CA ASP F 93 22.29 -24.98 9.67
C ASP F 93 20.83 -25.08 9.24
N TYR F 94 20.53 -25.83 8.19
CA TYR F 94 19.20 -25.74 7.59
C TYR F 94 18.19 -26.57 8.36
N ARG F 95 17.10 -25.93 8.78
CA ARG F 95 16.04 -26.59 9.52
C ARG F 95 14.67 -26.39 8.90
N GLY F 96 14.58 -25.81 7.71
CA GLY F 96 13.31 -25.66 7.06
C GLY F 96 12.98 -26.90 6.24
N GLU F 97 11.79 -26.85 5.64
CA GLU F 97 11.35 -27.93 4.77
C GLU F 97 12.24 -27.99 3.56
N ILE F 98 12.68 -29.20 3.20
CA ILE F 98 13.45 -29.36 1.98
C ILE F 98 12.53 -29.23 0.78
N LYS F 99 12.88 -28.34 -0.13
CA LYS F 99 12.11 -28.09 -1.33
C LYS F 99 13.01 -28.17 -2.56
N VAL F 100 12.50 -28.76 -3.63
CA VAL F 100 13.27 -28.97 -4.85
C VAL F 100 12.85 -27.91 -5.86
N LEU F 101 13.81 -27.14 -6.36
CA LEU F 101 13.54 -26.11 -7.36
C LEU F 101 13.66 -26.74 -8.73
N LEU F 102 12.55 -27.00 -9.37
CA LEU F 102 12.54 -27.64 -10.68
C LEU F 102 12.34 -26.60 -11.78
N ILE F 103 12.96 -26.85 -12.93
CA ILE F 103 12.75 -26.04 -14.12
C ILE F 103 12.38 -26.96 -15.28
N ASN F 104 11.45 -26.52 -16.11
CA ASN F 104 11.02 -27.29 -17.28
C ASN F 104 11.82 -26.78 -18.47
N LEU F 105 12.86 -27.52 -18.85
CA LEU F 105 13.61 -27.19 -20.05
C LEU F 105 13.20 -28.08 -21.21
N GLY F 106 12.07 -28.78 -21.08
CA GLY F 106 11.53 -29.61 -22.14
C GLY F 106 10.67 -28.81 -23.10
N ASN F 107 9.90 -29.53 -23.91
CA ASN F 107 9.04 -28.90 -24.90
C ASN F 107 7.56 -29.06 -24.60
N LYS F 108 7.19 -29.69 -23.49
CA LYS F 108 5.80 -29.82 -23.08
C LYS F 108 5.65 -29.44 -21.62
N ASP F 109 4.52 -28.79 -21.30
CA ASP F 109 4.16 -28.57 -19.91
C ASP F 109 4.12 -29.91 -19.19
N PHE F 110 4.49 -29.92 -17.93
CA PHE F 110 4.58 -31.15 -17.14
C PHE F 110 3.92 -30.92 -15.79
N ILE F 111 3.12 -31.89 -15.35
CA ILE F 111 2.38 -31.81 -14.09
C ILE F 111 3.13 -32.59 -13.02
N ILE F 112 3.47 -31.92 -11.92
CA ILE F 112 4.05 -32.58 -10.76
C ILE F 112 2.92 -33.00 -9.82
N GLU F 113 2.77 -34.32 -9.64
CA GLU F 113 1.79 -34.91 -8.73
C GLU F 113 2.49 -35.41 -7.49
N LYS F 114 1.81 -35.34 -6.35
CA LYS F 114 2.38 -35.91 -5.12
C LYS F 114 2.69 -37.39 -5.31
N GLY F 115 3.85 -37.81 -4.80
CA GLY F 115 4.33 -39.17 -4.96
C GLY F 115 5.37 -39.33 -6.06
N MET F 116 5.43 -38.40 -7.02
CA MET F 116 6.43 -38.46 -8.06
C MET F 116 7.82 -38.27 -7.49
N ARG F 117 8.75 -39.09 -7.96
CA ARG F 117 10.16 -38.94 -7.63
C ARG F 117 10.69 -37.76 -8.44
N ILE F 118 11.25 -36.76 -7.76
CA ILE F 118 11.57 -35.48 -8.39
C ILE F 118 13.03 -35.10 -8.28
N ALA F 119 13.84 -35.78 -7.46
CA ALA F 119 15.25 -35.43 -7.27
C ALA F 119 15.91 -36.50 -6.42
N GLN F 120 17.24 -36.46 -6.40
CA GLN F 120 18.07 -37.36 -5.60
C GLN F 120 18.79 -36.57 -4.51
N MET F 121 18.98 -37.21 -3.36
CA MET F 121 19.69 -36.59 -2.24
C MET F 121 20.90 -37.44 -1.90
N ILE F 122 22.09 -36.87 -2.07
CA ILE F 122 23.35 -37.57 -1.84
C ILE F 122 24.03 -36.85 -0.70
N ILE F 123 24.41 -37.60 0.34
CA ILE F 123 25.09 -37.00 1.49
C ILE F 123 26.58 -37.26 1.34
N ALA F 124 27.39 -36.21 1.53
CA ALA F 124 28.84 -36.33 1.44
C ALA F 124 29.48 -35.42 2.48
N LYS F 125 30.76 -35.66 2.74
CA LYS F 125 31.52 -34.80 3.63
C LYS F 125 32.08 -33.63 2.84
N TYR F 126 32.24 -32.50 3.52
CA TYR F 126 32.96 -31.36 2.97
C TYR F 126 34.06 -30.93 3.94
N GLU F 127 34.98 -30.12 3.44
CA GLU F 127 36.11 -29.63 4.21
C GLU F 127 35.96 -28.14 4.43
N ARG F 128 36.27 -27.68 5.64
CA ARG F 128 36.25 -26.25 5.98
C ARG F 128 37.58 -25.62 5.63
N VAL F 129 37.53 -24.56 4.82
CA VAL F 129 38.75 -23.90 4.36
C VAL F 129 39.17 -22.84 5.36
N LEU F 130 40.46 -22.79 5.65
CA LEU F 130 41.08 -21.62 6.25
C LEU F 130 41.96 -20.97 5.19
N TRP F 131 41.65 -19.71 4.85
CA TRP F 131 42.43 -19.01 3.85
C TRP F 131 43.80 -18.63 4.39
N ALA F 132 44.80 -18.77 3.54
CA ALA F 132 46.14 -18.24 3.79
C ALA F 132 46.44 -17.32 2.61
N GLU F 133 46.38 -16.02 2.84
CA GLU F 133 46.54 -15.07 1.75
C GLU F 133 48.00 -14.89 1.39
N THR F 134 48.27 -14.83 0.10
CA THR F 134 49.63 -14.65 -0.41
C THR F 134 49.55 -13.86 -1.71
N SER F 135 50.71 -13.44 -2.20
CA SER F 135 50.76 -12.75 -3.49
C SER F 135 51.35 -13.62 -4.61
N ILE F 136 51.92 -14.79 -4.29
CA ILE F 136 52.48 -15.69 -5.29
C ILE F 136 52.02 -17.10 -4.98
N LEU F 137 51.49 -17.80 -6.00
CA LEU F 137 51.01 -19.17 -5.84
C LEU F 137 52.03 -20.21 -6.34
N THR G 6 9.33 -6.00 51.94
CA THR G 6 10.51 -6.20 51.12
C THR G 6 10.70 -5.02 50.16
N ILE G 7 11.87 -4.38 50.21
CA ILE G 7 12.12 -3.15 49.46
C ILE G 7 13.29 -3.38 48.50
N ILE G 8 13.17 -2.82 47.29
CA ILE G 8 14.19 -2.90 46.26
C ILE G 8 14.60 -1.48 45.85
N GLU G 9 15.90 -1.24 45.78
CA GLU G 9 16.45 0.05 45.35
C GLU G 9 16.53 0.10 43.83
N VAL G 10 16.07 1.20 43.24
CA VAL G 10 16.04 1.35 41.78
C VAL G 10 16.63 2.70 41.42
N LYS G 11 17.60 2.70 40.52
CA LYS G 11 18.20 3.96 40.08
C LYS G 11 17.24 4.71 39.17
N ILE G 12 17.22 6.04 39.31
CA ILE G 12 16.27 6.84 38.56
C ILE G 12 16.93 8.17 38.21
N LYS G 13 16.69 8.63 36.99
CA LYS G 13 17.26 9.87 36.49
C LYS G 13 16.15 10.82 36.09
N LYS G 14 16.22 12.05 36.56
CA LYS G 14 15.33 13.12 36.12
C LYS G 14 15.82 13.67 34.79
N LEU G 15 14.95 13.70 33.80
CA LEU G 15 15.25 14.30 32.51
C LEU G 15 14.91 15.79 32.52
N GLU G 16 15.25 16.47 31.41
CA GLU G 16 15.12 17.93 31.35
C GLU G 16 13.70 18.39 31.60
N ASN G 17 12.70 17.60 31.17
CA ASN G 17 11.30 17.99 31.28
C ASN G 17 10.69 17.61 32.63
N PHE G 18 11.48 17.08 33.57
CA PHE G 18 10.91 16.63 34.83
C PHE G 18 10.69 17.78 35.81
N LEU G 19 9.58 17.69 36.56
CA LEU G 19 9.24 18.66 37.60
C LEU G 19 8.65 17.93 38.80
N GLY G 20 8.79 18.53 39.97
CA GLY G 20 8.13 17.99 41.14
C GLY G 20 8.90 16.83 41.74
N ASN G 21 8.17 15.95 42.43
CA ASN G 21 8.78 14.83 43.14
C ASN G 21 8.84 13.58 42.26
N LEU G 22 9.78 12.70 42.61
CA LEU G 22 9.83 11.38 42.02
C LEU G 22 8.54 10.63 42.30
N PRO G 23 8.19 9.65 41.47
CA PRO G 23 6.92 8.91 41.65
C PRO G 23 6.75 8.40 43.07
N GLU G 24 5.56 8.63 43.62
CA GLU G 24 5.28 8.35 45.03
C GLU G 24 4.21 7.27 45.17
N TYR G 25 4.37 6.46 46.22
CA TYR G 25 3.29 5.61 46.68
C TYR G 25 2.31 6.46 47.49
N ALA G 26 1.01 6.30 47.23
CA ALA G 26 0.01 7.07 47.95
C ALA G 26 0.09 6.85 49.45
N THR G 27 0.24 5.60 49.88
CA THR G 27 0.39 5.28 51.30
C THR G 27 1.48 4.24 51.44
N GLU G 28 1.80 3.90 52.70
CA GLU G 28 2.76 2.82 52.95
C GLU G 28 2.24 1.46 52.52
N HIS G 29 0.97 1.35 52.15
CA HIS G 29 0.36 0.11 51.75
C HIS G 29 0.06 0.03 50.25
N SER G 30 0.42 1.04 49.46
CA SER G 30 0.07 1.07 48.04
C SER G 30 0.96 0.15 47.22
N ALA G 31 0.36 -0.49 46.21
CA ALA G 31 1.11 -1.36 45.31
C ALA G 31 1.83 -0.59 44.22
N GLY G 32 1.32 0.59 43.84
CA GLY G 32 1.85 1.30 42.69
C GLY G 32 2.17 2.74 43.02
N MET G 33 3.07 3.30 42.21
CA MET G 33 3.37 4.72 42.26
C MET G 33 2.61 5.48 41.17
N ASP G 34 2.22 6.71 41.48
CA ASP G 34 1.53 7.56 40.51
C ASP G 34 2.54 8.16 39.54
N LEU G 35 2.35 7.89 38.25
CA LEU G 35 3.11 8.54 37.19
C LEU G 35 2.42 9.84 36.76
N VAL G 36 3.22 10.87 36.55
CA VAL G 36 2.73 12.23 36.33
C VAL G 36 3.14 12.68 34.94
N ALA G 37 2.21 13.32 34.22
CA ALA G 37 2.52 13.84 32.90
C ALA G 37 3.59 14.92 32.97
N ALA G 38 4.55 14.86 32.04
CA ALA G 38 5.62 15.85 31.99
C ALA G 38 5.73 16.52 30.62
N ASN G 39 4.65 16.55 29.85
CA ASN G 39 4.65 17.26 28.57
C ASN G 39 4.70 18.76 28.80
N GLU G 40 5.63 19.43 28.12
CA GLU G 40 5.81 20.87 28.32
C GLU G 40 4.59 21.65 27.87
N GLN G 41 4.01 21.27 26.73
CA GLN G 41 2.79 21.89 26.23
C GLN G 41 1.64 20.90 26.33
N SER G 42 0.45 21.40 26.64
CA SER G 42 -0.70 20.54 26.82
CA SER G 42 -0.71 20.55 26.81
C SER G 42 -0.95 19.71 25.56
N ILE G 43 -1.51 18.53 25.76
CA ILE G 43 -1.77 17.59 24.68
C ILE G 43 -3.25 17.24 24.72
N THR G 44 -3.94 17.45 23.61
CA THR G 44 -5.34 17.07 23.53
C THR G 44 -5.44 15.65 23.00
N ILE G 45 -6.15 14.80 23.73
CA ILE G 45 -6.47 13.45 23.24
C ILE G 45 -7.92 13.49 22.80
N LYS G 46 -8.13 13.55 21.48
CA LYS G 46 -9.49 13.51 20.98
C LYS G 46 -10.08 12.12 21.21
N VAL G 47 -11.42 12.06 21.26
CA VAL G 47 -12.08 10.79 21.41
C VAL G 47 -11.62 9.85 20.32
N GLY G 48 -11.24 8.64 20.70
CA GLY G 48 -10.76 7.65 19.77
C GLY G 48 -9.29 7.74 19.46
N SER G 49 -8.61 8.80 19.89
CA SER G 49 -7.21 8.98 19.58
C SER G 49 -6.29 8.36 20.63
N ILE G 50 -5.05 8.16 20.21
CA ILE G 50 -3.96 7.59 21.00
C ILE G 50 -2.85 8.64 21.05
N GLN G 51 -2.33 8.90 22.26
CA GLN G 51 -1.24 9.86 22.46
C GLN G 51 -0.23 9.33 23.46
N LEU G 52 1.05 9.47 23.14
CA LEU G 52 2.14 9.09 24.02
C LEU G 52 2.48 10.27 24.92
N ILE G 53 2.47 10.08 26.23
CA ILE G 53 2.70 11.16 27.19
C ILE G 53 4.02 10.90 27.91
N PRO G 54 4.99 11.81 27.84
CA PRO G 54 6.25 11.61 28.54
C PRO G 54 6.15 11.86 30.04
N THR G 55 7.00 11.17 30.80
CA THR G 55 7.03 11.34 32.24
C THR G 55 8.28 12.03 32.75
N GLY G 56 9.29 12.24 31.91
CA GLY G 56 10.46 12.96 32.35
C GLY G 56 11.40 12.19 33.25
N ILE G 57 11.25 10.87 33.32
CA ILE G 57 12.11 10.01 34.12
C ILE G 57 12.59 8.83 33.28
N ALA G 58 13.77 8.34 33.63
CA ALA G 58 14.30 7.09 33.10
C ALA G 58 14.82 6.30 34.30
N ILE G 59 14.65 4.97 34.27
CA ILE G 59 15.02 4.15 35.40
C ILE G 59 15.93 3.02 34.92
N ALA G 60 16.66 2.45 35.88
CA ALA G 60 17.55 1.31 35.64
C ALA G 60 17.18 0.22 36.63
N LEU G 61 16.26 -0.66 36.23
CA LEU G 61 15.81 -1.71 37.13
C LEU G 61 16.90 -2.76 37.31
N PRO G 62 16.99 -3.36 38.50
CA PRO G 62 17.85 -4.53 38.67
C PRO G 62 17.25 -5.75 37.97
N GLU G 63 18.14 -6.70 37.64
CA GLU G 63 17.71 -7.91 36.94
C GLU G 63 16.65 -8.67 37.75
N SER G 64 15.68 -9.24 37.03
CA SER G 64 14.55 -10.01 37.54
C SER G 64 13.42 -9.14 38.08
N PHE G 65 13.54 -7.81 38.04
CA PHE G 65 12.44 -6.92 38.40
C PHE G 65 11.98 -6.16 37.17
N GLU G 66 10.67 -5.99 37.07
CA GLU G 66 10.06 -5.25 35.99
C GLU G 66 9.21 -4.14 36.60
N ALA G 67 9.00 -3.07 35.84
CA ALA G 67 8.03 -2.05 36.20
C ALA G 67 6.85 -2.20 35.25
N GLN G 68 5.67 -2.35 35.80
CA GLN G 68 4.45 -2.46 35.02
C GLN G 68 3.77 -1.12 34.98
N ILE G 69 3.45 -0.64 33.77
CA ILE G 69 2.69 0.58 33.59
C ILE G 69 1.22 0.18 33.43
N ARG G 70 0.40 0.52 34.41
CA ARG G 70 -1.00 0.12 34.46
C ARG G 70 -1.91 1.35 34.47
N PRO G 71 -3.18 1.18 34.09
CA PRO G 71 -4.09 2.34 34.08
C PRO G 71 -4.38 2.84 35.48
N ARG G 72 -4.51 4.16 35.59
CA ARG G 72 -5.06 4.77 36.78
C ARG G 72 -6.58 4.65 36.73
N SER G 73 -7.16 4.00 37.72
CA SER G 73 -8.56 3.59 37.63
C SER G 73 -9.49 4.80 37.49
N GLY G 74 -9.28 5.84 38.32
CA GLY G 74 -10.19 6.99 38.29
C GLY G 74 -10.26 7.67 36.95
N LEU G 75 -9.13 7.72 36.24
CA LEU G 75 -9.10 8.34 34.92
C LEU G 75 -9.93 7.55 33.91
N ALA G 76 -9.89 6.22 34.00
CA ALA G 76 -10.72 5.41 33.11
C ALA G 76 -12.20 5.56 33.46
N VAL G 77 -12.53 5.53 34.75
CA VAL G 77 -13.92 5.60 35.19
C VAL G 77 -14.53 6.94 34.80
N LYS G 78 -13.82 8.03 35.03
CA LYS G 78 -14.39 9.36 34.84
C LYS G 78 -14.29 9.84 33.40
N HIS G 79 -13.28 9.43 32.64
CA HIS G 79 -13.09 10.00 31.32
C HIS G 79 -12.88 8.98 30.22
N GLY G 80 -12.91 7.68 30.52
CA GLY G 80 -12.65 6.70 29.47
C GLY G 80 -11.23 6.74 28.94
N ILE G 81 -10.31 7.35 29.67
CA ILE G 81 -8.91 7.38 29.29
C ILE G 81 -8.22 6.20 29.95
N THR G 82 -7.47 5.42 29.18
CA THR G 82 -6.73 4.30 29.73
C THR G 82 -5.44 4.12 28.95
N VAL G 83 -4.65 3.14 29.36
CA VAL G 83 -3.35 2.90 28.75
C VAL G 83 -3.54 1.89 27.62
N ALA G 84 -3.22 2.32 26.39
CA ALA G 84 -3.55 1.54 25.21
C ALA G 84 -2.69 0.29 25.05
N ASN G 85 -1.49 0.28 25.62
CA ASN G 85 -0.61 -0.90 25.58
C ASN G 85 -0.45 -1.53 26.96
N SER G 86 -1.51 -1.48 27.76
CA SER G 86 -1.45 -1.94 29.13
C SER G 86 -1.40 -3.46 29.19
N PRO G 87 -0.61 -4.05 30.10
CA PRO G 87 0.31 -3.33 30.97
C PRO G 87 1.62 -3.08 30.27
N GLY G 88 2.17 -1.87 30.39
CA GLY G 88 3.46 -1.59 29.81
C GLY G 88 4.56 -2.29 30.59
N THR G 89 5.53 -2.84 29.87
CA THR G 89 6.60 -3.63 30.46
C THR G 89 7.90 -2.83 30.37
N ILE G 90 8.40 -2.40 31.52
CA ILE G 90 9.71 -1.77 31.66
C ILE G 90 10.62 -2.79 32.33
N ASP G 91 11.71 -3.18 31.65
CA ASP G 91 12.67 -4.10 32.23
C ASP G 91 14.05 -3.44 32.30
N ALA G 92 15.05 -4.22 32.71
CA ALA G 92 16.38 -3.68 32.93
C ALA G 92 17.05 -3.17 31.65
N ASP G 93 16.59 -3.61 30.48
CA ASP G 93 17.20 -3.13 29.24
C ASP G 93 16.73 -1.73 28.86
N TYR G 94 15.51 -1.33 29.22
CA TYR G 94 14.98 -0.03 28.78
C TYR G 94 15.41 1.07 29.74
N ARG G 95 16.38 1.88 29.33
CA ARG G 95 16.85 2.99 30.14
C ARG G 95 16.51 4.33 29.51
N GLY G 96 15.59 4.36 28.54
CA GLY G 96 15.13 5.60 27.95
C GLY G 96 13.98 6.20 28.75
N GLU G 97 13.49 7.33 28.26
CA GLU G 97 12.41 8.00 28.96
C GLU G 97 11.16 7.12 29.02
N ILE G 98 10.57 7.01 30.20
CA ILE G 98 9.29 6.32 30.35
C ILE G 98 8.18 7.19 29.80
N LYS G 99 7.40 6.63 28.86
CA LYS G 99 6.29 7.33 28.23
C LYS G 99 5.04 6.49 28.32
N VAL G 100 3.91 7.14 28.55
CA VAL G 100 2.63 6.45 28.76
C VAL G 100 1.79 6.59 27.50
N LEU G 101 1.37 5.46 26.94
CA LEU G 101 0.55 5.48 25.73
C LEU G 101 -0.92 5.50 26.14
N LEU G 102 -1.56 6.66 26.01
CA LEU G 102 -2.95 6.84 26.40
C LEU G 102 -3.88 6.77 25.19
N ILE G 103 -5.07 6.24 25.41
CA ILE G 103 -6.14 6.26 24.42
C ILE G 103 -7.38 6.80 25.09
N ASN G 104 -8.11 7.65 24.37
CA ASN G 104 -9.36 8.25 24.86
C ASN G 104 -10.52 7.42 24.30
N LEU G 105 -11.08 6.55 25.14
CA LEU G 105 -12.27 5.79 24.80
C LEU G 105 -13.53 6.35 25.46
N GLY G 106 -13.47 7.57 26.00
CA GLY G 106 -14.61 8.23 26.62
C GLY G 106 -15.43 9.00 25.61
N ASN G 107 -16.18 10.00 26.12
CA ASN G 107 -17.13 10.73 25.30
CA ASN G 107 -17.13 10.73 25.30
C ASN G 107 -16.75 12.18 25.05
N LYS G 108 -15.63 12.66 25.60
CA LYS G 108 -15.20 14.02 25.35
C LYS G 108 -13.71 14.09 25.05
N ASP G 109 -13.31 14.98 24.15
CA ASP G 109 -11.89 15.28 24.02
C ASP G 109 -11.36 15.69 25.39
N PHE G 110 -10.13 15.32 25.67
CA PHE G 110 -9.56 15.52 27.00
C PHE G 110 -8.14 16.08 26.88
N ILE G 111 -7.85 17.10 27.67
CA ILE G 111 -6.55 17.76 27.62
C ILE G 111 -5.67 17.19 28.73
N ILE G 112 -4.51 16.67 28.35
CA ILE G 112 -3.50 16.21 29.28
C ILE G 112 -2.57 17.38 29.57
N GLU G 113 -2.55 17.85 30.81
CA GLU G 113 -1.62 18.88 31.22
C GLU G 113 -0.58 18.29 32.15
N LYS G 114 0.65 18.82 32.07
CA LYS G 114 1.71 18.40 32.96
C LYS G 114 1.24 18.49 34.41
N GLY G 115 1.61 17.50 35.21
CA GLY G 115 1.16 17.43 36.59
C GLY G 115 -0.01 16.50 36.80
N MET G 116 -0.72 16.14 35.73
CA MET G 116 -1.82 15.20 35.87
C MET G 116 -1.31 13.78 36.09
N ARG G 117 -1.97 13.06 36.99
CA ARG G 117 -1.71 11.64 37.18
C ARG G 117 -2.30 10.83 36.03
N ILE G 118 -1.47 10.08 35.33
CA ILE G 118 -1.86 9.47 34.06
C ILE G 118 -1.71 7.96 34.04
N ALA G 119 -1.08 7.35 35.04
CA ALA G 119 -0.89 5.90 35.08
C ALA G 119 -0.27 5.50 36.42
N GLN G 120 -0.22 4.20 36.66
CA GLN G 120 0.36 3.61 37.87
CA GLN G 120 0.40 3.64 37.86
C GLN G 120 1.58 2.76 37.47
N MET G 121 2.61 2.76 38.32
CA MET G 121 3.80 1.94 38.09
C MET G 121 3.99 0.97 39.25
N ILE G 122 3.88 -0.32 38.96
CA ILE G 122 3.98 -1.38 39.96
C ILE G 122 5.23 -2.20 39.64
N ILE G 123 6.11 -2.39 40.62
CA ILE G 123 7.32 -3.17 40.41
C ILE G 123 7.10 -4.56 40.98
N ALA G 124 7.45 -5.58 40.19
CA ALA G 124 7.30 -6.96 40.59
C ALA G 124 8.43 -7.79 39.98
N LYS G 125 8.62 -8.99 40.53
CA LYS G 125 9.58 -9.93 39.96
C LYS G 125 8.94 -10.71 38.82
N TYR G 126 9.77 -11.07 37.86
CA TYR G 126 9.43 -12.00 36.80
C TYR G 126 10.44 -13.15 36.84
N GLU G 127 10.11 -14.24 36.16
CA GLU G 127 10.98 -15.41 36.07
C GLU G 127 11.49 -15.55 34.64
N ARG G 128 12.67 -16.16 34.52
CA ARG G 128 13.27 -16.44 33.22
C ARG G 128 12.97 -17.89 32.85
N VAL G 129 12.33 -18.08 31.69
CA VAL G 129 11.91 -19.39 31.24
C VAL G 129 13.07 -20.08 30.56
N LEU G 130 13.28 -21.35 30.87
CA LEU G 130 14.08 -22.23 30.06
C LEU G 130 13.11 -23.20 29.40
N TRP G 131 13.02 -23.17 28.08
CA TRP G 131 12.10 -24.07 27.39
C TRP G 131 12.65 -25.49 27.46
N ALA G 132 11.76 -26.46 27.67
CA ALA G 132 12.07 -27.86 27.46
C ALA G 132 11.07 -28.35 26.43
N GLU G 133 11.54 -28.55 25.21
CA GLU G 133 10.62 -28.88 24.13
C GLU G 133 10.25 -30.35 24.21
N THR G 134 8.98 -30.64 24.04
CA THR G 134 8.48 -32.01 24.06
C THR G 134 7.46 -32.20 22.96
N SER G 135 7.18 -33.45 22.63
CA SER G 135 6.07 -33.75 21.74
C SER G 135 4.80 -34.11 22.50
N ILE G 136 4.89 -34.34 23.81
CA ILE G 136 3.77 -34.78 24.65
C ILE G 136 3.65 -33.80 25.80
N LEU G 137 2.59 -32.99 25.80
CA LEU G 137 2.33 -32.08 26.91
C LEU G 137 1.57 -32.78 28.04
N THR H 6 37.33 -30.71 10.79
CA THR H 6 38.48 -30.91 9.94
C THR H 6 38.64 -29.69 9.01
N ILE H 7 39.78 -29.01 9.08
CA ILE H 7 40.03 -27.78 8.34
C ILE H 7 41.25 -27.97 7.46
N ILE H 8 41.22 -27.38 6.26
CA ILE H 8 42.33 -27.41 5.31
C ILE H 8 42.73 -25.99 4.93
N GLU H 9 44.03 -25.69 4.99
CA GLU H 9 44.51 -24.39 4.54
C GLU H 9 44.75 -24.38 3.04
N VAL H 10 44.30 -23.31 2.39
CA VAL H 10 44.38 -23.14 0.94
C VAL H 10 44.97 -21.77 0.66
N LYS H 11 45.96 -21.71 -0.22
CA LYS H 11 46.53 -20.45 -0.64
C LYS H 11 45.55 -19.70 -1.55
N ILE H 12 45.52 -18.37 -1.42
CA ILE H 12 44.60 -17.53 -2.19
C ILE H 12 45.27 -16.19 -2.41
N LYS H 13 45.09 -15.63 -3.61
CA LYS H 13 45.64 -14.34 -3.98
C LYS H 13 44.52 -13.42 -4.44
N LYS H 14 44.50 -12.19 -3.93
CA LYS H 14 43.62 -11.16 -4.45
C LYS H 14 44.24 -10.59 -5.71
N LEU H 15 43.47 -10.58 -6.80
CA LEU H 15 43.95 -9.97 -8.03
C LEU H 15 43.64 -8.47 -8.04
N GLU H 16 44.14 -7.79 -9.07
CA GLU H 16 44.05 -6.33 -9.12
C GLU H 16 42.62 -5.81 -9.08
N ASN H 17 41.66 -6.57 -9.64
CA ASN H 17 40.27 -6.11 -9.72
C ASN H 17 39.48 -6.44 -8.46
N PHE H 18 40.12 -7.04 -7.45
CA PHE H 18 39.44 -7.44 -6.23
C PHE H 18 39.38 -6.33 -5.20
N LEU H 19 38.26 -6.31 -4.45
CA LEU H 19 38.04 -5.43 -3.32
C LEU H 19 37.33 -6.23 -2.24
N GLY H 20 37.47 -5.79 -1.00
CA GLY H 20 36.68 -6.40 0.06
C GLY H 20 37.28 -7.70 0.61
N ASN H 21 36.41 -8.54 1.15
CA ASN H 21 36.85 -9.72 1.88
C ASN H 21 36.99 -10.96 1.02
N LEU H 22 37.87 -11.85 1.47
CA LEU H 22 37.98 -13.19 0.92
C LEU H 22 36.66 -13.92 1.09
N PRO H 23 36.39 -14.94 0.27
CA PRO H 23 35.12 -15.67 0.40
C PRO H 23 34.90 -16.13 1.83
N GLU H 24 33.70 -15.90 2.34
CA GLU H 24 33.38 -16.15 3.74
C GLU H 24 32.31 -17.22 3.86
N TYR H 25 32.41 -18.04 4.91
CA TYR H 25 31.31 -18.91 5.33
C TYR H 25 30.27 -18.09 6.10
N ALA H 26 29.00 -18.25 5.74
CA ALA H 26 27.96 -17.49 6.44
C ALA H 26 27.96 -17.79 7.94
N THR H 27 28.09 -19.06 8.31
CA THR H 27 28.16 -19.48 9.70
C THR H 27 29.21 -20.56 9.85
N GLU H 28 29.44 -20.95 11.11
CA GLU H 28 30.37 -22.03 11.42
C GLU H 28 29.89 -23.39 10.92
N HIS H 29 28.64 -23.51 10.51
CA HIS H 29 28.09 -24.77 10.01
C HIS H 29 27.87 -24.75 8.50
N SER H 30 28.21 -23.67 7.81
CA SER H 30 27.90 -23.59 6.39
C SER H 30 28.84 -24.49 5.61
N ALA H 31 28.31 -25.12 4.56
CA ALA H 31 29.13 -25.99 3.72
C ALA H 31 29.96 -25.21 2.72
N GLY H 32 29.50 -24.03 2.31
CA GLY H 32 30.12 -23.31 1.22
C GLY H 32 30.37 -21.87 1.59
N MET H 33 31.32 -21.27 0.88
CA MET H 33 31.60 -19.85 1.00
C MET H 33 30.87 -19.08 -0.10
N ASP H 34 30.47 -17.85 0.22
CA ASP H 34 29.79 -16.98 -0.73
C ASP H 34 30.79 -16.36 -1.69
N LEU H 35 30.63 -16.60 -2.98
CA LEU H 35 31.41 -15.93 -4.00
C LEU H 35 30.74 -14.62 -4.38
N VAL H 36 31.52 -13.55 -4.50
CA VAL H 36 31.00 -12.21 -4.67
C VAL H 36 31.48 -11.65 -5.99
N ALA H 37 30.58 -10.98 -6.71
CA ALA H 37 30.93 -10.38 -7.99
C ALA H 37 31.96 -9.28 -7.82
N ALA H 38 32.96 -9.28 -8.72
CA ALA H 38 34.00 -8.27 -8.69
C ALA H 38 34.15 -7.56 -10.03
N ASN H 39 33.11 -7.56 -10.85
CA ASN H 39 33.16 -6.78 -12.09
C ASN H 39 33.13 -5.30 -11.78
N GLU H 40 34.06 -4.54 -12.36
CA GLU H 40 34.16 -3.12 -12.05
C GLU H 40 32.90 -2.37 -12.47
N GLN H 41 32.39 -2.66 -13.66
CA GLN H 41 31.17 -2.03 -14.14
C GLN H 41 30.04 -3.05 -14.16
N SER H 42 28.82 -2.55 -14.06
CA SER H 42 27.64 -3.40 -14.04
C SER H 42 27.59 -4.28 -15.27
N ILE H 43 27.02 -5.47 -15.10
CA ILE H 43 26.84 -6.40 -16.19
C ILE H 43 25.38 -6.81 -16.19
N THR H 44 24.70 -6.57 -17.31
CA THR H 44 23.32 -6.98 -17.50
C THR H 44 23.27 -8.36 -18.15
N ILE H 45 22.56 -9.29 -17.52
CA ILE H 45 22.31 -10.61 -18.08
C ILE H 45 20.86 -10.60 -18.57
N LYS H 46 20.68 -10.49 -19.88
CA LYS H 46 19.33 -10.55 -20.43
C LYS H 46 18.76 -11.96 -20.25
N VAL H 47 17.43 -12.05 -20.25
CA VAL H 47 16.79 -13.36 -20.16
C VAL H 47 17.30 -14.25 -21.29
N GLY H 48 17.71 -15.46 -20.94
CA GLY H 48 18.25 -16.40 -21.90
C GLY H 48 19.74 -16.26 -22.15
N SER H 49 20.37 -15.22 -21.63
CA SER H 49 21.78 -14.99 -21.88
C SER H 49 22.65 -15.63 -20.81
N ILE H 50 23.93 -15.79 -21.16
CA ILE H 50 24.98 -16.36 -20.30
C ILE H 50 26.09 -15.32 -20.17
N GLN H 51 26.54 -15.06 -18.94
CA GLN H 51 27.60 -14.09 -18.68
C GLN H 51 28.60 -14.63 -17.69
N LEU H 52 29.87 -14.40 -17.96
CA LEU H 52 30.95 -14.78 -17.07
C LEU H 52 31.24 -13.63 -16.11
N ILE H 53 31.19 -13.90 -14.81
CA ILE H 53 31.34 -12.86 -13.80
C ILE H 53 32.64 -13.11 -13.05
N PRO H 54 33.57 -12.16 -13.04
CA PRO H 54 34.84 -12.34 -12.32
C PRO H 54 34.68 -12.19 -10.81
N THR H 55 35.54 -12.89 -10.07
CA THR H 55 35.57 -12.79 -8.61
C THR H 55 36.80 -12.10 -8.06
N GLY H 56 37.83 -11.87 -8.88
CA GLY H 56 39.00 -11.16 -8.40
C GLY H 56 39.91 -11.99 -7.51
N ILE H 57 39.74 -13.31 -7.46
CA ILE H 57 40.58 -14.17 -6.65
C ILE H 57 41.07 -15.34 -7.49
N ALA H 58 42.23 -15.87 -7.11
CA ALA H 58 42.79 -17.09 -7.63
C ALA H 58 43.29 -17.90 -6.44
N ILE H 59 43.12 -19.23 -6.51
CA ILE H 59 43.46 -20.10 -5.38
C ILE H 59 44.38 -21.21 -5.87
N ALA H 60 45.13 -21.77 -4.93
CA ALA H 60 46.07 -22.88 -5.16
C ALA H 60 45.66 -24.00 -4.19
N LEU H 61 44.79 -24.88 -4.67
CA LEU H 61 44.28 -25.94 -3.82
C LEU H 61 45.37 -26.99 -3.59
N PRO H 62 45.42 -27.59 -2.40
CA PRO H 62 46.31 -28.72 -2.20
C PRO H 62 45.80 -29.94 -2.96
N GLU H 63 46.72 -30.86 -3.21
CA GLU H 63 46.40 -32.07 -3.97
C GLU H 63 45.23 -32.83 -3.33
N SER H 64 44.37 -33.40 -4.18
CA SER H 64 43.21 -34.22 -3.82
C SER H 64 42.04 -33.40 -3.31
N PHE H 65 42.13 -32.07 -3.26
CA PHE H 65 41.02 -31.23 -2.90
C PHE H 65 40.55 -30.46 -4.13
N GLU H 66 39.22 -30.28 -4.23
CA GLU H 66 38.60 -29.52 -5.30
C GLU H 66 37.71 -28.44 -4.70
N ALA H 67 37.51 -27.37 -5.46
CA ALA H 67 36.51 -26.36 -5.14
C ALA H 67 35.38 -26.49 -6.15
N GLN H 68 34.16 -26.67 -5.66
CA GLN H 68 32.97 -26.77 -6.49
C GLN H 68 32.24 -25.45 -6.49
N ILE H 69 31.95 -24.93 -7.69
CA ILE H 69 31.18 -23.70 -7.85
C ILE H 69 29.72 -24.10 -8.05
N ARG H 70 28.88 -23.75 -7.09
CA ARG H 70 27.49 -24.18 -7.08
C ARG H 70 26.55 -22.98 -7.07
N PRO H 71 25.29 -23.16 -7.49
CA PRO H 71 24.35 -22.03 -7.48
C PRO H 71 23.99 -21.60 -6.07
N ARG H 72 23.87 -20.30 -5.90
CA ARG H 72 23.26 -19.73 -4.71
C ARG H 72 21.75 -19.85 -4.83
N SER H 73 21.13 -20.55 -3.87
CA SER H 73 19.72 -20.94 -4.02
C SER H 73 18.80 -19.73 -4.18
N GLY H 74 18.97 -18.72 -3.33
CA GLY H 74 18.05 -17.58 -3.35
C GLY H 74 18.05 -16.87 -4.69
N LEU H 75 19.22 -16.79 -5.33
CA LEU H 75 19.33 -16.17 -6.63
C LEU H 75 18.52 -16.92 -7.69
N ALA H 76 18.54 -18.26 -7.64
CA ALA H 76 17.76 -19.04 -8.58
C ALA H 76 16.27 -18.95 -8.27
N VAL H 77 15.91 -19.04 -6.99
CA VAL H 77 14.51 -19.00 -6.58
C VAL H 77 13.87 -17.67 -6.97
N LYS H 78 14.56 -16.56 -6.68
CA LYS H 78 13.98 -15.24 -6.86
C LYS H 78 14.11 -14.72 -8.27
N HIS H 79 15.16 -15.07 -9.00
CA HIS H 79 15.39 -14.44 -10.28
C HIS H 79 15.64 -15.40 -11.43
N GLY H 80 15.63 -16.70 -11.17
CA GLY H 80 15.95 -17.65 -12.22
C GLY H 80 17.39 -17.57 -12.69
N ILE H 81 18.28 -16.94 -11.92
CA ILE H 81 19.70 -16.90 -12.24
C ILE H 81 20.38 -18.12 -11.61
N THR H 82 21.17 -18.85 -12.40
CA THR H 82 21.90 -19.99 -11.85
C THR H 82 23.24 -20.13 -12.58
N VAL H 83 24.00 -21.14 -12.17
CA VAL H 83 25.33 -21.37 -12.71
C VAL H 83 25.22 -22.32 -13.91
N ALA H 84 25.64 -21.84 -15.07
CA ALA H 84 25.37 -22.57 -16.31
C ALA H 84 26.25 -23.80 -16.46
N ASN H 85 27.42 -23.84 -15.83
CA ASN H 85 28.31 -24.99 -15.92
C ASN H 85 28.45 -25.70 -14.58
N SER H 86 27.37 -25.73 -13.82
CA SER H 86 27.32 -26.22 -12.45
C SER H 86 27.34 -27.74 -12.42
N PRO H 87 28.08 -28.36 -11.49
CA PRO H 87 28.95 -27.61 -10.57
C PRO H 87 30.29 -27.32 -11.23
N GLY H 88 30.77 -26.09 -11.06
CA GLY H 88 32.08 -25.75 -11.60
C GLY H 88 33.17 -26.43 -10.78
N THR H 89 34.20 -26.90 -11.48
CA THR H 89 35.28 -27.67 -10.87
C THR H 89 36.56 -26.83 -10.87
N ILE H 90 37.06 -26.52 -9.68
CA ILE H 90 38.38 -25.92 -9.51
C ILE H 90 39.26 -26.95 -8.83
N ASP H 91 40.40 -27.27 -9.45
CA ASP H 91 41.35 -28.17 -8.83
C ASP H 91 42.72 -27.52 -8.78
N ALA H 92 43.75 -28.27 -8.36
CA ALA H 92 45.08 -27.69 -8.16
C ALA H 92 45.70 -27.21 -9.46
N ASP H 93 45.21 -27.67 -10.61
CA ASP H 93 45.76 -27.17 -11.86
C ASP H 93 45.25 -25.77 -12.18
N TYR H 94 44.05 -25.41 -11.72
CA TYR H 94 43.46 -24.12 -12.07
C TYR H 94 43.93 -23.08 -11.07
N ARG H 95 44.93 -22.28 -11.45
CA ARG H 95 45.41 -21.22 -10.58
C ARG H 95 45.06 -19.84 -11.11
N GLY H 96 44.24 -19.76 -12.16
CA GLY H 96 43.80 -18.48 -12.70
C GLY H 96 42.63 -17.89 -11.90
N GLU H 97 42.15 -16.74 -12.39
CA GLU H 97 41.05 -16.06 -11.72
C GLU H 97 39.80 -16.92 -11.76
N ILE H 98 39.14 -17.05 -10.61
CA ILE H 98 37.87 -17.76 -10.54
C ILE H 98 36.77 -16.88 -11.12
N LYS H 99 36.06 -17.40 -12.11
CA LYS H 99 34.96 -16.69 -12.74
C LYS H 99 33.73 -17.58 -12.74
N VAL H 100 32.56 -16.97 -12.49
CA VAL H 100 31.30 -17.69 -12.37
C VAL H 100 30.51 -17.47 -13.66
N LEU H 101 30.10 -18.57 -14.30
CA LEU H 101 29.32 -18.50 -15.54
C LEU H 101 27.84 -18.52 -15.19
N LEU H 102 27.18 -17.37 -15.30
CA LEU H 102 25.78 -17.25 -14.94
C LEU H 102 24.89 -17.29 -16.17
N ILE H 103 23.69 -17.85 -16.00
CA ILE H 103 22.66 -17.84 -17.04
C ILE H 103 21.38 -17.32 -16.41
N ASN H 104 20.65 -16.51 -17.16
CA ASN H 104 19.37 -15.96 -16.71
C ASN H 104 18.25 -16.77 -17.34
N LEU H 105 17.67 -17.70 -16.55
CA LEU H 105 16.51 -18.47 -16.94
C LEU H 105 15.24 -17.95 -16.29
N GLY H 106 15.26 -16.73 -15.75
CA GLY H 106 14.10 -16.09 -15.15
C GLY H 106 13.28 -15.31 -16.16
N ASN H 107 12.54 -14.33 -15.65
CA ASN H 107 11.62 -13.57 -16.48
CA ASN H 107 11.64 -13.58 -16.52
C ASN H 107 11.96 -12.10 -16.64
N LYS H 108 13.04 -11.60 -16.02
CA LYS H 108 13.44 -10.22 -16.24
C LYS H 108 14.95 -10.15 -16.49
N ASP H 109 15.37 -9.23 -17.36
CA ASP H 109 16.81 -8.96 -17.46
C ASP H 109 17.32 -8.59 -16.07
N PHE H 110 18.55 -8.97 -15.78
CA PHE H 110 19.04 -8.84 -14.43
C PHE H 110 20.44 -8.24 -14.44
N ILE H 111 20.68 -7.29 -13.53
CA ILE H 111 21.94 -6.57 -13.46
C ILE H 111 22.81 -7.20 -12.36
N ILE H 112 24.01 -7.62 -12.72
CA ILE H 112 25.01 -8.06 -11.75
C ILE H 112 25.89 -6.86 -11.41
N GLU H 113 25.86 -6.43 -10.15
CA GLU H 113 26.71 -5.36 -9.66
C GLU H 113 27.80 -5.90 -8.74
N LYS H 114 28.94 -5.24 -8.75
CA LYS H 114 30.02 -5.60 -7.84
C LYS H 114 29.51 -5.62 -6.40
N GLY H 115 29.89 -6.65 -5.66
CA GLY H 115 29.42 -6.83 -4.31
C GLY H 115 28.27 -7.81 -4.16
N MET H 116 27.59 -8.17 -5.24
CA MET H 116 26.50 -9.12 -5.15
C MET H 116 27.03 -10.54 -4.97
N ARG H 117 26.34 -11.31 -4.14
CA ARG H 117 26.63 -12.73 -3.99
C ARG H 117 26.05 -13.50 -5.18
N ILE H 118 26.90 -14.26 -5.87
CA ILE H 118 26.54 -14.84 -7.15
C ILE H 118 26.66 -16.36 -7.20
N ALA H 119 27.32 -17.01 -6.23
CA ALA H 119 27.52 -18.45 -6.27
C ALA H 119 28.10 -18.90 -4.94
N GLN H 120 28.17 -20.22 -4.75
CA GLN H 120 28.75 -20.81 -3.56
CA GLN H 120 28.71 -20.86 -3.56
C GLN H 120 29.95 -21.66 -3.93
N MET H 121 30.94 -21.69 -3.03
CA MET H 121 32.16 -22.47 -3.27
C MET H 121 32.32 -23.48 -2.13
N ILE H 122 32.22 -24.77 -2.46
CA ILE H 122 32.29 -25.84 -1.47
C ILE H 122 33.56 -26.62 -1.76
N ILE H 123 34.40 -26.80 -0.75
CA ILE H 123 35.64 -27.54 -0.93
C ILE H 123 35.43 -28.96 -0.42
N ALA H 124 35.84 -29.93 -1.24
CA ALA H 124 35.72 -31.34 -0.90
C ALA H 124 36.90 -32.08 -1.48
N LYS H 125 37.11 -33.29 -0.98
CA LYS H 125 38.13 -34.18 -1.53
C LYS H 125 37.55 -34.96 -2.68
N TYR H 126 38.40 -35.31 -3.63
CA TYR H 126 38.09 -36.25 -4.69
C TYR H 126 39.15 -37.36 -4.67
N GLU H 127 38.89 -38.40 -5.44
CA GLU H 127 39.79 -39.55 -5.55
C GLU H 127 40.29 -39.67 -6.98
N ARG H 128 41.49 -40.24 -7.12
CA ARG H 128 42.10 -40.47 -8.42
C ARG H 128 41.83 -41.90 -8.85
N VAL H 129 41.20 -42.05 -10.01
CA VAL H 129 40.82 -43.37 -10.49
C VAL H 129 42.01 -44.03 -11.17
N LEU H 130 42.21 -45.31 -10.86
CA LEU H 130 43.03 -46.21 -11.65
C LEU H 130 42.09 -47.19 -12.33
N TRP H 131 42.07 -47.18 -13.67
CA TRP H 131 41.20 -48.09 -14.40
C TRP H 131 41.75 -49.52 -14.35
N ALA H 132 40.86 -50.50 -14.20
CA ALA H 132 41.19 -51.90 -14.43
C ALA H 132 40.24 -52.37 -15.52
N GLU H 133 40.76 -52.57 -16.73
CA GLU H 133 39.90 -52.91 -17.85
C GLU H 133 39.52 -54.38 -17.77
N THR H 134 38.24 -54.65 -18.03
CA THR H 134 37.72 -56.02 -18.06
C THR H 134 36.62 -56.09 -19.10
N SER H 135 36.13 -57.31 -19.35
CA SER H 135 34.94 -57.49 -20.16
C SER H 135 33.74 -57.95 -19.36
N ILE H 136 33.92 -58.30 -18.09
CA ILE H 136 32.80 -58.62 -17.20
C ILE H 136 32.84 -57.65 -16.03
N LEU H 137 31.80 -56.83 -15.90
CA LEU H 137 31.76 -55.92 -14.77
C LEU H 137 31.29 -56.58 -13.49
N THR H 138 30.81 -57.83 -13.58
CA THR H 138 30.45 -58.65 -12.41
C THR H 138 29.29 -58.04 -11.63
N PRO I 2 8.73 24.17 13.85
CA PRO I 2 9.00 25.31 12.96
C PRO I 2 10.33 25.15 12.22
N GLY I 3 10.26 24.77 10.94
CA GLY I 3 11.45 24.52 10.16
C GLY I 3 11.75 25.57 9.11
N SER I 4 12.27 25.13 7.97
CA SER I 4 12.59 26.05 6.89
C SER I 4 11.35 26.83 6.47
N MET I 5 11.59 28.00 5.89
CA MET I 5 10.53 28.90 5.47
C MET I 5 11.05 29.74 4.33
N THR I 6 10.23 29.90 3.31
CA THR I 6 10.56 30.72 2.16
C THR I 6 10.04 32.13 2.40
N ILE I 7 10.94 33.11 2.28
CA ILE I 7 10.66 34.52 2.54
C ILE I 7 11.08 35.37 1.35
N ILE I 8 10.51 36.57 1.28
CA ILE I 8 10.97 37.63 0.40
C ILE I 8 11.41 38.79 1.29
N GLU I 9 12.64 39.25 1.10
CA GLU I 9 13.15 40.36 1.88
C GLU I 9 12.69 41.69 1.27
N VAL I 10 12.17 42.59 2.11
CA VAL I 10 11.62 43.86 1.64
C VAL I 10 12.19 44.99 2.49
N LYS I 11 12.74 46.01 1.84
CA LYS I 11 13.24 47.18 2.56
C LYS I 11 12.07 47.99 3.11
N ILE I 12 12.25 48.53 4.31
CA ILE I 12 11.20 49.30 4.97
C ILE I 12 11.86 50.39 5.81
N LYS I 13 11.23 51.57 5.84
CA LYS I 13 11.72 52.72 6.58
C LYS I 13 10.69 53.19 7.59
N LYS I 14 11.11 53.39 8.82
CA LYS I 14 10.25 54.04 9.81
C LYS I 14 10.29 55.56 9.60
N LEU I 15 9.13 56.15 9.47
CA LEU I 15 9.04 57.60 9.41
C LEU I 15 8.89 58.18 10.82
N GLU I 16 8.95 59.51 10.91
CA GLU I 16 8.99 60.18 12.21
C GLU I 16 7.78 59.86 13.08
N ASN I 17 6.62 59.62 12.46
CA ASN I 17 5.38 59.39 13.20
C ASN I 17 5.19 57.94 13.64
N PHE I 18 6.13 57.06 13.32
CA PHE I 18 5.98 55.64 13.61
C PHE I 18 6.36 55.32 15.05
N LEU I 19 5.62 54.37 15.63
CA LEU I 19 5.87 53.86 16.97
C LEU I 19 5.71 52.35 16.93
N GLY I 20 6.37 51.67 17.86
CA GLY I 20 6.18 50.26 18.01
C GLY I 20 6.96 49.45 16.98
N ASN I 21 6.48 48.25 16.74
CA ASN I 21 7.17 47.31 15.87
C ASN I 21 6.70 47.44 14.42
N LEU I 22 7.57 46.99 13.51
CA LEU I 22 7.22 46.85 12.10
C LEU I 22 6.02 45.92 11.96
N PRO I 23 5.28 46.02 10.85
CA PRO I 23 4.11 45.15 10.66
C PRO I 23 4.45 43.68 10.86
N GLU I 24 3.61 43.00 11.62
CA GLU I 24 3.86 41.63 12.05
C GLU I 24 2.81 40.67 11.50
N TYR I 25 3.25 39.44 11.19
CA TYR I 25 2.32 38.34 10.96
C TYR I 25 1.82 37.82 12.30
N ALA I 26 0.50 37.65 12.44
CA ALA I 26 -0.05 37.14 13.69
C ALA I 26 0.54 35.77 14.03
N THR I 27 0.66 34.90 13.04
CA THR I 27 1.28 33.60 13.24
C THR I 27 2.18 33.31 12.04
N GLU I 28 2.89 32.17 12.14
CA GLU I 28 3.70 31.67 11.05
C GLU I 28 2.87 31.22 9.86
N HIS I 29 1.55 31.12 10.01
CA HIS I 29 0.68 30.71 8.93
C HIS I 29 -0.15 31.84 8.36
N SER I 30 0.04 33.07 8.82
CA SER I 30 -0.79 34.18 8.38
C SER I 30 -0.41 34.61 6.97
N ALA I 31 -1.41 34.97 6.17
CA ALA I 31 -1.15 35.51 4.83
C ALA I 31 -0.77 36.98 4.87
N GLY I 32 -1.21 37.71 5.90
CA GLY I 32 -1.04 39.15 5.94
C GLY I 32 -0.47 39.63 7.26
N MET I 33 0.17 40.79 7.19
CA MET I 33 0.65 41.48 8.37
C MET I 33 -0.38 42.51 8.79
N ASP I 34 -0.49 42.75 10.10
CA ASP I 34 -1.40 43.76 10.64
C ASP I 34 -0.81 45.16 10.48
N LEU I 35 -1.51 46.04 9.77
CA LEU I 35 -1.15 47.44 9.71
C LEU I 35 -1.79 48.21 10.86
N VAL I 36 -1.03 49.10 11.46
CA VAL I 36 -1.43 49.77 12.70
C VAL I 36 -1.54 51.27 12.43
N ALA I 37 -2.57 51.88 12.99
CA ALA I 37 -2.76 53.32 12.85
C ALA I 37 -1.64 54.08 13.56
N ALA I 38 -1.11 55.11 12.89
CA ALA I 38 -0.04 55.93 13.45
C ALA I 38 -0.40 57.42 13.42
N ASN I 39 -1.69 57.76 13.44
CA ASN I 39 -2.08 59.16 13.56
C ASN I 39 -1.79 59.66 14.97
N GLU I 40 -1.13 60.82 15.06
CA GLU I 40 -0.75 61.38 16.36
C GLU I 40 -1.98 61.76 17.18
N GLN I 41 -2.99 62.33 16.54
CA GLN I 41 -4.24 62.71 17.20
C GLN I 41 -5.38 61.80 16.73
N SER I 42 -6.36 61.57 17.61
CA SER I 42 -7.49 60.74 17.28
C SER I 42 -8.18 61.24 16.01
N ILE I 43 -8.65 60.31 15.18
CA ILE I 43 -9.39 60.66 13.96
C ILE I 43 -10.76 60.04 14.04
N THR I 44 -11.79 60.87 13.97
CA THR I 44 -13.16 60.40 13.98
C THR I 44 -13.65 60.18 12.55
N ILE I 45 -14.15 58.98 12.26
CA ILE I 45 -14.79 58.69 10.98
C ILE I 45 -16.29 58.65 11.23
N LYS I 46 -16.97 59.71 10.81
CA LYS I 46 -18.42 59.73 10.93
C LYS I 46 -19.05 58.72 9.98
N VAL I 47 -20.30 58.38 10.30
CA VAL I 47 -21.09 57.50 9.44
C VAL I 47 -21.07 58.04 8.03
N GLY I 48 -20.71 57.19 7.08
CA GLY I 48 -20.65 57.59 5.70
C GLY I 48 -19.37 58.28 5.28
N SER I 49 -18.52 58.68 6.22
CA SER I 49 -17.36 59.46 5.85
C SER I 49 -16.17 58.56 5.52
N ILE I 50 -15.18 59.18 4.88
CA ILE I 50 -13.94 58.52 4.48
C ILE I 50 -12.78 59.28 5.11
N GLN I 51 -11.82 58.54 5.67
CA GLN I 51 -10.64 59.17 6.25
C GLN I 51 -9.39 58.38 5.89
N LEU I 52 -8.33 59.11 5.57
CA LEU I 52 -7.02 58.55 5.25
C LEU I 52 -6.19 58.47 6.54
N ILE I 53 -5.70 57.29 6.88
CA ILE I 53 -5.02 57.03 8.16
C ILE I 53 -3.56 56.70 7.87
N PRO I 54 -2.59 57.44 8.41
CA PRO I 54 -1.18 57.12 8.18
C PRO I 54 -0.71 55.93 9.00
N THR I 55 0.31 55.24 8.47
CA THR I 55 0.93 54.11 9.17
C THR I 55 2.36 54.38 9.60
N GLY I 56 2.99 55.43 9.10
CA GLY I 56 4.35 55.74 9.52
C GLY I 56 5.43 54.86 8.95
N ILE I 57 5.12 54.10 7.91
CA ILE I 57 6.12 53.26 7.27
C ILE I 57 6.08 53.49 5.77
N ALA I 58 7.23 53.29 5.14
CA ALA I 58 7.36 53.27 3.69
C ALA I 58 8.19 52.06 3.32
N ILE I 59 7.84 51.41 2.20
CA ILE I 59 8.52 50.21 1.77
C ILE I 59 8.97 50.36 0.33
N ALA I 60 9.97 49.56 -0.05
CA ALA I 60 10.51 49.49 -1.41
C ALA I 60 10.42 48.03 -1.83
N LEU I 61 9.33 47.66 -2.49
CA LEU I 61 9.16 46.27 -2.85
C LEU I 61 10.13 45.88 -3.96
N PRO I 62 10.64 44.65 -3.95
CA PRO I 62 11.42 44.17 -5.09
C PRO I 62 10.48 43.94 -6.27
N GLU I 63 11.08 43.97 -7.45
CA GLU I 63 10.34 43.80 -8.69
C GLU I 63 9.57 42.49 -8.70
N SER I 64 8.38 42.53 -9.28
CA SER I 64 7.43 41.44 -9.47
CA SER I 64 7.44 41.42 -9.47
C SER I 64 6.69 41.11 -8.18
N PHE I 65 6.94 41.82 -7.09
CA PHE I 65 6.18 41.65 -5.86
C PHE I 65 5.34 42.90 -5.60
N GLU I 66 4.12 42.70 -5.11
CA GLU I 66 3.21 43.78 -4.75
C GLU I 66 2.73 43.54 -3.33
N ALA I 67 2.37 44.62 -2.65
CA ALA I 67 1.69 44.55 -1.36
C ALA I 67 0.24 44.97 -1.54
N GLN I 68 -0.67 44.13 -1.09
CA GLN I 68 -2.11 44.40 -1.16
C GLN I 68 -2.60 44.87 0.19
N ILE I 69 -3.27 46.01 0.22
CA ILE I 69 -3.88 46.53 1.43
C ILE I 69 -5.32 46.06 1.43
N ARG I 70 -5.66 45.18 2.37
CA ARG I 70 -6.98 44.55 2.44
C ARG I 70 -7.67 44.86 3.77
N PRO I 71 -9.00 44.75 3.82
CA PRO I 71 -9.71 45.02 5.07
C PRO I 71 -9.38 43.98 6.14
N ARG I 72 -9.26 44.46 7.37
CA ARG I 72 -9.27 43.61 8.53
C ARG I 72 -10.72 43.22 8.78
N SER I 73 -10.98 41.92 8.82
CA SER I 73 -12.36 41.43 8.78
C SER I 73 -13.17 41.86 10.00
N GLY I 74 -12.59 41.74 11.19
CA GLY I 74 -13.34 42.05 12.41
C GLY I 74 -13.83 43.48 12.47
N LEU I 75 -13.05 44.42 11.92
CA LEU I 75 -13.45 45.81 11.86
C LEU I 75 -14.70 45.99 10.99
N ALA I 76 -14.76 45.30 9.84
CA ALA I 76 -15.93 45.41 8.99
C ALA I 76 -17.14 44.73 9.63
N VAL I 77 -16.94 43.54 10.19
CA VAL I 77 -18.04 42.79 10.79
C VAL I 77 -18.65 43.57 11.96
N LYS I 78 -17.81 44.14 12.83
CA LYS I 78 -18.26 44.75 14.06
C LYS I 78 -18.67 46.21 13.92
N HIS I 79 -18.05 46.96 13.03
CA HIS I 79 -18.29 48.39 12.96
C HIS I 79 -18.57 48.89 11.55
N GLY I 80 -18.61 48.00 10.56
CA GLY I 80 -18.83 48.47 9.20
C GLY I 80 -17.70 49.33 8.68
N ILE I 81 -16.54 49.28 9.32
CA ILE I 81 -15.35 50.00 8.87
C ILE I 81 -14.62 49.12 7.86
N THR I 82 -14.32 49.67 6.69
CA THR I 82 -13.59 48.88 5.71
C THR I 82 -12.67 49.79 4.90
N VAL I 83 -11.92 49.19 3.98
CA VAL I 83 -10.96 49.91 3.17
C VAL I 83 -11.65 50.38 1.89
N ALA I 84 -11.68 51.69 1.68
CA ALA I 84 -12.55 52.24 0.64
C ALA I 84 -11.98 52.00 -0.75
N ASN I 85 -10.68 51.83 -0.87
CA ASN I 85 -10.05 51.57 -2.17
C ASN I 85 -9.47 50.16 -2.23
N SER I 86 -10.14 49.19 -1.58
CA SER I 86 -9.61 47.84 -1.46
C SER I 86 -9.76 47.06 -2.77
N PRO I 87 -8.77 46.23 -3.14
CA PRO I 87 -7.50 46.13 -2.42
C PRO I 87 -6.56 47.20 -2.89
N GLY I 88 -5.89 47.85 -1.94
CA GLY I 88 -4.89 48.84 -2.31
C GLY I 88 -3.66 48.16 -2.87
N THR I 89 -3.08 48.76 -3.91
CA THR I 89 -1.94 48.18 -4.61
C THR I 89 -0.72 49.02 -4.28
N ILE I 90 0.28 48.38 -3.64
CA ILE I 90 1.59 48.97 -3.43
C ILE I 90 2.56 48.17 -4.27
N ASP I 91 3.25 48.81 -5.20
CA ASP I 91 4.28 48.15 -6.01
C ASP I 91 5.61 48.88 -5.82
N ALA I 92 6.59 48.46 -6.61
CA ALA I 92 7.96 48.97 -6.47
C ALA I 92 8.05 50.46 -6.78
N ASP I 93 7.07 51.04 -7.49
CA ASP I 93 7.12 52.48 -7.76
C ASP I 93 6.76 53.29 -6.53
N TYR I 94 5.92 52.75 -5.63
CA TYR I 94 5.42 53.55 -4.50
C TYR I 94 6.36 53.43 -3.30
N ARG I 95 7.14 54.47 -3.03
CA ARG I 95 8.04 54.48 -1.90
C ARG I 95 7.68 55.55 -0.87
N GLY I 96 6.47 56.10 -0.94
CA GLY I 96 6.01 57.04 0.07
C GLY I 96 5.34 56.32 1.24
N GLU I 97 4.83 57.13 2.17
CA GLU I 97 4.19 56.59 3.35
C GLU I 97 2.96 55.78 3.00
N ILE I 98 2.87 54.57 3.56
CA ILE I 98 1.68 53.76 3.36
C ILE I 98 0.55 54.36 4.19
N LYS I 99 -0.56 54.64 3.54
CA LYS I 99 -1.73 55.19 4.21
C LYS I 99 -2.96 54.37 3.86
N VAL I 100 -3.80 54.13 4.86
CA VAL I 100 -4.99 53.29 4.70
C VAL I 100 -6.22 54.19 4.59
N LEU I 101 -6.96 54.03 3.50
CA LEU I 101 -8.16 54.82 3.24
C LEU I 101 -9.36 54.06 3.82
N LEU I 102 -9.88 54.51 4.95
CA LEU I 102 -10.98 53.83 5.61
C LEU I 102 -12.30 54.55 5.35
N ILE I 103 -13.37 53.77 5.25
CA ILE I 103 -14.71 54.33 5.16
C ILE I 103 -15.58 53.68 6.23
N ASN I 104 -16.45 54.49 6.85
CA ASN I 104 -17.40 54.05 7.86
C ASN I 104 -18.74 53.80 7.18
N LEU I 105 -19.03 52.53 6.88
CA LEU I 105 -20.30 52.10 6.36
C LEU I 105 -21.21 51.50 7.43
N GLY I 106 -20.88 51.67 8.70
CA GLY I 106 -21.70 51.23 9.80
C GLY I 106 -22.71 52.28 10.21
N ASN I 107 -23.28 52.11 11.40
CA ASN I 107 -24.35 52.98 11.86
C ASN I 107 -23.94 53.88 13.03
N LYS I 108 -22.69 53.82 13.48
CA LYS I 108 -22.20 54.67 14.56
C LYS I 108 -20.88 55.31 14.15
N ASP I 109 -20.65 56.54 14.61
CA ASP I 109 -19.34 57.15 14.42
C ASP I 109 -18.27 56.26 15.05
N PHE I 110 -17.08 56.27 14.45
CA PHE I 110 -15.99 55.41 14.90
C PHE I 110 -14.69 56.18 14.96
N ILE I 111 -13.95 56.04 16.05
CA ILE I 111 -12.72 56.78 16.27
C ILE I 111 -11.51 55.88 16.02
N ILE I 112 -10.61 56.34 15.16
CA ILE I 112 -9.35 55.67 14.92
C ILE I 112 -8.32 56.27 15.87
N GLU I 113 -7.79 55.45 16.78
CA GLU I 113 -6.71 55.87 17.67
C GLU I 113 -5.40 55.19 17.30
N LYS I 114 -4.29 55.89 17.55
CA LYS I 114 -2.96 55.32 17.34
C LYS I 114 -2.83 53.98 18.06
N GLY I 115 -2.28 53.00 17.36
CA GLY I 115 -2.13 51.65 17.87
C GLY I 115 -3.21 50.69 17.43
N MET I 116 -4.31 51.21 16.92
CA MET I 116 -5.39 50.33 16.45
CA MET I 116 -5.39 50.34 16.45
C MET I 116 -4.99 49.62 15.17
N ARG I 117 -5.30 48.32 15.11
CA ARG I 117 -5.16 47.54 13.89
C ARG I 117 -6.25 47.91 12.88
N ILE I 118 -5.86 48.35 11.68
CA ILE I 118 -6.81 48.95 10.76
C ILE I 118 -6.88 48.29 9.39
N ALA I 119 -5.93 47.43 9.03
CA ALA I 119 -5.93 46.81 7.70
C ALA I 119 -4.88 45.71 7.68
N GLN I 120 -4.93 44.87 6.65
CA GLN I 120 -3.98 43.78 6.48
C GLN I 120 -3.16 44.01 5.22
N MET I 121 -1.90 43.61 5.26
CA MET I 121 -1.02 43.76 4.10
C MET I 121 -0.51 42.38 3.70
N ILE I 122 -0.88 41.96 2.50
CA ILE I 122 -0.52 40.67 1.94
C ILE I 122 0.38 40.92 0.75
N ILE I 123 1.53 40.27 0.73
CA ILE I 123 2.46 40.40 -0.37
C ILE I 123 2.30 39.19 -1.28
N ALA I 124 2.22 39.45 -2.59
CA ALA I 124 2.09 38.37 -3.56
C ALA I 124 2.83 38.76 -4.83
N LYS I 125 3.03 37.77 -5.70
CA LYS I 125 3.63 37.99 -7.01
C LYS I 125 2.58 38.44 -8.04
N TYR I 126 3.03 39.23 -9.01
CA TYR I 126 2.23 39.54 -10.19
C TYR I 126 3.03 39.25 -11.44
N GLU I 127 2.33 39.13 -12.57
CA GLU I 127 2.95 38.91 -13.87
C GLU I 127 2.90 40.17 -14.72
N ARG I 128 3.83 40.26 -15.67
CA ARG I 128 3.87 41.37 -16.62
C ARG I 128 3.30 40.91 -17.96
N VAL I 129 2.31 41.62 -18.44
CA VAL I 129 1.62 41.32 -19.70
C VAL I 129 2.33 41.99 -20.86
N LEU I 130 2.48 41.26 -21.96
CA LEU I 130 2.77 41.80 -23.28
C LEU I 130 1.51 41.62 -24.12
N TRP I 131 0.95 42.72 -24.61
CA TRP I 131 -0.27 42.59 -25.41
C TRP I 131 0.05 42.02 -26.79
N ALA I 132 -0.86 41.17 -27.27
CA ALA I 132 -0.84 40.73 -28.66
C ALA I 132 -2.19 41.17 -29.23
N GLU I 133 -2.18 42.22 -30.02
CA GLU I 133 -3.42 42.79 -30.51
C GLU I 133 -3.94 41.92 -31.64
N THR I 134 -5.24 41.67 -31.62
CA THR I 134 -5.85 40.81 -32.62
C THR I 134 -7.24 41.35 -32.94
N SER I 135 -7.75 40.96 -34.10
CA SER I 135 -9.12 41.30 -34.46
C SER I 135 -10.10 40.17 -34.18
N ILE I 136 -9.61 39.00 -33.75
CA ILE I 136 -10.46 37.85 -33.44
C ILE I 136 -9.97 37.25 -32.12
N LEU I 137 -10.85 37.16 -31.13
CA LEU I 137 -10.50 36.46 -29.89
C LEU I 137 -10.90 34.99 -29.95
N PRO J 2 -45.17 -1.93 -23.46
CA PRO J 2 -43.93 -1.52 -24.13
C PRO J 2 -44.07 -0.12 -24.74
N GLY J 3 -43.98 0.89 -23.89
CA GLY J 3 -44.13 2.26 -24.36
C GLY J 3 -42.81 2.90 -24.80
N SER J 4 -42.63 4.15 -24.39
CA SER J 4 -41.47 4.93 -24.79
C SER J 4 -40.16 4.22 -24.43
N MET J 5 -39.17 4.32 -25.33
CA MET J 5 -37.81 3.94 -25.04
C MET J 5 -36.92 5.16 -25.24
N THR J 6 -35.87 5.26 -24.42
CA THR J 6 -34.78 6.21 -24.66
C THR J 6 -33.68 5.47 -25.39
N ILE J 7 -33.26 6.00 -26.54
CA ILE J 7 -32.29 5.38 -27.42
C ILE J 7 -31.19 6.36 -27.77
N ILE J 8 -30.09 5.81 -28.29
CA ILE J 8 -29.02 6.58 -28.91
C ILE J 8 -28.91 6.10 -30.35
N GLU J 9 -28.95 7.05 -31.29
CA GLU J 9 -28.86 6.72 -32.71
C GLU J 9 -27.40 6.63 -33.15
N VAL J 10 -27.06 5.53 -33.80
CA VAL J 10 -25.68 5.23 -34.20
C VAL J 10 -25.67 4.83 -35.66
N LYS J 11 -24.80 5.46 -36.45
CA LYS J 11 -24.68 5.12 -37.86
C LYS J 11 -23.98 3.79 -38.02
N ILE J 12 -24.47 2.97 -38.93
CA ILE J 12 -23.95 1.63 -39.14
C ILE J 12 -23.94 1.33 -40.62
N LYS J 13 -22.90 0.67 -41.09
CA LYS J 13 -22.75 0.35 -42.50
C LYS J 13 -22.61 -1.16 -42.69
N LYS J 14 -23.39 -1.71 -43.62
CA LYS J 14 -23.22 -3.09 -44.03
C LYS J 14 -22.08 -3.21 -45.02
N LEU J 15 -21.11 -4.07 -44.73
CA LEU J 15 -20.03 -4.31 -45.66
C LEU J 15 -20.42 -5.41 -46.64
N GLU J 16 -19.55 -5.63 -47.64
CA GLU J 16 -19.87 -6.57 -48.72
C GLU J 16 -20.12 -7.97 -48.20
N ASN J 17 -19.44 -8.36 -47.11
CA ASN J 17 -19.55 -9.71 -46.57
C ASN J 17 -20.74 -9.85 -45.63
N PHE J 18 -21.54 -8.80 -45.46
CA PHE J 18 -22.64 -8.87 -44.52
C PHE J 18 -23.87 -9.51 -45.12
N LEU J 19 -24.57 -10.26 -44.28
CA LEU J 19 -25.85 -10.85 -44.62
C LEU J 19 -26.74 -10.78 -43.40
N GLY J 20 -28.05 -10.77 -43.62
CA GLY J 20 -28.97 -10.83 -42.51
C GLY J 20 -29.22 -9.50 -41.84
N ASN J 21 -29.57 -9.55 -40.56
CA ASN J 21 -30.02 -8.39 -39.82
C ASN J 21 -28.89 -7.67 -39.12
N LEU J 22 -29.10 -6.37 -38.89
CA LEU J 22 -28.22 -5.61 -38.04
C LEU J 22 -28.27 -6.22 -36.64
N PRO J 23 -27.22 -6.03 -35.84
CA PRO J 23 -27.21 -6.59 -34.48
C PRO J 23 -28.47 -6.20 -33.73
N GLU J 24 -29.10 -7.20 -33.09
CA GLU J 24 -30.41 -7.03 -32.48
C GLU J 24 -30.33 -7.25 -30.97
N TYR J 25 -31.13 -6.48 -30.23
CA TYR J 25 -31.39 -6.76 -28.82
C TYR J 25 -32.37 -7.91 -28.72
N ALA J 26 -32.06 -8.90 -27.87
CA ALA J 26 -32.98 -10.02 -27.68
C ALA J 26 -34.34 -9.55 -27.21
N THR J 27 -34.38 -8.62 -26.25
CA THR J 27 -35.65 -8.08 -25.77
C THR J 27 -35.49 -6.58 -25.59
N GLU J 28 -36.60 -5.93 -25.24
CA GLU J 28 -36.58 -4.51 -24.92
C GLU J 28 -35.82 -4.21 -23.65
N HIS J 29 -35.46 -5.22 -22.86
CA HIS J 29 -34.70 -5.03 -21.63
C HIS J 29 -33.26 -5.49 -21.73
N SER J 30 -32.81 -5.94 -22.90
CA SER J 30 -31.46 -6.46 -23.01
C SER J 30 -30.44 -5.33 -22.97
N ALA J 31 -29.30 -5.61 -22.35
CA ALA J 31 -28.23 -4.61 -22.33
C ALA J 31 -27.40 -4.63 -23.61
N GLY J 32 -27.31 -5.77 -24.30
CA GLY J 32 -26.39 -5.91 -25.41
C GLY J 32 -27.09 -6.47 -26.62
N MET J 33 -26.49 -6.20 -27.78
CA MET J 33 -26.94 -6.78 -29.03
C MET J 33 -26.10 -8.00 -29.38
N ASP J 34 -26.73 -8.99 -30.00
CA ASP J 34 -26.03 -10.20 -30.41
C ASP J 34 -25.22 -9.95 -31.67
N LEU J 35 -23.92 -10.15 -31.60
CA LEU J 35 -23.10 -10.09 -32.79
C LEU J 35 -23.05 -11.46 -33.45
N VAL J 36 -23.11 -11.47 -34.78
CA VAL J 36 -23.28 -12.69 -35.54
C VAL J 36 -22.07 -12.88 -36.44
N ALA J 37 -21.57 -14.12 -36.52
CA ALA J 37 -20.45 -14.43 -37.38
C ALA J 37 -20.82 -14.21 -38.85
N ALA J 38 -19.91 -13.56 -39.58
CA ALA J 38 -20.09 -13.31 -41.01
C ALA J 38 -18.93 -13.83 -41.85
N ASN J 39 -18.22 -14.86 -41.37
CA ASN J 39 -17.18 -15.48 -42.16
C ASN J 39 -17.78 -16.29 -43.31
N GLU J 40 -17.28 -16.07 -44.53
CA GLU J 40 -17.84 -16.75 -45.69
C GLU J 40 -17.64 -18.26 -45.60
N GLN J 41 -16.47 -18.70 -45.12
CA GLN J 41 -16.19 -20.11 -44.92
C GLN J 41 -16.11 -20.43 -43.44
N SER J 42 -16.40 -21.68 -43.10
CA SER J 42 -16.33 -22.12 -41.72
C SER J 42 -14.90 -21.95 -41.18
N ILE J 43 -14.80 -21.60 -39.91
CA ILE J 43 -13.53 -21.42 -39.24
C ILE J 43 -13.50 -22.35 -38.04
N THR J 44 -12.50 -23.22 -37.98
CA THR J 44 -12.28 -24.08 -36.83
C THR J 44 -11.35 -23.37 -35.85
N ILE J 45 -11.74 -23.31 -34.59
CA ILE J 45 -10.86 -22.84 -33.53
C ILE J 45 -10.42 -24.08 -32.75
N LYS J 46 -9.20 -24.53 -32.98
CA LYS J 46 -8.68 -25.66 -32.22
C LYS J 46 -8.50 -25.26 -30.76
N VAL J 47 -8.41 -26.28 -29.91
CA VAL J 47 -8.18 -26.07 -28.48
C VAL J 47 -6.95 -25.21 -28.27
N GLY J 48 -7.10 -24.14 -27.50
CA GLY J 48 -6.00 -23.25 -27.23
C GLY J 48 -5.75 -22.20 -28.28
N SER J 49 -6.37 -22.30 -29.45
CA SER J 49 -6.12 -21.37 -30.53
C SER J 49 -7.01 -20.11 -30.43
N ILE J 50 -6.58 -19.09 -31.16
CA ILE J 50 -7.21 -17.79 -31.22
C ILE J 50 -7.58 -17.50 -32.67
N GLN J 51 -8.81 -17.04 -32.91
CA GLN J 51 -9.30 -16.77 -34.27
C GLN J 51 -10.10 -15.48 -34.32
N LEU J 52 -9.81 -14.67 -35.33
CA LEU J 52 -10.51 -13.40 -35.57
C LEU J 52 -11.70 -13.66 -36.50
N ILE J 53 -12.90 -13.35 -36.04
CA ILE J 53 -14.13 -13.62 -36.78
C ILE J 53 -14.73 -12.29 -37.24
N PRO J 54 -14.93 -12.12 -38.55
CA PRO J 54 -15.56 -10.89 -39.05
C PRO J 54 -17.07 -10.90 -38.83
N THR J 55 -17.64 -9.69 -38.69
CA THR J 55 -19.07 -9.49 -38.54
C THR J 55 -19.75 -8.79 -39.71
N GLY J 56 -18.99 -8.21 -40.64
CA GLY J 56 -19.59 -7.58 -41.79
C GLY J 56 -20.24 -6.22 -41.54
N ILE J 57 -19.98 -5.58 -40.40
CA ILE J 57 -20.54 -4.27 -40.13
C ILE J 57 -19.43 -3.33 -39.67
N ALA J 58 -19.65 -2.04 -39.91
CA ALA J 58 -18.83 -0.97 -39.37
C ALA J 58 -19.79 0.08 -38.82
N ILE J 59 -19.40 0.71 -37.71
CA ILE J 59 -20.24 1.69 -37.03
C ILE J 59 -19.45 2.97 -36.81
N ALA J 60 -20.19 4.05 -36.64
CA ALA J 60 -19.64 5.39 -36.37
C ALA J 60 -20.33 5.88 -35.11
N LEU J 61 -19.71 5.66 -33.97
CA LEU J 61 -20.31 6.04 -32.69
C LEU J 61 -20.29 7.55 -32.51
N PRO J 62 -21.32 8.14 -31.90
CA PRO J 62 -21.25 9.55 -31.54
C PRO J 62 -20.31 9.74 -30.35
N GLU J 63 -19.82 10.97 -30.21
CA GLU J 63 -18.85 11.30 -29.18
C GLU J 63 -19.37 10.97 -27.79
N SER J 64 -18.49 10.44 -26.95
CA SER J 64 -18.71 10.06 -25.54
C SER J 64 -19.49 8.76 -25.39
N PHE J 65 -19.81 8.07 -26.48
CA PHE J 65 -20.38 6.74 -26.42
C PHE J 65 -19.35 5.73 -26.93
N GLU J 66 -19.31 4.56 -26.29
CA GLU J 66 -18.45 3.46 -26.69
C GLU J 66 -19.27 2.19 -26.82
N ALA J 67 -18.83 1.29 -27.68
CA ALA J 67 -19.41 -0.05 -27.78
C ALA J 67 -18.43 -1.06 -27.17
N GLN J 68 -18.90 -1.85 -26.23
CA GLN J 68 -18.09 -2.88 -25.59
C GLN J 68 -18.41 -4.23 -26.21
N ILE J 69 -17.36 -4.94 -26.66
CA ILE J 69 -17.49 -6.30 -27.18
C ILE J 69 -17.20 -7.26 -26.03
N ARG J 70 -18.22 -8.01 -25.61
CA ARG J 70 -18.18 -8.87 -24.44
C ARG J 70 -18.48 -10.32 -24.84
N PRO J 71 -18.09 -11.29 -24.03
CA PRO J 71 -18.40 -12.69 -24.35
C PRO J 71 -19.89 -12.98 -24.24
N ARG J 72 -20.37 -13.79 -25.18
CA ARG J 72 -21.66 -14.44 -25.04
C ARG J 72 -21.51 -15.56 -24.01
N SER J 73 -22.31 -15.52 -22.95
CA SER J 73 -22.07 -16.38 -21.80
C SER J 73 -22.25 -17.86 -22.12
N GLY J 74 -23.33 -18.20 -22.83
CA GLY J 74 -23.59 -19.60 -23.12
C GLY J 74 -22.47 -20.26 -23.89
N LEU J 75 -21.85 -19.50 -24.80
CA LEU J 75 -20.72 -20.00 -25.57
C LEU J 75 -19.54 -20.35 -24.66
N ALA J 76 -19.25 -19.51 -23.66
CA ALA J 76 -18.15 -19.81 -22.75
C ALA J 76 -18.49 -20.96 -21.82
N VAL J 77 -19.71 -20.98 -21.28
CA VAL J 77 -20.10 -22.04 -20.35
C VAL J 77 -20.09 -23.40 -21.03
N LYS J 78 -20.57 -23.47 -22.28
CA LYS J 78 -20.77 -24.74 -22.95
C LYS J 78 -19.54 -25.25 -23.69
N HIS J 79 -18.70 -24.37 -24.21
CA HIS J 79 -17.59 -24.79 -25.04
C HIS J 79 -16.27 -24.15 -24.66
N GLY J 80 -16.24 -23.34 -23.60
CA GLY J 80 -15.00 -22.68 -23.25
C GLY J 80 -14.52 -21.68 -24.27
N ILE J 81 -15.40 -21.26 -25.18
CA ILE J 81 -15.10 -20.22 -26.16
C ILE J 81 -15.39 -18.87 -25.52
N THR J 82 -14.45 -17.94 -25.64
CA THR J 82 -14.68 -16.60 -25.11
C THR J 82 -13.94 -15.58 -25.96
N VAL J 83 -14.07 -14.31 -25.59
CA VAL J 83 -13.46 -13.22 -26.33
C VAL J 83 -12.09 -12.94 -25.75
N ALA J 84 -11.04 -13.09 -26.57
CA ALA J 84 -9.68 -13.08 -26.02
C ALA J 84 -9.21 -11.69 -25.60
N ASN J 85 -9.77 -10.63 -26.17
CA ASN J 85 -9.39 -9.27 -25.83
C ASN J 85 -10.52 -8.54 -25.12
N SER J 86 -11.29 -9.27 -24.30
CA SER J 86 -12.50 -8.74 -23.69
C SER J 86 -12.18 -7.82 -22.49
N PRO J 87 -12.92 -6.71 -22.33
CA PRO J 87 -13.93 -6.28 -23.31
C PRO J 87 -13.30 -5.47 -24.42
N GLY J 88 -13.68 -5.75 -25.66
CA GLY J 88 -13.20 -4.95 -26.78
C GLY J 88 -13.83 -3.56 -26.73
N THR J 89 -13.03 -2.56 -27.10
CA THR J 89 -13.44 -1.15 -27.03
C THR J 89 -13.61 -0.62 -28.45
N ILE J 90 -14.84 -0.37 -28.88
CA ILE J 90 -15.11 0.36 -30.13
C ILE J 90 -15.48 1.78 -29.75
N ASP J 91 -14.74 2.77 -30.27
CA ASP J 91 -15.11 4.17 -30.04
C ASP J 91 -15.26 4.91 -31.36
N ALA J 92 -15.45 6.23 -31.29
CA ALA J 92 -15.74 6.99 -32.51
C ALA J 92 -14.60 6.94 -33.51
N ASP J 93 -13.37 6.63 -33.07
CA ASP J 93 -12.26 6.53 -34.02
C ASP J 93 -12.33 5.26 -34.85
N TYR J 94 -12.92 4.19 -34.33
CA TYR J 94 -12.90 2.93 -35.06
C TYR J 94 -14.09 2.89 -36.01
N ARG J 95 -13.83 3.12 -37.29
CA ARG J 95 -14.85 3.09 -38.33
CA ARG J 95 -14.87 3.06 -38.31
C ARG J 95 -14.68 1.91 -39.28
N GLY J 96 -13.77 0.98 -38.96
CA GLY J 96 -13.59 -0.21 -39.77
C GLY J 96 -14.52 -1.34 -39.36
N GLU J 97 -14.35 -2.49 -40.04
CA GLU J 97 -15.15 -3.66 -39.76
C GLU J 97 -14.95 -4.13 -38.32
N ILE J 98 -16.06 -4.40 -37.63
CA ILE J 98 -16.00 -4.98 -36.31
C ILE J 98 -15.66 -6.46 -36.44
N LYS J 99 -14.60 -6.89 -35.75
CA LYS J 99 -14.15 -8.26 -35.75
C LYS J 99 -14.00 -8.76 -34.32
N VAL J 100 -14.43 -10.00 -34.08
CA VAL J 100 -14.46 -10.58 -32.74
C VAL J 100 -13.31 -11.57 -32.60
N LEU J 101 -12.44 -11.33 -31.62
CA LEU J 101 -11.27 -12.19 -31.39
C LEU J 101 -11.66 -13.27 -30.38
N LEU J 102 -11.86 -14.50 -30.87
CA LEU J 102 -12.28 -15.61 -30.03
C LEU J 102 -11.10 -16.51 -29.69
N ILE J 103 -11.12 -17.07 -28.48
CA ILE J 103 -10.14 -18.05 -28.07
C ILE J 103 -10.88 -19.29 -27.56
N ASN J 104 -10.34 -20.47 -27.89
CA ASN J 104 -10.91 -21.73 -27.44
C ASN J 104 -10.12 -22.20 -26.22
N LEU J 105 -10.67 -21.93 -25.04
CA LEU J 105 -10.13 -22.41 -23.77
C LEU J 105 -10.85 -23.67 -23.29
N GLY J 106 -11.66 -24.28 -24.15
CA GLY J 106 -12.35 -25.51 -23.82
C GLY J 106 -11.46 -26.70 -24.09
N ASN J 107 -12.08 -27.87 -24.10
CA ASN J 107 -11.37 -29.13 -24.30
C ASN J 107 -11.71 -29.80 -25.62
N LYS J 108 -12.52 -29.18 -26.49
CA LYS J 108 -12.81 -29.70 -27.82
C LYS J 108 -12.71 -28.58 -28.85
N ASP J 109 -12.23 -28.93 -30.04
CA ASP J 109 -12.25 -28.02 -31.18
C ASP J 109 -13.68 -27.54 -31.45
N PHE J 110 -13.80 -26.31 -31.91
CA PHE J 110 -15.12 -25.71 -32.12
C PHE J 110 -15.15 -24.98 -33.45
N ILE J 111 -16.22 -25.20 -34.21
CA ILE J 111 -16.36 -24.65 -35.56
C ILE J 111 -17.26 -23.43 -35.50
N ILE J 112 -16.76 -22.30 -36.00
CA ILE J 112 -17.57 -21.09 -36.11
C ILE J 112 -18.22 -21.09 -37.49
N GLU J 113 -19.54 -21.16 -37.52
CA GLU J 113 -20.31 -21.12 -38.76
C GLU J 113 -20.94 -19.75 -38.94
N LYS J 114 -21.05 -19.31 -40.20
CA LYS J 114 -21.77 -18.08 -40.47
C LYS J 114 -23.16 -18.16 -39.85
N GLY J 115 -23.57 -17.08 -39.19
CA GLY J 115 -24.85 -17.03 -38.52
C GLY J 115 -24.81 -17.32 -37.03
N MET J 116 -23.71 -17.87 -36.51
CA MET J 116 -23.63 -18.12 -35.08
C MET J 116 -23.51 -16.80 -34.32
N ARG J 117 -24.14 -16.74 -33.15
CA ARG J 117 -23.93 -15.65 -32.21
C ARG J 117 -22.61 -15.88 -31.46
N ILE J 118 -21.69 -14.93 -31.56
CA ILE J 118 -20.33 -15.13 -31.09
C ILE J 118 -19.91 -14.15 -30.02
N ALA J 119 -20.69 -13.10 -29.76
CA ALA J 119 -20.33 -12.10 -28.77
C ALA J 119 -21.54 -11.19 -28.55
N GLN J 120 -21.41 -10.30 -27.56
CA GLN J 120 -22.42 -9.30 -27.26
CA GLN J 120 -22.41 -9.31 -27.21
C GLN J 120 -21.82 -7.92 -27.39
N MET J 121 -22.67 -6.95 -27.77
CA MET J 121 -22.24 -5.56 -27.92
C MET J 121 -23.12 -4.65 -27.07
N ILE J 122 -22.50 -4.00 -26.09
CA ILE J 122 -23.17 -3.14 -25.12
C ILE J 122 -22.62 -1.73 -25.31
N ILE J 123 -23.51 -0.76 -25.47
CA ILE J 123 -23.12 0.63 -25.66
C ILE J 123 -23.30 1.38 -24.34
N ALA J 124 -22.28 2.15 -23.95
CA ALA J 124 -22.37 2.93 -22.73
C ALA J 124 -21.62 4.25 -22.92
N LYS J 125 -21.84 5.17 -22.00
CA LYS J 125 -21.10 6.43 -22.00
C LYS J 125 -19.77 6.29 -21.26
N TYR J 126 -18.79 7.08 -21.69
CA TYR J 126 -17.54 7.21 -20.97
C TYR J 126 -17.26 8.68 -20.70
N GLU J 127 -16.37 8.95 -19.75
CA GLU J 127 -15.94 10.28 -19.40
C GLU J 127 -14.53 10.52 -19.93
N ARG J 128 -14.20 11.80 -20.17
CA ARG J 128 -12.87 12.20 -20.61
C ARG J 128 -12.11 12.76 -19.42
N VAL J 129 -10.93 12.21 -19.15
CA VAL J 129 -10.09 12.59 -18.03
C VAL J 129 -9.20 13.76 -18.40
N LEU J 130 -9.10 14.73 -17.50
CA LEU J 130 -8.03 15.71 -17.52
C LEU J 130 -7.14 15.43 -16.32
N TRP J 131 -5.87 15.10 -16.56
CA TRP J 131 -4.98 14.78 -15.46
C TRP J 131 -4.66 16.03 -14.64
N ALA J 132 -4.60 15.87 -13.32
CA ALA J 132 -4.18 16.93 -12.41
C ALA J 132 -3.04 16.49 -11.50
N GLU J 133 -1.97 17.26 -11.47
CA GLU J 133 -0.83 16.94 -10.62
C GLU J 133 -0.61 18.07 -9.62
N THR J 134 -0.20 17.69 -8.42
CA THR J 134 0.20 18.65 -7.40
CA THR J 134 0.17 18.70 -7.45
C THR J 134 1.59 19.21 -7.72
N SER J 135 2.03 20.20 -6.96
CA SER J 135 3.41 20.70 -7.06
C SER J 135 4.27 20.06 -5.98
N PRO K 2 28.29 -12.44 32.80
CA PRO K 2 27.02 -13.14 32.96
C PRO K 2 27.17 -14.39 33.83
N GLY K 3 27.08 -14.20 35.14
CA GLY K 3 27.23 -15.30 36.08
C GLY K 3 25.97 -16.13 36.20
N SER K 4 25.80 -16.71 37.39
CA SER K 4 24.65 -17.55 37.66
C SER K 4 23.35 -16.81 37.37
N MET K 5 22.31 -17.57 37.06
CA MET K 5 21.00 -16.99 36.89
CA MET K 5 20.99 -17.00 36.85
C MET K 5 19.95 -18.05 37.21
N THR K 6 18.80 -17.58 37.66
CA THR K 6 17.70 -18.42 38.08
C THR K 6 16.67 -18.55 36.95
N ILE K 7 16.33 -19.79 36.61
CA ILE K 7 15.43 -20.09 35.52
C ILE K 7 14.28 -20.97 36.02
N ILE K 8 13.18 -20.96 35.28
CA ILE K 8 12.11 -21.92 35.49
C ILE K 8 11.99 -22.72 34.20
N GLU K 9 12.05 -24.04 34.31
CA GLU K 9 11.93 -24.90 33.13
C GLU K 9 10.46 -25.11 32.80
N VAL K 10 10.09 -24.92 31.53
CA VAL K 10 8.72 -24.99 31.09
C VAL K 10 8.62 -25.89 29.86
N LYS K 11 7.74 -26.88 29.91
CA LYS K 11 7.53 -27.74 28.75
C LYS K 11 6.78 -26.99 27.66
N ILE K 12 7.20 -27.18 26.41
CA ILE K 12 6.62 -26.44 25.30
C ILE K 12 6.56 -27.36 24.08
N LYS K 13 5.49 -27.25 23.31
CA LYS K 13 5.30 -28.04 22.11
C LYS K 13 5.07 -27.13 20.92
N LYS K 14 5.82 -27.37 19.84
CA LYS K 14 5.53 -26.75 18.56
C LYS K 14 4.42 -27.52 17.86
N LEU K 15 3.36 -26.81 17.47
CA LEU K 15 2.28 -27.41 16.70
C LEU K 15 2.62 -27.38 15.21
N GLU K 16 1.77 -28.02 14.42
CA GLU K 16 2.06 -28.21 13.00
C GLU K 16 2.31 -26.89 12.27
N ASN K 17 1.65 -25.81 12.71
CA ASN K 17 1.77 -24.51 12.05
C ASN K 17 2.94 -23.67 12.53
N PHE K 18 3.79 -24.20 13.42
CA PHE K 18 4.86 -23.38 13.96
C PHE K 18 6.03 -23.31 12.98
N LEU K 19 6.69 -22.15 12.98
CA LEU K 19 7.87 -21.92 12.14
C LEU K 19 8.97 -21.25 12.96
N GLY K 20 10.22 -21.51 12.57
CA GLY K 20 11.33 -20.79 13.17
C GLY K 20 11.66 -21.31 14.56
N ASN K 21 12.27 -20.43 15.35
CA ASN K 21 12.69 -20.83 16.69
C ASN K 21 11.60 -20.49 17.71
N LEU K 22 11.65 -21.22 18.84
CA LEU K 22 10.78 -20.96 19.99
C LEU K 22 10.93 -19.53 20.50
N PRO K 23 9.93 -19.01 21.20
CA PRO K 23 10.02 -17.64 21.71
C PRO K 23 11.30 -17.41 22.49
N GLU K 24 11.97 -16.31 22.18
CA GLU K 24 13.26 -15.94 22.74
C GLU K 24 13.18 -14.62 23.52
N TYR K 25 14.01 -14.54 24.57
CA TYR K 25 14.29 -13.29 25.24
C TYR K 25 15.30 -12.49 24.40
N ALA K 26 15.00 -11.21 24.17
CA ALA K 26 15.91 -10.39 23.39
C ALA K 26 17.30 -10.33 24.02
N THR K 27 17.38 -10.19 25.34
CA THR K 27 18.67 -10.15 26.03
C THR K 27 18.58 -10.96 27.32
N GLU K 28 19.73 -11.08 28.00
CA GLU K 28 19.76 -11.74 29.30
C GLU K 28 19.03 -10.97 30.37
N HIS K 29 18.63 -9.73 30.10
CA HIS K 29 17.93 -8.89 31.07
C HIS K 29 16.45 -8.65 30.74
N SER K 30 15.92 -9.27 29.70
CA SER K 30 14.54 -9.01 29.27
C SER K 30 13.52 -9.68 30.18
N ALA K 31 12.41 -8.99 30.41
CA ALA K 31 11.34 -9.62 31.18
C ALA K 31 10.49 -10.56 30.35
N GLY K 32 10.39 -10.34 29.03
CA GLY K 32 9.45 -11.07 28.22
C GLY K 32 10.06 -11.65 26.97
N MET K 33 9.42 -12.69 26.48
CA MET K 33 9.75 -13.28 25.19
C MET K 33 8.72 -12.78 24.16
N ASP K 34 9.19 -12.56 22.93
CA ASP K 34 8.34 -12.11 21.83
C ASP K 34 7.57 -13.27 21.21
N LEU K 35 6.25 -13.14 21.16
CA LEU K 35 5.41 -14.08 20.46
C LEU K 35 5.24 -13.64 19.00
N VAL K 36 5.27 -14.62 18.10
CA VAL K 36 5.33 -14.40 16.66
C VAL K 36 4.08 -14.98 16.01
N ALA K 37 3.53 -14.24 15.04
CA ALA K 37 2.35 -14.72 14.30
C ALA K 37 2.66 -15.98 13.52
N ALA K 38 1.75 -16.95 13.61
CA ALA K 38 1.90 -18.21 12.89
C ALA K 38 0.66 -18.53 12.05
N ASN K 39 -0.08 -17.51 11.63
CA ASN K 39 -1.20 -17.73 10.72
C ASN K 39 -0.68 -18.09 9.34
N GLU K 40 -1.18 -19.19 8.78
CA GLU K 40 -0.69 -19.64 7.47
C GLU K 40 -1.01 -18.62 6.40
N GLN K 41 -2.20 -18.02 6.44
CA GLN K 41 -2.58 -16.99 5.49
C GLN K 41 -2.66 -15.63 6.20
N SER K 42 -2.40 -14.58 5.44
CA SER K 42 -2.50 -13.22 5.95
C SER K 42 -3.89 -12.99 6.54
N ILE K 43 -3.93 -12.22 7.63
CA ILE K 43 -5.17 -11.85 8.29
C ILE K 43 -5.22 -10.33 8.34
N THR K 44 -6.29 -9.76 7.79
CA THR K 44 -6.52 -8.33 7.83
C THR K 44 -7.32 -8.02 9.08
N ILE K 45 -6.84 -7.07 9.87
CA ILE K 45 -7.60 -6.54 10.99
C ILE K 45 -8.09 -5.16 10.60
N LYS K 46 -9.36 -5.05 10.25
CA LYS K 46 -9.94 -3.76 9.90
C LYS K 46 -9.97 -2.85 11.12
N VAL K 47 -10.07 -1.54 10.86
CA VAL K 47 -10.21 -0.58 11.94
C VAL K 47 -11.39 -0.99 12.82
N GLY K 48 -11.14 -1.07 14.12
CA GLY K 48 -12.19 -1.41 15.06
C GLY K 48 -12.44 -2.90 15.23
N SER K 49 -11.83 -3.75 14.40
CA SER K 49 -12.06 -5.17 14.45
C SER K 49 -11.12 -5.87 15.44
N ILE K 50 -11.54 -7.06 15.85
CA ILE K 50 -10.80 -7.94 16.75
C ILE K 50 -10.52 -9.24 16.00
N GLN K 51 -9.27 -9.71 16.05
CA GLN K 51 -8.87 -10.94 15.37
C GLN K 51 -7.99 -11.77 16.28
N LEU K 52 -8.24 -13.07 16.29
CA LEU K 52 -7.44 -14.01 17.08
C LEU K 52 -6.30 -14.52 16.20
N ILE K 53 -5.07 -14.41 16.69
CA ILE K 53 -3.90 -14.77 15.90
C ILE K 53 -3.20 -15.97 16.55
N PRO K 54 -3.06 -17.09 15.86
CA PRO K 54 -2.34 -18.23 16.45
C PRO K 54 -0.82 -18.06 16.44
N THR K 55 -0.17 -18.68 17.42
CA THR K 55 1.29 -18.68 17.55
C THR K 55 1.94 -20.03 17.29
N GLY K 56 1.17 -21.11 17.19
CA GLY K 56 1.75 -22.40 16.88
C GLY K 56 2.50 -23.06 18.00
N ILE K 57 2.34 -22.60 19.25
CA ILE K 57 2.97 -23.22 20.40
C ILE K 57 1.93 -23.47 21.47
N ALA K 58 2.17 -24.50 22.26
CA ALA K 58 1.40 -24.82 23.46
C ALA K 58 2.39 -25.11 24.57
N ILE K 59 2.05 -24.67 25.80
CA ILE K 59 2.96 -24.81 26.93
C ILE K 59 2.24 -25.50 28.09
N ALA K 60 3.04 -26.08 28.99
CA ALA K 60 2.56 -26.74 30.20
C ALA K 60 3.31 -26.10 31.35
N LEU K 61 2.73 -25.06 31.93
CA LEU K 61 3.41 -24.35 33.00
C LEU K 61 3.41 -25.17 34.28
N PRO K 62 4.48 -25.08 35.07
CA PRO K 62 4.45 -25.68 36.41
C PRO K 62 3.53 -24.90 37.35
N GLU K 63 3.11 -25.59 38.40
CA GLU K 63 2.23 -24.99 39.39
C GLU K 63 2.86 -23.74 39.98
N SER K 64 2.02 -22.74 40.26
CA SER K 64 2.33 -21.43 40.84
CA SER K 64 2.34 -21.44 40.85
C SER K 64 3.00 -20.49 39.84
N PHE K 65 3.18 -20.90 38.59
CA PHE K 65 3.71 -20.02 37.56
C PHE K 65 2.65 -19.74 36.50
N GLU K 66 2.61 -18.49 36.04
CA GLU K 66 1.68 -18.07 35.00
C GLU K 66 2.46 -17.40 33.89
N ALA K 67 1.92 -17.46 32.68
CA ALA K 67 2.43 -16.69 31.55
C ALA K 67 1.43 -15.58 31.22
N GLN K 68 1.91 -14.34 31.20
CA GLN K 68 1.11 -13.18 30.87
C GLN K 68 1.35 -12.77 29.43
N ILE K 69 0.27 -12.68 28.66
CA ILE K 69 0.33 -12.22 27.27
C ILE K 69 0.07 -10.71 27.27
N ARG K 70 1.08 -9.93 26.93
CA ARG K 70 1.03 -8.48 27.02
C ARG K 70 1.27 -7.85 25.65
N PRO K 71 0.85 -6.59 25.46
CA PRO K 71 1.07 -5.92 24.17
C PRO K 71 2.54 -5.61 23.92
N ARG K 72 2.92 -5.68 22.65
CA ARG K 72 4.20 -5.13 22.21
C ARG K 72 4.03 -3.65 21.98
N SER K 73 4.89 -2.87 22.64
CA SER K 73 4.67 -1.42 22.70
C SER K 73 4.70 -0.79 21.31
N GLY K 74 5.68 -1.17 20.49
CA GLY K 74 5.84 -0.54 19.18
C GLY K 74 4.61 -0.69 18.30
N LEU K 75 3.96 -1.85 18.39
CA LEU K 75 2.77 -2.11 17.58
C LEU K 75 1.60 -1.21 18.00
N ALA K 76 1.47 -0.95 19.30
CA ALA K 76 0.41 -0.06 19.75
C ALA K 76 0.73 1.38 19.37
N VAL K 77 1.98 1.78 19.57
CA VAL K 77 2.41 3.15 19.27
C VAL K 77 2.26 3.45 17.78
N LYS K 78 2.71 2.52 16.93
CA LYS K 78 2.79 2.81 15.51
C LYS K 78 1.49 2.58 14.76
N HIS K 79 0.66 1.63 15.21
CA HIS K 79 -0.54 1.24 14.47
C HIS K 79 -1.80 1.14 15.30
N GLY K 80 -1.76 1.43 16.60
CA GLY K 80 -2.97 1.29 17.40
C GLY K 80 -3.46 -0.13 17.54
N ILE K 81 -2.63 -1.12 17.21
CA ILE K 81 -2.92 -2.53 17.40
C ILE K 81 -2.46 -2.92 18.80
N THR K 82 -3.33 -3.55 19.57
CA THR K 82 -2.97 -3.98 20.91
C THR K 82 -3.72 -5.25 21.26
N VAL K 83 -3.46 -5.77 22.45
CA VAL K 83 -4.06 -7.03 22.88
C VAL K 83 -5.37 -6.73 23.60
N ALA K 84 -6.49 -7.25 23.06
CA ALA K 84 -7.81 -6.84 23.52
C ALA K 84 -8.17 -7.44 24.86
N ASN K 85 -7.58 -8.58 25.23
CA ASN K 85 -7.86 -9.19 26.52
C ASN K 85 -6.64 -9.13 27.45
N SER K 86 -5.88 -8.03 27.36
CA SER K 86 -4.63 -7.88 28.09
C SER K 86 -4.87 -7.58 29.56
N PRO K 87 -4.07 -8.16 30.47
CA PRO K 87 -3.07 -9.17 30.10
C PRO K 87 -3.68 -10.56 30.02
N GLY K 88 -3.31 -11.30 28.98
CA GLY K 88 -3.79 -12.67 28.87
C GLY K 88 -3.14 -13.53 29.95
N THR K 89 -3.93 -14.44 30.50
CA THR K 89 -3.47 -15.29 31.59
C THR K 89 -3.38 -16.73 31.09
N ILE K 90 -2.17 -17.26 31.04
CA ILE K 90 -1.92 -18.69 30.81
C ILE K 90 -1.46 -19.29 32.14
N ASP K 91 -2.16 -20.31 32.61
CA ASP K 91 -1.70 -21.06 33.78
C ASP K 91 -1.54 -22.54 33.41
N ALA K 92 -1.26 -23.36 34.43
CA ALA K 92 -0.96 -24.77 34.20
C ALA K 92 -2.13 -25.53 33.60
N ASP K 93 -3.36 -25.02 33.75
CA ASP K 93 -4.50 -25.72 33.16
C ASP K 93 -4.59 -25.52 31.65
N TYR K 94 -4.11 -24.39 31.13
CA TYR K 94 -4.24 -24.12 29.70
C TYR K 94 -3.09 -24.78 28.95
N ARG K 95 -3.36 -25.92 28.31
CA ARG K 95 -2.36 -26.63 27.54
CA ARG K 95 -2.35 -26.62 27.54
C ARG K 95 -2.66 -26.63 26.05
N GLY K 96 -3.59 -25.78 25.59
CA GLY K 96 -3.89 -25.65 24.19
C GLY K 96 -3.00 -24.61 23.52
N GLU K 97 -3.24 -24.41 22.22
CA GLU K 97 -2.46 -23.45 21.45
C GLU K 97 -2.63 -22.04 22.00
N ILE K 98 -1.52 -21.34 22.17
CA ILE K 98 -1.57 -19.93 22.58
C ILE K 98 -1.96 -19.09 21.37
N LYS K 99 -3.01 -18.29 21.53
CA LYS K 99 -3.50 -17.41 20.48
C LYS K 99 -3.62 -16.00 21.04
N VAL K 100 -3.26 -15.00 20.24
CA VAL K 100 -3.21 -13.61 20.67
C VAL K 100 -4.44 -12.89 20.12
N LEU K 101 -5.23 -12.30 21.01
CA LEU K 101 -6.44 -11.59 20.62
C LEU K 101 -6.07 -10.12 20.39
N LEU K 102 -5.97 -9.72 19.12
CA LEU K 102 -5.58 -8.37 18.77
C LEU K 102 -6.81 -7.55 18.41
N ILE K 103 -6.76 -6.26 18.73
CA ILE K 103 -7.78 -5.30 18.32
C ILE K 103 -7.09 -4.13 17.62
N ASN K 104 -7.70 -3.63 16.54
CA ASN K 104 -7.17 -2.50 15.77
C ASN K 104 -7.87 -1.24 16.23
N LEU K 105 -7.21 -0.47 17.10
CA LEU K 105 -7.74 0.81 17.56
C LEU K 105 -7.09 1.99 16.86
N GLY K 106 -6.36 1.75 15.77
CA GLY K 106 -5.76 2.81 14.98
C GLY K 106 -6.72 3.33 13.95
N ASN K 107 -6.17 4.00 12.94
CA ASN K 107 -7.02 4.60 11.91
C ASN K 107 -6.79 4.03 10.51
N LYS K 108 -5.97 2.98 10.37
CA LYS K 108 -5.80 2.29 9.11
C LYS K 108 -5.89 0.79 9.35
N ASP K 109 -6.50 0.08 8.41
CA ASP K 109 -6.48 -1.38 8.46
C ASP K 109 -5.03 -1.88 8.50
N PHE K 110 -4.83 -3.01 9.17
CA PHE K 110 -3.49 -3.56 9.38
C PHE K 110 -3.48 -5.05 9.08
N ILE K 111 -2.44 -5.48 8.37
CA ILE K 111 -2.32 -6.87 7.93
C ILE K 111 -1.35 -7.60 8.85
N ILE K 112 -1.82 -8.69 9.44
CA ILE K 112 -0.96 -9.57 10.23
C ILE K 112 -0.36 -10.63 9.31
N GLU K 113 0.97 -10.62 9.19
CA GLU K 113 1.73 -11.59 8.41
C GLU K 113 2.43 -12.58 9.32
N LYS K 114 2.55 -13.82 8.88
CA LYS K 114 3.32 -14.81 9.62
C LYS K 114 4.74 -14.29 9.84
N GLY K 115 5.23 -14.44 11.07
CA GLY K 115 6.56 -13.95 11.41
C GLY K 115 6.57 -12.59 12.08
N MET K 116 5.47 -11.85 12.04
CA MET K 116 5.41 -10.59 12.75
C MET K 116 5.36 -10.84 14.25
N ARG K 117 6.02 -9.96 15.00
CA ARG K 117 5.96 -10.00 16.46
C ARG K 117 4.65 -9.31 16.88
N ILE K 118 3.80 -10.02 17.64
CA ILE K 118 2.44 -9.56 17.89
C ILE K 118 2.12 -9.39 19.37
N ALA K 119 2.98 -9.85 20.28
CA ALA K 119 2.74 -9.77 21.73
C ALA K 119 4.02 -10.19 22.44
N GLN K 120 4.05 -9.98 23.76
CA GLN K 120 5.13 -10.47 24.60
C GLN K 120 4.58 -11.42 25.66
N MET K 121 5.42 -12.35 26.09
CA MET K 121 5.05 -13.34 27.10
C MET K 121 5.99 -13.21 28.29
N ILE K 122 5.43 -12.84 29.44
CA ILE K 122 6.18 -12.66 30.67
C ILE K 122 5.68 -13.69 31.67
N ILE K 123 6.60 -14.47 32.22
CA ILE K 123 6.27 -15.50 33.19
C ILE K 123 6.56 -14.98 34.59
N ALA K 124 5.61 -15.17 35.49
CA ALA K 124 5.77 -14.73 36.87
C ALA K 124 5.06 -15.71 37.81
N LYS K 125 5.35 -15.60 39.10
CA LYS K 125 4.67 -16.39 40.11
C LYS K 125 3.36 -15.74 40.55
N TYR K 126 2.38 -16.58 40.91
CA TYR K 126 1.15 -16.12 41.55
C TYR K 126 0.97 -16.89 42.85
N GLU K 127 0.11 -16.38 43.71
CA GLU K 127 -0.22 -17.03 44.98
C GLU K 127 -1.66 -17.52 44.95
N ARG K 128 -1.92 -18.57 45.73
CA ARG K 128 -3.25 -19.14 45.87
C ARG K 128 -3.92 -18.57 47.11
N VAL K 129 -5.11 -18.00 46.94
CA VAL K 129 -5.84 -17.38 48.04
C VAL K 129 -6.66 -18.43 48.77
N LEU K 130 -6.62 -18.38 50.09
CA LEU K 130 -7.61 -19.03 50.92
C LEU K 130 -8.45 -17.93 51.57
N TRP K 131 -9.75 -17.93 51.28
CA TRP K 131 -10.62 -16.90 51.82
C TRP K 131 -10.86 -17.10 53.32
N ALA K 132 -10.89 -16.01 54.06
CA ALA K 132 -11.35 -16.01 55.45
C ALA K 132 -12.51 -15.03 55.52
N GLU K 133 -13.73 -15.54 55.58
CA GLU K 133 -14.90 -14.68 55.51
C GLU K 133 -15.12 -14.02 56.87
N THR K 134 -15.36 -12.71 56.84
CA THR K 134 -15.52 -11.91 58.05
C THR K 134 -16.67 -10.93 57.86
N SER K 135 -17.21 -10.47 58.99
CA SER K 135 -18.23 -9.43 58.98
C SER K 135 -17.65 -8.02 58.97
N ILE K 136 -16.40 -7.86 59.39
CA ILE K 136 -15.79 -6.54 59.57
C ILE K 136 -14.37 -6.61 59.03
N LEU K 137 -14.13 -6.00 57.87
CA LEU K 137 -12.76 -5.86 57.37
C LEU K 137 -12.03 -4.78 58.16
N THR K 138 -10.75 -5.04 58.45
CA THR K 138 -9.98 -4.11 59.26
C THR K 138 -8.55 -3.99 58.76
N GLY L 3 55.73 -38.22 -7.61
CA GLY L 3 55.47 -38.39 -6.18
C GLY L 3 54.45 -39.44 -5.80
N SER L 4 54.25 -39.60 -4.48
CA SER L 4 53.36 -40.60 -3.92
C SER L 4 51.92 -40.10 -3.87
N MET L 5 50.97 -40.91 -4.33
CA MET L 5 49.58 -40.47 -4.44
CA MET L 5 49.58 -40.47 -4.44
C MET L 5 48.63 -41.60 -4.09
N THR L 6 47.37 -41.21 -3.82
CA THR L 6 46.30 -42.10 -3.41
C THR L 6 45.34 -42.35 -4.57
N ILE L 7 45.06 -43.62 -4.86
CA ILE L 7 44.21 -44.02 -5.98
C ILE L 7 43.10 -44.98 -5.55
N ILE L 8 42.03 -45.02 -6.35
CA ILE L 8 40.99 -46.03 -6.20
C ILE L 8 40.88 -46.78 -7.52
N GLU L 9 40.94 -48.10 -7.47
CA GLU L 9 40.87 -48.93 -8.67
C GLU L 9 39.40 -49.16 -9.05
N VAL L 10 39.08 -48.95 -10.33
CA VAL L 10 37.71 -49.03 -10.83
C VAL L 10 37.67 -49.89 -12.10
N LYS L 11 36.86 -50.93 -12.09
CA LYS L 11 36.71 -51.77 -13.29
CA LYS L 11 36.71 -51.77 -13.29
C LYS L 11 35.95 -51.01 -14.37
N ILE L 12 36.41 -51.17 -15.63
CA ILE L 12 35.83 -50.46 -16.75
C ILE L 12 35.81 -51.36 -17.98
N LYS L 13 34.73 -51.27 -18.75
CA LYS L 13 34.56 -52.08 -19.97
C LYS L 13 34.39 -51.15 -21.15
N LYS L 14 35.18 -51.38 -22.20
CA LYS L 14 34.98 -50.68 -23.45
C LYS L 14 33.85 -51.35 -24.20
N LEU L 15 32.85 -50.57 -24.59
CA LEU L 15 31.77 -51.08 -25.41
C LEU L 15 32.14 -50.96 -26.89
N GLU L 16 31.28 -51.52 -27.75
CA GLU L 16 31.60 -51.65 -29.17
C GLU L 16 31.92 -50.32 -29.82
N ASN L 17 31.28 -49.24 -29.37
CA ASN L 17 31.42 -47.92 -29.95
C ASN L 17 32.58 -47.10 -29.37
N PHE L 18 33.41 -47.68 -28.50
CA PHE L 18 34.47 -46.92 -27.88
C PHE L 18 35.68 -46.80 -28.80
N LEU L 19 36.36 -45.65 -28.73
CA LEU L 19 37.59 -45.41 -29.48
C LEU L 19 38.61 -44.70 -28.62
N GLY L 20 39.89 -44.92 -28.93
CA GLY L 20 40.96 -44.18 -28.27
C GLY L 20 41.29 -44.75 -26.89
N ASN L 21 41.82 -43.90 -26.04
CA ASN L 21 42.23 -44.31 -24.71
C ASN L 21 41.09 -44.17 -23.72
N LEU L 22 41.19 -44.93 -22.63
CA LEU L 22 40.28 -44.80 -21.53
C LEU L 22 40.28 -43.35 -21.02
N PRO L 23 39.19 -42.91 -20.38
CA PRO L 23 39.13 -41.52 -19.91
C PRO L 23 40.36 -41.13 -19.12
N GLU L 24 40.93 -39.97 -19.45
CA GLU L 24 42.22 -39.56 -18.92
C GLU L 24 42.07 -38.31 -18.07
N TYR L 25 42.87 -38.25 -17.01
CA TYR L 25 43.09 -37.01 -16.28
C TYR L 25 44.06 -36.15 -17.07
N ALA L 26 43.71 -34.87 -17.27
CA ALA L 26 44.58 -33.98 -18.01
C ALA L 26 45.96 -33.87 -17.38
N THR L 27 46.02 -33.76 -16.05
CA THR L 27 47.29 -33.68 -15.33
C THR L 27 47.24 -34.54 -14.07
N GLU L 28 48.39 -34.63 -13.39
CA GLU L 28 48.46 -35.33 -12.12
C GLU L 28 47.69 -34.62 -11.03
N HIS L 29 47.26 -33.39 -11.25
CA HIS L 29 46.53 -32.62 -10.25
C HIS L 29 45.07 -32.44 -10.59
N SER L 30 44.58 -33.04 -11.68
CA SER L 30 43.22 -32.83 -12.13
C SER L 30 42.23 -33.61 -11.27
N ALA L 31 41.08 -33.00 -11.01
CA ALA L 31 40.04 -33.70 -10.26
C ALA L 31 39.21 -34.62 -11.13
N GLY L 32 39.13 -34.35 -12.44
CA GLY L 32 38.22 -35.09 -13.29
C GLY L 32 38.89 -35.59 -14.56
N MET L 33 38.30 -36.64 -15.10
CA MET L 33 38.69 -37.19 -16.40
C MET L 33 37.77 -36.64 -17.50
N ASP L 34 38.35 -36.44 -18.67
CA ASP L 34 37.59 -35.94 -19.82
C ASP L 34 36.80 -37.09 -20.45
N LEU L 35 35.48 -36.96 -20.50
CA LEU L 35 34.64 -37.90 -21.22
C LEU L 35 34.52 -37.44 -22.66
N VAL L 36 34.58 -38.40 -23.58
CA VAL L 36 34.66 -38.15 -25.01
C VAL L 36 33.42 -38.71 -25.69
N ALA L 37 32.89 -37.96 -26.65
CA ALA L 37 31.74 -38.42 -27.42
C ALA L 37 32.11 -39.64 -28.25
N ALA L 38 31.26 -40.65 -28.22
CA ALA L 38 31.46 -41.89 -28.97
C ALA L 38 30.25 -42.18 -29.84
N ASN L 39 29.51 -41.15 -30.25
CA ASN L 39 28.40 -41.33 -31.18
C ASN L 39 28.93 -41.66 -32.57
N GLU L 40 28.42 -42.73 -33.17
CA GLU L 40 28.90 -43.14 -34.50
C GLU L 40 28.56 -42.09 -35.55
N GLN L 41 27.36 -41.52 -35.49
CA GLN L 41 26.93 -40.49 -36.41
C GLN L 41 26.85 -39.15 -35.69
N SER L 42 27.20 -38.08 -36.40
CA SER L 42 27.15 -36.74 -35.86
C SER L 42 25.76 -36.43 -35.32
N ILE L 43 25.71 -35.76 -34.16
CA ILE L 43 24.44 -35.39 -33.56
C ILE L 43 24.38 -33.88 -33.48
N THR L 44 23.35 -33.30 -34.08
CA THR L 44 23.15 -31.88 -33.98
C THR L 44 22.23 -31.61 -32.80
N ILE L 45 22.66 -30.72 -31.92
CA ILE L 45 21.84 -30.24 -30.81
C ILE L 45 21.38 -28.83 -31.19
N LYS L 46 20.13 -28.70 -31.61
CA LYS L 46 19.58 -27.38 -31.90
C LYS L 46 19.44 -26.56 -30.62
N VAL L 47 19.34 -25.25 -30.80
CA VAL L 47 19.13 -24.34 -29.68
C VAL L 47 17.92 -24.78 -28.88
N GLY L 48 18.10 -24.92 -27.56
CA GLY L 48 17.05 -25.31 -26.67
C GLY L 48 16.83 -26.80 -26.57
N SER L 49 17.49 -27.60 -27.37
CA SER L 49 17.23 -29.04 -27.40
C SER L 49 18.16 -29.78 -26.45
N ILE L 50 17.74 -31.01 -26.14
CA ILE L 50 18.44 -31.90 -25.23
C ILE L 50 18.76 -33.19 -25.99
N GLN L 51 20.01 -33.63 -25.90
CA GLN L 51 20.46 -34.84 -26.60
C GLN L 51 21.35 -35.69 -25.70
N LEU L 52 21.11 -36.99 -25.74
CA LEU L 52 21.87 -37.96 -24.98
C LEU L 52 23.04 -38.43 -25.84
N ILE L 53 24.27 -38.28 -25.36
CA ILE L 53 25.47 -38.59 -26.12
C ILE L 53 26.15 -39.80 -25.47
N PRO L 54 26.35 -40.89 -26.20
CA PRO L 54 27.02 -42.06 -25.61
C PRO L 54 28.53 -41.85 -25.51
N THR L 55 29.12 -42.51 -24.51
CA THR L 55 30.57 -42.46 -24.32
C THR L 55 31.25 -43.79 -24.60
N GLY L 56 30.50 -44.87 -24.76
CA GLY L 56 31.09 -46.14 -25.10
C GLY L 56 31.82 -46.85 -23.97
N ILE L 57 31.59 -46.47 -22.72
CA ILE L 57 32.21 -47.10 -21.56
C ILE L 57 31.14 -47.46 -20.55
N ALA L 58 31.41 -48.51 -19.78
CA ALA L 58 30.64 -48.87 -18.61
C ALA L 58 31.62 -49.15 -17.47
N ILE L 59 31.24 -48.76 -16.25
CA ILE L 59 32.12 -48.89 -15.10
C ILE L 59 31.37 -49.61 -13.97
N ALA L 60 32.17 -50.14 -13.05
CA ALA L 60 31.67 -50.83 -11.86
C ALA L 60 32.37 -50.17 -10.67
N LEU L 61 31.74 -49.17 -10.08
CA LEU L 61 32.35 -48.45 -8.99
C LEU L 61 32.37 -49.31 -7.73
N PRO L 62 33.41 -49.22 -6.92
CA PRO L 62 33.40 -49.88 -5.61
C PRO L 62 32.45 -49.18 -4.66
N GLU L 63 32.11 -49.90 -3.59
CA GLU L 63 31.19 -49.41 -2.59
C GLU L 63 31.65 -48.09 -2.00
N SER L 64 30.71 -47.15 -1.85
CA SER L 64 30.84 -45.83 -1.22
C SER L 64 31.57 -44.83 -2.11
N PHE L 65 31.85 -45.17 -3.36
CA PHE L 65 32.41 -44.24 -4.32
C PHE L 65 31.38 -43.97 -5.41
N GLU L 66 31.34 -42.73 -5.86
CA GLU L 66 30.46 -42.33 -6.97
C GLU L 66 31.28 -41.61 -8.01
N ALA L 67 30.81 -41.65 -9.25
CA ALA L 67 31.36 -40.85 -10.32
C ALA L 67 30.35 -39.75 -10.64
N GLN L 68 30.80 -38.50 -10.61
CA GLN L 68 29.95 -37.36 -10.92
C GLN L 68 30.21 -36.91 -12.35
N ILE L 69 29.14 -36.81 -13.13
CA ILE L 69 29.23 -36.32 -14.50
C ILE L 69 28.97 -34.81 -14.45
N ARG L 70 29.99 -34.02 -14.73
CA ARG L 70 29.89 -32.58 -14.58
C ARG L 70 30.14 -31.90 -15.92
N PRO L 71 29.69 -30.64 -16.07
CA PRO L 71 29.92 -29.92 -17.33
C PRO L 71 31.38 -29.59 -17.55
N ARG L 72 31.80 -29.69 -18.80
CA ARG L 72 33.10 -29.19 -19.21
C ARG L 72 33.00 -27.69 -19.41
N SER L 73 33.84 -26.93 -18.70
CA SER L 73 33.62 -25.50 -18.60
C SER L 73 33.70 -24.83 -19.97
N GLY L 74 34.72 -25.17 -20.77
CA GLY L 74 34.92 -24.50 -22.04
C GLY L 74 33.72 -24.64 -22.98
N LEU L 75 33.08 -25.80 -22.97
CA LEU L 75 31.90 -26.02 -23.81
C LEU L 75 30.76 -25.10 -23.41
N ALA L 76 30.57 -24.88 -22.10
CA ALA L 76 29.48 -23.99 -21.68
C ALA L 76 29.82 -22.54 -21.98
N VAL L 77 31.07 -22.14 -21.70
CA VAL L 77 31.49 -20.77 -21.90
C VAL L 77 31.40 -20.37 -23.37
N LYS L 78 31.85 -21.24 -24.27
CA LYS L 78 31.94 -20.90 -25.69
C LYS L 78 30.67 -21.15 -26.48
N HIS L 79 29.88 -22.16 -26.11
CA HIS L 79 28.74 -22.52 -26.93
C HIS L 79 27.43 -22.65 -26.16
N GLY L 80 27.43 -22.37 -24.85
CA GLY L 80 26.21 -22.55 -24.09
C GLY L 80 25.74 -23.99 -23.97
N ILE L 81 26.62 -24.95 -24.23
CA ILE L 81 26.31 -26.38 -24.08
C ILE L 81 26.66 -26.80 -22.66
N THR L 82 25.76 -27.48 -21.98
CA THR L 82 26.06 -27.96 -20.63
C THR L 82 25.32 -29.26 -20.39
N VAL L 83 25.52 -29.82 -19.21
CA VAL L 83 24.94 -31.12 -18.87
C VAL L 83 23.59 -30.86 -18.21
N ALA L 84 22.51 -31.37 -18.81
CA ALA L 84 21.17 -31.01 -18.40
C ALA L 84 20.77 -31.65 -17.08
N ASN L 85 21.37 -32.78 -16.73
CA ASN L 85 21.05 -33.45 -15.48
C ASN L 85 22.22 -33.37 -14.51
N SER L 86 22.94 -32.27 -14.53
CA SER L 86 24.17 -32.13 -13.76
C SER L 86 23.86 -31.88 -12.28
N PRO L 87 24.62 -32.49 -11.36
CA PRO L 87 25.67 -33.45 -11.74
C PRO L 87 25.07 -34.84 -11.90
N GLY L 88 25.46 -35.56 -12.96
CA GLY L 88 25.00 -36.93 -13.10
C GLY L 88 25.65 -37.82 -12.06
N THR L 89 24.87 -38.75 -11.53
CA THR L 89 25.33 -39.62 -10.47
C THR L 89 25.48 -41.04 -11.00
N ILE L 90 26.72 -41.55 -11.01
CA ILE L 90 27.01 -42.96 -11.29
C ILE L 90 27.46 -43.60 -9.99
N ASP L 91 26.78 -44.65 -9.56
CA ASP L 91 27.19 -45.42 -8.39
C ASP L 91 27.38 -46.88 -8.77
N ALA L 92 27.59 -47.71 -7.74
CA ALA L 92 27.92 -49.12 -7.96
C ALA L 92 26.80 -49.91 -8.63
N ASP L 93 25.54 -49.45 -8.53
CA ASP L 93 24.44 -50.16 -9.20
C ASP L 93 24.40 -49.88 -10.69
N TYR L 94 24.90 -48.73 -11.14
CA TYR L 94 24.80 -48.36 -12.54
C TYR L 94 25.96 -48.98 -13.29
N ARG L 95 25.72 -50.09 -13.97
CA ARG L 95 26.78 -50.73 -14.74
C ARG L 95 26.48 -50.76 -16.23
N GLY L 96 25.58 -49.89 -16.69
CA GLY L 96 25.33 -49.71 -18.11
C GLY L 96 26.23 -48.64 -18.72
N GLU L 97 26.02 -48.40 -20.02
CA GLU L 97 26.83 -47.41 -20.72
C GLU L 97 26.62 -46.03 -20.13
N ILE L 98 27.71 -45.32 -19.89
CA ILE L 98 27.60 -43.93 -19.45
C ILE L 98 27.24 -43.05 -20.64
N LYS L 99 26.18 -42.27 -20.50
CA LYS L 99 25.73 -41.35 -21.53
C LYS L 99 25.57 -39.96 -20.93
N VAL L 100 25.98 -38.95 -21.68
CA VAL L 100 25.98 -37.57 -21.21
C VAL L 100 24.77 -36.85 -21.80
N LEU L 101 23.93 -36.30 -20.93
CA LEU L 101 22.72 -35.58 -21.35
C LEU L 101 23.08 -34.11 -21.54
N LEU L 102 23.17 -33.69 -22.79
CA LEU L 102 23.56 -32.31 -23.13
C LEU L 102 22.34 -31.49 -23.49
N ILE L 103 22.37 -30.21 -23.15
CA ILE L 103 21.38 -29.25 -23.58
C ILE L 103 22.10 -28.05 -24.18
N ASN L 104 21.53 -27.50 -25.24
CA ASN L 104 22.09 -26.33 -25.91
C ASN L 104 21.36 -25.10 -25.41
N LEU L 105 21.98 -24.37 -24.47
CA LEU L 105 21.44 -23.12 -23.99
C LEU L 105 22.11 -21.89 -24.60
N GLY L 106 22.88 -22.09 -25.68
CA GLY L 106 23.50 -21.01 -26.42
C GLY L 106 22.60 -20.46 -27.52
N ASN L 107 23.21 -19.75 -28.46
CA ASN L 107 22.45 -19.06 -29.50
C ASN L 107 22.68 -19.65 -30.89
N LYS L 108 23.44 -20.73 -31.02
CA LYS L 108 23.67 -21.40 -32.30
C LYS L 108 23.54 -22.89 -32.12
N ASP L 109 22.97 -23.55 -33.13
CA ASP L 109 22.98 -25.01 -33.15
C ASP L 109 24.42 -25.50 -33.06
N PHE L 110 24.58 -26.65 -32.42
CA PHE L 110 25.91 -27.18 -32.18
C PHE L 110 25.93 -28.67 -32.54
N ILE L 111 26.97 -29.09 -33.26
CA ILE L 111 27.10 -30.46 -33.72
C ILE L 111 28.07 -31.20 -32.83
N ILE L 112 27.62 -32.31 -32.25
CA ILE L 112 28.50 -33.18 -31.49
C ILE L 112 29.09 -34.21 -32.43
N GLU L 113 30.42 -34.21 -32.56
CA GLU L 113 31.17 -35.16 -33.36
C GLU L 113 31.90 -36.14 -32.44
N LYS L 114 32.05 -37.39 -32.89
CA LYS L 114 32.84 -38.36 -32.15
C LYS L 114 34.24 -37.82 -31.89
N GLY L 115 34.73 -38.01 -30.66
CA GLY L 115 36.02 -37.50 -30.25
C GLY L 115 35.97 -36.19 -29.47
N MET L 116 34.85 -35.48 -29.53
CA MET L 116 34.77 -34.22 -28.81
CA MET L 116 34.75 -34.22 -28.81
C MET L 116 34.68 -34.45 -27.31
N ARG L 117 35.40 -33.63 -26.55
CA ARG L 117 35.27 -33.66 -25.10
C ARG L 117 33.95 -33.01 -24.69
N ILE L 118 33.10 -33.74 -23.98
CA ILE L 118 31.73 -33.31 -23.76
C ILE L 118 31.35 -33.21 -22.29
N ALA L 119 32.17 -33.70 -21.36
CA ALA L 119 31.84 -33.68 -19.93
C ALA L 119 33.09 -34.08 -19.14
N GLN L 120 33.02 -33.86 -17.83
CA GLN L 120 34.06 -34.28 -16.90
CA GLN L 120 34.05 -34.25 -16.87
C GLN L 120 33.51 -35.32 -15.93
N MET L 121 34.34 -36.28 -15.56
CA MET L 121 33.95 -37.33 -14.63
C MET L 121 34.84 -37.27 -13.39
N ILE L 122 34.24 -36.94 -12.24
CA ILE L 122 34.96 -36.78 -10.98
C ILE L 122 34.49 -37.85 -10.01
N ILE L 123 35.42 -38.62 -9.46
CA ILE L 123 35.09 -39.70 -8.54
C ILE L 123 35.30 -39.21 -7.11
N ALA L 124 34.31 -39.44 -6.25
CA ALA L 124 34.40 -39.02 -4.86
C ALA L 124 33.66 -40.02 -3.97
N LYS L 125 33.92 -39.91 -2.66
CA LYS L 125 33.21 -40.74 -1.70
C LYS L 125 31.89 -40.09 -1.32
N TYR L 126 30.90 -40.93 -1.00
CA TYR L 126 29.65 -40.47 -0.41
C TYR L 126 29.42 -41.28 0.85
N GLU L 127 28.50 -40.78 1.69
CA GLU L 127 28.09 -41.45 2.91
C GLU L 127 26.69 -42.04 2.77
N ARG L 128 26.46 -43.15 3.48
CA ARG L 128 25.13 -43.75 3.57
C ARG L 128 24.41 -43.25 4.81
N VAL L 129 23.23 -42.71 4.62
CA VAL L 129 22.43 -42.15 5.70
C VAL L 129 21.60 -43.25 6.33
N LEU L 130 21.55 -43.26 7.65
CA LEU L 130 20.52 -43.97 8.37
C LEU L 130 19.61 -42.93 9.02
N TRP L 131 18.34 -42.94 8.64
CA TRP L 131 17.41 -41.98 9.21
C TRP L 131 17.13 -42.31 10.67
N ALA L 132 17.03 -41.28 11.50
CA ALA L 132 16.51 -41.40 12.85
C ALA L 132 15.32 -40.45 12.93
N GLU L 133 14.12 -41.01 12.89
CA GLU L 133 12.92 -40.21 12.81
C GLU L 133 12.61 -39.61 14.17
N THR L 134 12.21 -38.34 14.15
CA THR L 134 11.90 -37.63 15.38
C THR L 134 10.85 -36.57 15.07
N SER L 135 10.18 -36.12 16.12
CA SER L 135 9.23 -35.01 16.01
C SER L 135 9.84 -33.70 16.46
N ILE L 136 11.09 -33.71 16.93
CA ILE L 136 11.77 -32.54 17.42
C ILE L 136 13.18 -32.53 16.83
N LEU L 137 13.49 -31.51 16.05
CA LEU L 137 14.86 -31.25 15.60
C LEU L 137 15.45 -30.13 16.44
N THR L 138 16.77 -30.20 16.67
CA THR L 138 17.45 -29.11 17.34
C THR L 138 17.29 -27.80 16.57
N GLU L 139 17.48 -26.70 17.26
CA GLU L 139 17.41 -25.39 16.64
C GLU L 139 18.80 -24.86 16.28
N THR L 140 18.85 -24.11 15.20
CA THR L 140 20.08 -23.47 14.72
C THR L 140 19.85 -21.97 14.64
N MET L 141 20.96 -21.23 14.52
CA MET L 141 20.95 -19.77 14.58
C MET L 141 20.28 -19.27 15.86
S SO4 M . -9.49 -14.01 -20.42
O1 SO4 M . -9.44 -14.23 -21.87
O2 SO4 M . -8.15 -14.20 -19.85
O3 SO4 M . -10.41 -15.00 -19.83
O4 SO4 M . -9.94 -12.65 -20.13
S SO4 N . -16.39 48.43 -0.87
O1 SO4 N . -17.43 47.85 -0.01
O2 SO4 N . -15.35 47.41 -1.09
O3 SO4 N . -15.84 49.62 -0.22
O4 SO4 N . -16.97 48.85 -2.16
S SO4 O . 21.04 -26.30 -15.64
O1 SO4 O . 20.75 -27.03 -16.88
O2 SO4 O . 21.68 -27.21 -14.70
O3 SO4 O . 21.92 -25.17 -15.96
O4 SO4 O . 19.79 -25.78 -15.05
#